data_6KRF
# 
_entry.id   6KRF 
# 
_audit_conform.dict_name       mmcif_pdbx.dic 
_audit_conform.dict_version    5.380 
_audit_conform.dict_location   http://mmcif.pdb.org/dictionaries/ascii/mmcif_pdbx.dic 
# 
loop_
_database_2.database_id 
_database_2.database_code 
_database_2.pdbx_database_accession 
_database_2.pdbx_DOI 
PDB   6KRF         pdb_00006krf 10.2210/pdb6krf/pdb 
WWPDB D_1300013513 ?            ?                   
# 
_pdbx_database_status.status_code                     REL 
_pdbx_database_status.status_code_sf                  REL 
_pdbx_database_status.status_code_mr                  ? 
_pdbx_database_status.entry_id                        6KRF 
_pdbx_database_status.recvd_initial_deposition_date   2019-08-21 
_pdbx_database_status.SG_entry                        N 
_pdbx_database_status.deposit_site                    PDBJ 
_pdbx_database_status.process_site                    PDBJ 
_pdbx_database_status.status_code_cs                  ? 
_pdbx_database_status.methods_development_category    ? 
_pdbx_database_status.pdb_format_compatible           Y 
_pdbx_database_status.status_code_nmr_data            ? 
# 
loop_
_audit_author.name 
_audit_author.pdbx_ordinal 
_audit_author.identifier_ORCID 
'Yuan, H.'  1 ? 
'Lin, Y.W.' 2 ? 
# 
_citation.abstract                  ? 
_citation.abstract_id_CAS           ? 
_citation.book_id_ISBN              ? 
_citation.book_publisher            ? 
_citation.book_publisher_city       ? 
_citation.book_title                ? 
_citation.coordinate_linkage        ? 
_citation.country                   US 
_citation.database_id_Medline       ? 
_citation.details                   ? 
_citation.id                        primary 
_citation.journal_abbrev            'Acs Catalysis' 
_citation.journal_id_ASTM           ? 
_citation.journal_id_CSD            ? 
_citation.journal_id_ISSN           2155-5435 
_citation.journal_full              ? 
_citation.journal_issue             ? 
_citation.journal_volume            10 
_citation.language                  ? 
_citation.page_first                891 
_citation.page_last                 896 
_citation.title                     
'A Catalytic Binding Site Together with a Distal Tyr in MyoglobinAffords Catalytic Efficiencies Similar to Natural Peroxidases.' 
_citation.year                      2020 
_citation.database_id_CSD           ? 
_citation.pdbx_database_id_DOI      10.1021/acscatal.9b05080 
_citation.pdbx_database_id_PubMed   ? 
_citation.unpublished_flag          ? 
# 
loop_
_citation_author.citation_id 
_citation_author.name 
_citation_author.ordinal 
_citation_author.identifier_ORCID 
primary 'Zhang, P.'  1 ? 
primary 'Yuan, H.'   2 ? 
primary 'Xu, J.'     3 ? 
primary 'Wang, X.J.' 4 ? 
primary 'Gao, S.Q.'  5 ? 
primary 'Tan, X.'    6 ? 
primary 'Lin, Y.W.'  7 ? 
# 
_cell.angle_alpha                  90.000 
_cell.angle_alpha_esd              ? 
_cell.angle_beta                   90.000 
_cell.angle_beta_esd               ? 
_cell.angle_gamma                  90.000 
_cell.angle_gamma_esd              ? 
_cell.entry_id                     6KRF 
_cell.details                      ? 
_cell.formula_units_Z              ? 
_cell.length_a                     39.794 
_cell.length_a_esd                 ? 
_cell.length_b                     48.558 
_cell.length_b_esd                 ? 
_cell.length_c                     78.595 
_cell.length_c_esd                 ? 
_cell.volume                       151870.459 
_cell.volume_esd                   ? 
_cell.Z_PDB                        4 
_cell.reciprocal_angle_alpha       ? 
_cell.reciprocal_angle_beta        ? 
_cell.reciprocal_angle_gamma       ? 
_cell.reciprocal_angle_alpha_esd   ? 
_cell.reciprocal_angle_beta_esd    ? 
_cell.reciprocal_angle_gamma_esd   ? 
_cell.reciprocal_length_a          ? 
_cell.reciprocal_length_b          ? 
_cell.reciprocal_length_c          ? 
_cell.reciprocal_length_a_esd      ? 
_cell.reciprocal_length_b_esd      ? 
_cell.reciprocal_length_c_esd      ? 
_cell.pdbx_unique_axis             ? 
# 
_symmetry.entry_id                         6KRF 
_symmetry.cell_setting                     ? 
_symmetry.Int_Tables_number                19 
_symmetry.space_group_name_Hall            'P 2ac 2ab' 
_symmetry.space_group_name_H-M             'P 21 21 21' 
_symmetry.pdbx_full_space_group_name_H-M   ? 
# 
loop_
_entity.id 
_entity.type 
_entity.src_method 
_entity.pdbx_description 
_entity.formula_weight 
_entity.pdbx_number_of_molecules 
_entity.pdbx_ec 
_entity.pdbx_mutation 
_entity.pdbx_fragment 
_entity.details 
1 polymer     man Myoglobin                         17190.855 1   ? 'F43Y, F46S' ? ? 
2 non-polymer syn 'PROTOPORPHYRIN IX CONTAINING FE' 616.487   1   ? ?            ? ? 
3 non-polymer syn Guaiacol                          124.137   1   ? ?            ? ? 
4 water       nat water                             18.015    197 ? ?            ? ? 
# 
_entity_poly.entity_id                      1 
_entity_poly.type                           'polypeptide(L)' 
_entity_poly.nstd_linkage                   no 
_entity_poly.nstd_monomer                   no 
_entity_poly.pdbx_seq_one_letter_code       
;VLSEGEWQLVLHVWAKVEADVAGHGQDILIRLFKSHPETLEKYDRSKHLKTEAEMKASEDLKKHGVTVLTALGAILKKKG
HHEAELKPLAQSHATKHKIPIKYLEFISEAIIHVLHSRHPGDFGADAQGAMNKALELFRKDIAAKYKELGYQG
;
_entity_poly.pdbx_seq_one_letter_code_can   
;VLSEGEWQLVLHVWAKVEADVAGHGQDILIRLFKSHPETLEKYDRSKHLKTEAEMKASEDLKKHGVTVLTALGAILKKKG
HHEAELKPLAQSHATKHKIPIKYLEFISEAIIHVLHSRHPGDFGADAQGAMNKALELFRKDIAAKYKELGYQG
;
_entity_poly.pdbx_strand_id                 A 
_entity_poly.pdbx_target_identifier         ? 
# 
loop_
_entity_poly_seq.entity_id 
_entity_poly_seq.num 
_entity_poly_seq.mon_id 
_entity_poly_seq.hetero 
1 1   VAL n 
1 2   LEU n 
1 3   SER n 
1 4   GLU n 
1 5   GLY n 
1 6   GLU n 
1 7   TRP n 
1 8   GLN n 
1 9   LEU n 
1 10  VAL n 
1 11  LEU n 
1 12  HIS n 
1 13  VAL n 
1 14  TRP n 
1 15  ALA n 
1 16  LYS n 
1 17  VAL n 
1 18  GLU n 
1 19  ALA n 
1 20  ASP n 
1 21  VAL n 
1 22  ALA n 
1 23  GLY n 
1 24  HIS n 
1 25  GLY n 
1 26  GLN n 
1 27  ASP n 
1 28  ILE n 
1 29  LEU n 
1 30  ILE n 
1 31  ARG n 
1 32  LEU n 
1 33  PHE n 
1 34  LYS n 
1 35  SER n 
1 36  HIS n 
1 37  PRO n 
1 38  GLU n 
1 39  THR n 
1 40  LEU n 
1 41  GLU n 
1 42  LYS n 
1 43  TYR n 
1 44  ASP n 
1 45  ARG n 
1 46  SER n 
1 47  LYS n 
1 48  HIS n 
1 49  LEU n 
1 50  LYS n 
1 51  THR n 
1 52  GLU n 
1 53  ALA n 
1 54  GLU n 
1 55  MET n 
1 56  LYS n 
1 57  ALA n 
1 58  SER n 
1 59  GLU n 
1 60  ASP n 
1 61  LEU n 
1 62  LYS n 
1 63  LYS n 
1 64  HIS n 
1 65  GLY n 
1 66  VAL n 
1 67  THR n 
1 68  VAL n 
1 69  LEU n 
1 70  THR n 
1 71  ALA n 
1 72  LEU n 
1 73  GLY n 
1 74  ALA n 
1 75  ILE n 
1 76  LEU n 
1 77  LYS n 
1 78  LYS n 
1 79  LYS n 
1 80  GLY n 
1 81  HIS n 
1 82  HIS n 
1 83  GLU n 
1 84  ALA n 
1 85  GLU n 
1 86  LEU n 
1 87  LYS n 
1 88  PRO n 
1 89  LEU n 
1 90  ALA n 
1 91  GLN n 
1 92  SER n 
1 93  HIS n 
1 94  ALA n 
1 95  THR n 
1 96  LYS n 
1 97  HIS n 
1 98  LYS n 
1 99  ILE n 
1 100 PRO n 
1 101 ILE n 
1 102 LYS n 
1 103 TYR n 
1 104 LEU n 
1 105 GLU n 
1 106 PHE n 
1 107 ILE n 
1 108 SER n 
1 109 GLU n 
1 110 ALA n 
1 111 ILE n 
1 112 ILE n 
1 113 HIS n 
1 114 VAL n 
1 115 LEU n 
1 116 HIS n 
1 117 SER n 
1 118 ARG n 
1 119 HIS n 
1 120 PRO n 
1 121 GLY n 
1 122 ASP n 
1 123 PHE n 
1 124 GLY n 
1 125 ALA n 
1 126 ASP n 
1 127 ALA n 
1 128 GLN n 
1 129 GLY n 
1 130 ALA n 
1 131 MET n 
1 132 ASN n 
1 133 LYS n 
1 134 ALA n 
1 135 LEU n 
1 136 GLU n 
1 137 LEU n 
1 138 PHE n 
1 139 ARG n 
1 140 LYS n 
1 141 ASP n 
1 142 ILE n 
1 143 ALA n 
1 144 ALA n 
1 145 LYS n 
1 146 TYR n 
1 147 LYS n 
1 148 GLU n 
1 149 LEU n 
1 150 GLY n 
1 151 TYR n 
1 152 GLN n 
1 153 GLY n 
# 
_entity_src_gen.entity_id                          1 
_entity_src_gen.pdbx_src_id                        1 
_entity_src_gen.pdbx_alt_source_flag               sample 
_entity_src_gen.pdbx_seq_type                      'Biological sequence' 
_entity_src_gen.pdbx_beg_seq_num                   1 
_entity_src_gen.pdbx_end_seq_num                   153 
_entity_src_gen.gene_src_common_name               'Sperm whale' 
_entity_src_gen.gene_src_genus                     ? 
_entity_src_gen.pdbx_gene_src_gene                 MB 
_entity_src_gen.gene_src_species                   ? 
_entity_src_gen.gene_src_strain                    ? 
_entity_src_gen.gene_src_tissue                    ? 
_entity_src_gen.gene_src_tissue_fraction           ? 
_entity_src_gen.gene_src_details                   ? 
_entity_src_gen.pdbx_gene_src_fragment             ? 
_entity_src_gen.pdbx_gene_src_scientific_name      'Physeter macrocephalus' 
_entity_src_gen.pdbx_gene_src_ncbi_taxonomy_id     9755 
_entity_src_gen.pdbx_gene_src_variant              ? 
_entity_src_gen.pdbx_gene_src_cell_line            ? 
_entity_src_gen.pdbx_gene_src_atcc                 ? 
_entity_src_gen.pdbx_gene_src_organ                ? 
_entity_src_gen.pdbx_gene_src_organelle            ? 
_entity_src_gen.pdbx_gene_src_cell                 ? 
_entity_src_gen.pdbx_gene_src_cellular_location    ? 
_entity_src_gen.host_org_common_name               ? 
_entity_src_gen.pdbx_host_org_scientific_name      'Escherichia coli BL21' 
_entity_src_gen.pdbx_host_org_ncbi_taxonomy_id     511693 
_entity_src_gen.host_org_genus                     ? 
_entity_src_gen.pdbx_host_org_gene                 ? 
_entity_src_gen.pdbx_host_org_organ                ? 
_entity_src_gen.host_org_species                   ? 
_entity_src_gen.pdbx_host_org_tissue               ? 
_entity_src_gen.pdbx_host_org_tissue_fraction      ? 
_entity_src_gen.pdbx_host_org_strain               ? 
_entity_src_gen.pdbx_host_org_variant              ? 
_entity_src_gen.pdbx_host_org_cell_line            ? 
_entity_src_gen.pdbx_host_org_atcc                 ? 
_entity_src_gen.pdbx_host_org_culture_collection   ? 
_entity_src_gen.pdbx_host_org_cell                 ? 
_entity_src_gen.pdbx_host_org_organelle            ? 
_entity_src_gen.pdbx_host_org_cellular_location    ? 
_entity_src_gen.pdbx_host_org_vector_type          ? 
_entity_src_gen.pdbx_host_org_vector               ? 
_entity_src_gen.host_org_details                   ? 
_entity_src_gen.expression_system_id               ? 
_entity_src_gen.plasmid_name                       ? 
_entity_src_gen.plasmid_details                    ? 
_entity_src_gen.pdbx_description                   ? 
# 
_struct_ref.id                         1 
_struct_ref.db_name                    UNP 
_struct_ref.db_code                    MYG_PHYMC 
_struct_ref.pdbx_db_accession          P02185 
_struct_ref.pdbx_db_isoform            ? 
_struct_ref.entity_id                  1 
_struct_ref.pdbx_seq_one_letter_code   
;VLSEGEWQLVLHVWAKVEADVAGHGQDILIRLFKSHPETLEKFDRFKHLKTEAEMKASEDLKKHGVTVLTALGAILKKKG
HHEAELKPLAQSHATKHKIPIKYLEFISEAIIHVLHSRHPGDFGADAQGAMNKALELFRKDIAAKYKELGYQG
;
_struct_ref.pdbx_align_begin           2 
# 
_struct_ref_seq.align_id                      1 
_struct_ref_seq.ref_id                        1 
_struct_ref_seq.pdbx_PDB_id_code              6KRF 
_struct_ref_seq.pdbx_strand_id                A 
_struct_ref_seq.seq_align_beg                 1 
_struct_ref_seq.pdbx_seq_align_beg_ins_code   ? 
_struct_ref_seq.seq_align_end                 153 
_struct_ref_seq.pdbx_seq_align_end_ins_code   ? 
_struct_ref_seq.pdbx_db_accession             P02185 
_struct_ref_seq.db_align_beg                  2 
_struct_ref_seq.pdbx_db_align_beg_ins_code    ? 
_struct_ref_seq.db_align_end                  154 
_struct_ref_seq.pdbx_db_align_end_ins_code    ? 
_struct_ref_seq.pdbx_auth_seq_align_beg       1 
_struct_ref_seq.pdbx_auth_seq_align_end       153 
# 
loop_
_struct_ref_seq_dif.align_id 
_struct_ref_seq_dif.pdbx_pdb_id_code 
_struct_ref_seq_dif.mon_id 
_struct_ref_seq_dif.pdbx_pdb_strand_id 
_struct_ref_seq_dif.seq_num 
_struct_ref_seq_dif.pdbx_pdb_ins_code 
_struct_ref_seq_dif.pdbx_seq_db_name 
_struct_ref_seq_dif.pdbx_seq_db_accession_code 
_struct_ref_seq_dif.db_mon_id 
_struct_ref_seq_dif.pdbx_seq_db_seq_num 
_struct_ref_seq_dif.details 
_struct_ref_seq_dif.pdbx_auth_seq_num 
_struct_ref_seq_dif.pdbx_ordinal 
1 6KRF TYR A 43 ? UNP P02185 PHE 44 'engineered mutation' 43 1 
1 6KRF SER A 46 ? UNP P02185 PHE 47 'engineered mutation' 46 2 
# 
loop_
_chem_comp.id 
_chem_comp.type 
_chem_comp.mon_nstd_flag 
_chem_comp.name 
_chem_comp.pdbx_synonyms 
_chem_comp.formula 
_chem_comp.formula_weight 
ALA 'L-peptide linking' y ALANINE                           ?               'C3 H7 N O2'       89.093  
ARG 'L-peptide linking' y ARGININE                          ?               'C6 H15 N4 O2 1'   175.209 
ASN 'L-peptide linking' y ASPARAGINE                        ?               'C4 H8 N2 O3'      132.118 
ASP 'L-peptide linking' y 'ASPARTIC ACID'                   ?               'C4 H7 N O4'       133.103 
GLN 'L-peptide linking' y GLUTAMINE                         ?               'C5 H10 N2 O3'     146.144 
GLU 'L-peptide linking' y 'GLUTAMIC ACID'                   ?               'C5 H9 N O4'       147.129 
GLY 'peptide linking'   y GLYCINE                           ?               'C2 H5 N O2'       75.067  
HEM non-polymer         . 'PROTOPORPHYRIN IX CONTAINING FE' HEME            'C34 H32 Fe N4 O4' 616.487 
HIS 'L-peptide linking' y HISTIDINE                         ?               'C6 H10 N3 O2 1'   156.162 
HOH non-polymer         . WATER                             ?               'H2 O'             18.015  
ILE 'L-peptide linking' y ISOLEUCINE                        ?               'C6 H13 N O2'      131.173 
JZ3 non-polymer         . Guaiacol                          2-methoxyphenol 'C7 H8 O2'         124.137 
LEU 'L-peptide linking' y LEUCINE                           ?               'C6 H13 N O2'      131.173 
LYS 'L-peptide linking' y LYSINE                            ?               'C6 H15 N2 O2 1'   147.195 
MET 'L-peptide linking' y METHIONINE                        ?               'C5 H11 N O2 S'    149.211 
PHE 'L-peptide linking' y PHENYLALANINE                     ?               'C9 H11 N O2'      165.189 
PRO 'L-peptide linking' y PROLINE                           ?               'C5 H9 N O2'       115.130 
SER 'L-peptide linking' y SERINE                            ?               'C3 H7 N O3'       105.093 
THR 'L-peptide linking' y THREONINE                         ?               'C4 H9 N O3'       119.119 
TRP 'L-peptide linking' y TRYPTOPHAN                        ?               'C11 H12 N2 O2'    204.225 
TYR 'L-peptide linking' y TYROSINE                          ?               'C9 H11 N O3'      181.189 
VAL 'L-peptide linking' y VALINE                            ?               'C5 H11 N O2'      117.146 
# 
_exptl.absorpt_coefficient_mu     ? 
_exptl.absorpt_correction_T_max   ? 
_exptl.absorpt_correction_T_min   ? 
_exptl.absorpt_correction_type    ? 
_exptl.absorpt_process_details    ? 
_exptl.entry_id                   6KRF 
_exptl.crystals_number            1 
_exptl.details                    ? 
_exptl.method                     'X-RAY DIFFRACTION' 
_exptl.method_details             ? 
# 
_exptl_crystal.colour                      ? 
_exptl_crystal.density_diffrn              ? 
_exptl_crystal.density_Matthews            2.21 
_exptl_crystal.density_method              ? 
_exptl_crystal.density_percent_sol         44.31 
_exptl_crystal.description                 ? 
_exptl_crystal.F_000                       ? 
_exptl_crystal.id                          1 
_exptl_crystal.preparation                 ? 
_exptl_crystal.size_max                    ? 
_exptl_crystal.size_mid                    ? 
_exptl_crystal.size_min                    ? 
_exptl_crystal.size_rad                    ? 
_exptl_crystal.colour_lustre               ? 
_exptl_crystal.colour_modifier             ? 
_exptl_crystal.colour_primary              ? 
_exptl_crystal.density_meas                ? 
_exptl_crystal.density_meas_esd            ? 
_exptl_crystal.density_meas_gt             ? 
_exptl_crystal.density_meas_lt             ? 
_exptl_crystal.density_meas_temp           ? 
_exptl_crystal.density_meas_temp_esd       ? 
_exptl_crystal.density_meas_temp_gt        ? 
_exptl_crystal.density_meas_temp_lt        ? 
_exptl_crystal.pdbx_crystal_image_url      ? 
_exptl_crystal.pdbx_crystal_image_format   ? 
_exptl_crystal.pdbx_mosaicity              ? 
_exptl_crystal.pdbx_mosaicity_esd          ? 
# 
_exptl_crystal_grow.apparatus       ? 
_exptl_crystal_grow.atmosphere      ? 
_exptl_crystal_grow.crystal_id      1 
_exptl_crystal_grow.details         ? 
_exptl_crystal_grow.method          'VAPOR DIFFUSION, HANGING DROP' 
_exptl_crystal_grow.method_ref      ? 
_exptl_crystal_grow.pH              ? 
_exptl_crystal_grow.pressure        ? 
_exptl_crystal_grow.pressure_esd    ? 
_exptl_crystal_grow.seeding         ? 
_exptl_crystal_grow.seeding_ref     ? 
_exptl_crystal_grow.temp            293 
_exptl_crystal_grow.temp_details    ? 
_exptl_crystal_grow.temp_esd        ? 
_exptl_crystal_grow.time            ? 
_exptl_crystal_grow.pdbx_details    
'0.2 M Sodium acetate trihydrate, 0.1 M Sodium cacodylate trihydrate pH 6.5, 30% w/v Polyethylene glycol 8,000' 
_exptl_crystal_grow.pdbx_pH_range   ? 
# 
_diffrn.ambient_environment              ? 
_diffrn.ambient_temp                     100 
_diffrn.ambient_temp_details             ? 
_diffrn.ambient_temp_esd                 ? 
_diffrn.crystal_id                       1 
_diffrn.crystal_support                  ? 
_diffrn.crystal_treatment                ? 
_diffrn.details                          ? 
_diffrn.id                               1 
_diffrn.ambient_pressure                 ? 
_diffrn.ambient_pressure_esd             ? 
_diffrn.ambient_pressure_gt              ? 
_diffrn.ambient_pressure_lt              ? 
_diffrn.ambient_temp_gt                  ? 
_diffrn.ambient_temp_lt                  ? 
_diffrn.pdbx_serial_crystal_experiment   N 
# 
_diffrn_detector.details                      ? 
_diffrn_detector.detector                     PIXEL 
_diffrn_detector.diffrn_id                    1 
_diffrn_detector.type                         'DECTRIS PILATUS3 S 6M' 
_diffrn_detector.area_resol_mean              ? 
_diffrn_detector.dtime                        ? 
_diffrn_detector.pdbx_frames_total            ? 
_diffrn_detector.pdbx_collection_time_total   ? 
_diffrn_detector.pdbx_collection_date         2018-06-15 
_diffrn_detector.pdbx_frequency               ? 
# 
_diffrn_radiation.collimation                      ? 
_diffrn_radiation.diffrn_id                        1 
_diffrn_radiation.filter_edge                      ? 
_diffrn_radiation.inhomogeneity                    ? 
_diffrn_radiation.monochromator                    ? 
_diffrn_radiation.polarisn_norm                    ? 
_diffrn_radiation.polarisn_ratio                   ? 
_diffrn_radiation.probe                            ? 
_diffrn_radiation.type                             ? 
_diffrn_radiation.xray_symbol                      ? 
_diffrn_radiation.wavelength_id                    1 
_diffrn_radiation.pdbx_monochromatic_or_laue_m_l   M 
_diffrn_radiation.pdbx_wavelength_list             ? 
_diffrn_radiation.pdbx_wavelength                  ? 
_diffrn_radiation.pdbx_diffrn_protocol             'SINGLE WAVELENGTH' 
_diffrn_radiation.pdbx_analyzer                    ? 
_diffrn_radiation.pdbx_scattering_type             x-ray 
# 
_diffrn_radiation_wavelength.id           1 
_diffrn_radiation_wavelength.wavelength   0.980 
_diffrn_radiation_wavelength.wt           1.0 
# 
_diffrn_source.current                     ? 
_diffrn_source.details                     ? 
_diffrn_source.diffrn_id                   1 
_diffrn_source.power                       ? 
_diffrn_source.size                        ? 
_diffrn_source.source                      SYNCHROTRON 
_diffrn_source.target                      ? 
_diffrn_source.type                        'SSRF BEAMLINE BL18U1' 
_diffrn_source.voltage                     ? 
_diffrn_source.take-off_angle              ? 
_diffrn_source.pdbx_wavelength_list        0.980 
_diffrn_source.pdbx_wavelength             ? 
_diffrn_source.pdbx_synchrotron_beamline   BL18U1 
_diffrn_source.pdbx_synchrotron_site       SSRF 
# 
_reflns.B_iso_Wilson_estimate            24.30 
_reflns.entry_id                         6KRF 
_reflns.data_reduction_details           ? 
_reflns.data_reduction_method            ? 
_reflns.d_resolution_high                1.86 
_reflns.d_resolution_low                 50 
_reflns.details                          ? 
_reflns.limit_h_max                      ? 
_reflns.limit_h_min                      ? 
_reflns.limit_k_max                      ? 
_reflns.limit_k_min                      ? 
_reflns.limit_l_max                      ? 
_reflns.limit_l_min                      ? 
_reflns.number_all                       ? 
_reflns.number_obs                       13245 
_reflns.observed_criterion               ? 
_reflns.observed_criterion_F_max         ? 
_reflns.observed_criterion_F_min         ? 
_reflns.observed_criterion_I_max         ? 
_reflns.observed_criterion_I_min         ? 
_reflns.observed_criterion_sigma_F       ? 
_reflns.observed_criterion_sigma_I       ? 
_reflns.percent_possible_obs             99.8 
_reflns.R_free_details                   ? 
_reflns.Rmerge_F_all                     ? 
_reflns.Rmerge_F_obs                     ? 
_reflns.Friedel_coverage                 ? 
_reflns.number_gt                        ? 
_reflns.threshold_expression             ? 
_reflns.pdbx_redundancy                  5.8 
_reflns.pdbx_Rmerge_I_obs                0.116 
_reflns.pdbx_Rmerge_I_all                ? 
_reflns.pdbx_Rsym_value                  ? 
_reflns.pdbx_netI_over_av_sigmaI         ? 
_reflns.pdbx_netI_over_sigmaI            19.21 
_reflns.pdbx_res_netI_over_av_sigmaI_2   ? 
_reflns.pdbx_res_netI_over_sigmaI_2      ? 
_reflns.pdbx_chi_squared                 ? 
_reflns.pdbx_scaling_rejects             ? 
_reflns.pdbx_d_res_high_opt              ? 
_reflns.pdbx_d_res_low_opt               ? 
_reflns.pdbx_d_res_opt_method            ? 
_reflns.phase_calculation_details        ? 
_reflns.pdbx_Rrim_I_all                  ? 
_reflns.pdbx_Rpim_I_all                  0.048 
_reflns.pdbx_d_opt                       ? 
_reflns.pdbx_number_measured_all         ? 
_reflns.pdbx_diffrn_id                   1 
_reflns.pdbx_ordinal                     1 
_reflns.pdbx_CC_half                     ? 
_reflns.pdbx_R_split                     ? 
# 
_reflns_shell.d_res_high                  1.86 
_reflns_shell.d_res_low                   1.91 
_reflns_shell.meanI_over_sigI_all         ? 
_reflns_shell.meanI_over_sigI_obs         2.19 
_reflns_shell.number_measured_all         ? 
_reflns_shell.number_measured_obs         ? 
_reflns_shell.number_possible             ? 
_reflns_shell.number_unique_all           ? 
_reflns_shell.number_unique_obs           884 
_reflns_shell.percent_possible_all        ? 
_reflns_shell.percent_possible_obs        ? 
_reflns_shell.Rmerge_F_all                ? 
_reflns_shell.Rmerge_F_obs                ? 
_reflns_shell.Rmerge_I_all                ? 
_reflns_shell.Rmerge_I_obs                0.793 
_reflns_shell.meanI_over_sigI_gt          ? 
_reflns_shell.meanI_over_uI_all           ? 
_reflns_shell.meanI_over_uI_gt            ? 
_reflns_shell.number_measured_gt          ? 
_reflns_shell.number_unique_gt            ? 
_reflns_shell.percent_possible_gt         ? 
_reflns_shell.Rmerge_F_gt                 ? 
_reflns_shell.Rmerge_I_gt                 ? 
_reflns_shell.pdbx_redundancy             ? 
_reflns_shell.pdbx_Rsym_value             ? 
_reflns_shell.pdbx_chi_squared            ? 
_reflns_shell.pdbx_netI_over_sigmaI_all   ? 
_reflns_shell.pdbx_netI_over_sigmaI_obs   ? 
_reflns_shell.pdbx_Rrim_I_all             ? 
_reflns_shell.pdbx_Rpim_I_all             0.427 
_reflns_shell.pdbx_rejects                ? 
_reflns_shell.pdbx_ordinal                1 
_reflns_shell.pdbx_diffrn_id              1 
_reflns_shell.pdbx_CC_half                ? 
_reflns_shell.pdbx_R_split                ? 
# 
_refine.aniso_B[1][1]                            ? 
_refine.aniso_B[1][2]                            ? 
_refine.aniso_B[1][3]                            ? 
_refine.aniso_B[2][2]                            ? 
_refine.aniso_B[2][3]                            ? 
_refine.aniso_B[3][3]                            ? 
_refine.B_iso_max                                ? 
_refine.B_iso_mean                               28.64 
_refine.B_iso_min                                ? 
_refine.correlation_coeff_Fo_to_Fc               ? 
_refine.correlation_coeff_Fo_to_Fc_free          ? 
_refine.details                                  ? 
_refine.diff_density_max                         ? 
_refine.diff_density_max_esd                     ? 
_refine.diff_density_min                         ? 
_refine.diff_density_min_esd                     ? 
_refine.diff_density_rms                         ? 
_refine.diff_density_rms_esd                     ? 
_refine.entry_id                                 6KRF 
_refine.pdbx_refine_id                           'X-RAY DIFFRACTION' 
_refine.ls_abs_structure_details                 ? 
_refine.ls_abs_structure_Flack                   ? 
_refine.ls_abs_structure_Flack_esd               ? 
_refine.ls_abs_structure_Rogers                  ? 
_refine.ls_abs_structure_Rogers_esd              ? 
_refine.ls_d_res_high                            1.86 
_refine.ls_d_res_low                             30.78 
_refine.ls_extinction_coef                       ? 
_refine.ls_extinction_coef_esd                   ? 
_refine.ls_extinction_expression                 ? 
_refine.ls_extinction_method                     ? 
_refine.ls_goodness_of_fit_all                   ? 
_refine.ls_goodness_of_fit_all_esd               ? 
_refine.ls_goodness_of_fit_obs                   ? 
_refine.ls_goodness_of_fit_obs_esd               ? 
_refine.ls_hydrogen_treatment                    ? 
_refine.ls_matrix_type                           ? 
_refine.ls_number_constraints                    ? 
_refine.ls_number_parameters                     ? 
_refine.ls_number_reflns_all                     ? 
_refine.ls_number_reflns_obs                     13244 
_refine.ls_number_reflns_R_free                  672 
_refine.ls_number_reflns_R_work                  ? 
_refine.ls_number_restraints                     ? 
_refine.ls_percent_reflns_obs                    99.85 
_refine.ls_percent_reflns_R_free                 5.07 
_refine.ls_R_factor_all                          ? 
_refine.ls_R_factor_obs                          0.1736 
_refine.ls_R_factor_R_free                       0.2052 
_refine.ls_R_factor_R_free_error                 ? 
_refine.ls_R_factor_R_free_error_details         ? 
_refine.ls_R_factor_R_work                       0.1718 
_refine.ls_R_Fsqd_factor_obs                     ? 
_refine.ls_R_I_factor_obs                        ? 
_refine.ls_redundancy_reflns_all                 ? 
_refine.ls_redundancy_reflns_obs                 ? 
_refine.ls_restrained_S_all                      ? 
_refine.ls_restrained_S_obs                      ? 
_refine.ls_shift_over_esd_max                    ? 
_refine.ls_shift_over_esd_mean                   ? 
_refine.ls_structure_factor_coef                 ? 
_refine.ls_weighting_details                     ? 
_refine.ls_weighting_scheme                      ? 
_refine.ls_wR_factor_all                         ? 
_refine.ls_wR_factor_obs                         ? 
_refine.ls_wR_factor_R_free                      ? 
_refine.ls_wR_factor_R_work                      ? 
_refine.occupancy_max                            ? 
_refine.occupancy_min                            ? 
_refine.solvent_model_details                    ? 
_refine.solvent_model_param_bsol                 ? 
_refine.solvent_model_param_ksol                 ? 
_refine.ls_R_factor_gt                           ? 
_refine.ls_goodness_of_fit_gt                    ? 
_refine.ls_goodness_of_fit_ref                   ? 
_refine.ls_shift_over_su_max                     ? 
_refine.ls_shift_over_su_max_lt                  ? 
_refine.ls_shift_over_su_mean                    ? 
_refine.ls_shift_over_su_mean_lt                 ? 
_refine.pdbx_ls_sigma_I                          ? 
_refine.pdbx_ls_sigma_F                          1.34 
_refine.pdbx_ls_sigma_Fsqd                       ? 
_refine.pdbx_data_cutoff_high_absF               ? 
_refine.pdbx_data_cutoff_high_rms_absF           ? 
_refine.pdbx_data_cutoff_low_absF                ? 
_refine.pdbx_isotropic_thermal_model             ? 
_refine.pdbx_ls_cross_valid_method               'FREE R-VALUE' 
_refine.pdbx_method_to_determine_struct          'MOLECULAR REPLACEMENT' 
_refine.pdbx_starting_model                      5iks 
_refine.pdbx_stereochemistry_target_values       ? 
_refine.pdbx_R_Free_selection_details            ? 
_refine.pdbx_stereochem_target_val_spec_case     ? 
_refine.pdbx_overall_ESU_R                       ? 
_refine.pdbx_overall_ESU_R_Free                  ? 
_refine.pdbx_solvent_vdw_probe_radii             1.1100 
_refine.pdbx_solvent_ion_probe_radii             ? 
_refine.pdbx_solvent_shrinkage_radii             0.9000 
_refine.pdbx_real_space_R                        ? 
_refine.pdbx_density_correlation                 ? 
_refine.pdbx_pd_number_of_powder_patterns        ? 
_refine.pdbx_pd_number_of_points                 ? 
_refine.pdbx_pd_meas_number_of_points            ? 
_refine.pdbx_pd_proc_ls_prof_R_factor            ? 
_refine.pdbx_pd_proc_ls_prof_wR_factor           ? 
_refine.pdbx_pd_Marquardt_correlation_coeff      ? 
_refine.pdbx_pd_Fsqrd_R_factor                   ? 
_refine.pdbx_pd_ls_matrix_band_width             ? 
_refine.pdbx_overall_phase_error                 22.2587 
_refine.pdbx_overall_SU_R_free_Cruickshank_DPI   ? 
_refine.pdbx_overall_SU_R_free_Blow_DPI          ? 
_refine.pdbx_overall_SU_R_Blow_DPI               ? 
_refine.pdbx_TLS_residual_ADP_flag               ? 
_refine.pdbx_diffrn_id                           1 
_refine.overall_SU_B                             ? 
_refine.overall_SU_ML                            0.1773 
_refine.overall_SU_R_Cruickshank_DPI             ? 
_refine.overall_SU_R_free                        ? 
_refine.overall_FOM_free_R_set                   ? 
_refine.overall_FOM_work_R_set                   ? 
_refine.pdbx_average_fsc_overall                 ? 
_refine.pdbx_average_fsc_work                    ? 
_refine.pdbx_average_fsc_free                    ? 
# 
_refine_hist.pdbx_refine_id                   'X-RAY DIFFRACTION' 
_refine_hist.cycle_id                         LAST 
_refine_hist.details                          ? 
_refine_hist.d_res_high                       1.86 
_refine_hist.d_res_low                        30.78 
_refine_hist.number_atoms_solvent             197 
_refine_hist.number_atoms_total               1462 
_refine_hist.number_reflns_all                ? 
_refine_hist.number_reflns_obs                ? 
_refine_hist.number_reflns_R_free             ? 
_refine_hist.number_reflns_R_work             ? 
_refine_hist.R_factor_all                     ? 
_refine_hist.R_factor_obs                     ? 
_refine_hist.R_factor_R_free                  ? 
_refine_hist.R_factor_R_work                  ? 
_refine_hist.pdbx_number_residues_total       ? 
_refine_hist.pdbx_B_iso_mean_ligand           ? 
_refine_hist.pdbx_B_iso_mean_solvent          ? 
_refine_hist.pdbx_number_atoms_protein        1213 
_refine_hist.pdbx_number_atoms_nucleic_acid   0 
_refine_hist.pdbx_number_atoms_ligand         52 
_refine_hist.pdbx_number_atoms_lipid          ? 
_refine_hist.pdbx_number_atoms_carb           ? 
_refine_hist.pdbx_pseudo_atom_details         ? 
# 
loop_
_refine_ls_restr.pdbx_refine_id 
_refine_ls_restr.criterion 
_refine_ls_restr.dev_ideal 
_refine_ls_restr.dev_ideal_target 
_refine_ls_restr.number 
_refine_ls_restr.rejects 
_refine_ls_restr.type 
_refine_ls_restr.weight 
_refine_ls_restr.pdbx_restraint_function 
'X-RAY DIFFRACTION' ? 0.0110 ? 1318 ? f_bond_d           ? ? 
'X-RAY DIFFRACTION' ? 2.7124 ? 1789 ? f_angle_d          ? ? 
'X-RAY DIFFRACTION' ? 0.0945 ? 186  ? f_chiral_restr     ? ? 
'X-RAY DIFFRACTION' ? 0.0072 ? 223  ? f_plane_restr      ? ? 
'X-RAY DIFFRACTION' ? 7.9585 ? 1078 ? f_dihedral_angle_d ? ? 
# 
loop_
_refine_ls_shell.pdbx_refine_id 
_refine_ls_shell.d_res_high 
_refine_ls_shell.d_res_low 
_refine_ls_shell.number_reflns_all 
_refine_ls_shell.number_reflns_obs 
_refine_ls_shell.number_reflns_R_free 
_refine_ls_shell.number_reflns_R_work 
_refine_ls_shell.percent_reflns_obs 
_refine_ls_shell.percent_reflns_R_free 
_refine_ls_shell.R_factor_all 
_refine_ls_shell.R_factor_obs 
_refine_ls_shell.R_factor_R_free 
_refine_ls_shell.R_factor_R_free_error 
_refine_ls_shell.R_factor_R_work 
_refine_ls_shell.redundancy_reflns_all 
_refine_ls_shell.redundancy_reflns_obs 
_refine_ls_shell.wR_factor_all 
_refine_ls_shell.wR_factor_obs 
_refine_ls_shell.wR_factor_R_free 
_refine_ls_shell.wR_factor_R_work 
_refine_ls_shell.pdbx_total_number_of_bins_used 
_refine_ls_shell.pdbx_phase_error 
_refine_ls_shell.pdbx_fsc_work 
_refine_ls_shell.pdbx_fsc_free 
'X-RAY DIFFRACTION' 1.86 2.01  . . 137 2443 99.50  . . . 0.3160 . 0.2209 . . . . . . . . . . 
'X-RAY DIFFRACTION' 2.01 2.21  . . 144 2458 99.92  . . . 0.2404 . 0.1783 . . . . . . . . . . 
'X-RAY DIFFRACTION' 2.21 2.53  . . 120 2503 100.00 . . . 0.2507 . 0.1791 . . . . . . . . . . 
'X-RAY DIFFRACTION' 2.53 3.19  . . 122 2526 99.96  . . . 0.2205 . 0.1770 . . . . . . . . . . 
'X-RAY DIFFRACTION' 3.19 30.78 . . 149 2642 99.93  . . . 0.1634 . 0.1568 . . . . . . . . . . 
# 
_struct.entry_id                     6KRF 
_struct.title                        'An X-ray structure of ferric F43Y/F46S sperm whale myoglobin in complex with guaiacol' 
_struct.pdbx_model_details           ? 
_struct.pdbx_formula_weight          ? 
_struct.pdbx_formula_weight_method   ? 
_struct.pdbx_model_type_details      ? 
_struct.pdbx_CASP_flag               N 
# 
_struct_keywords.entry_id        6KRF 
_struct_keywords.text            'myoglobin, OXYGEN STORAGE' 
_struct_keywords.pdbx_keywords   'OXYGEN STORAGE' 
# 
loop_
_struct_asym.id 
_struct_asym.pdbx_blank_PDB_chainid_flag 
_struct_asym.pdbx_modified 
_struct_asym.entity_id 
_struct_asym.details 
A N N 1 ? 
B N N 2 ? 
C N N 3 ? 
D N N 4 ? 
# 
loop_
_struct_conf.conf_type_id 
_struct_conf.id 
_struct_conf.pdbx_PDB_helix_id 
_struct_conf.beg_label_comp_id 
_struct_conf.beg_label_asym_id 
_struct_conf.beg_label_seq_id 
_struct_conf.pdbx_beg_PDB_ins_code 
_struct_conf.end_label_comp_id 
_struct_conf.end_label_asym_id 
_struct_conf.end_label_seq_id 
_struct_conf.pdbx_end_PDB_ins_code 
_struct_conf.beg_auth_comp_id 
_struct_conf.beg_auth_asym_id 
_struct_conf.beg_auth_seq_id 
_struct_conf.end_auth_comp_id 
_struct_conf.end_auth_asym_id 
_struct_conf.end_auth_seq_id 
_struct_conf.pdbx_PDB_helix_class 
_struct_conf.details 
_struct_conf.pdbx_PDB_helix_length 
HELX_P HELX_P1 AA1 SER A 3   ? ALA A 19  ? SER A 3   ALA A 19  1 ? 17 
HELX_P HELX_P2 AA2 ASP A 20  ? HIS A 36  ? ASP A 20  HIS A 36  1 ? 17 
HELX_P HELX_P3 AA3 PRO A 37  ? LYS A 42  ? PRO A 37  LYS A 42  5 ? 6  
HELX_P HELX_P4 AA4 THR A 51  ? SER A 58  ? THR A 51  SER A 58  1 ? 8  
HELX_P HELX_P5 AA5 SER A 58  ? LYS A 78  ? SER A 58  LYS A 78  1 ? 21 
HELX_P HELX_P6 AA6 HIS A 82  ? LYS A 96  ? HIS A 82  LYS A 96  1 ? 15 
HELX_P HELX_P7 AA7 PRO A 100 ? HIS A 119 ? PRO A 100 HIS A 119 1 ? 20 
HELX_P HELX_P8 AA8 PRO A 120 ? PHE A 123 ? PRO A 120 PHE A 123 5 ? 4  
HELX_P HELX_P9 AA9 GLY A 124 ? LEU A 149 ? GLY A 124 LEU A 149 1 ? 26 
# 
_struct_conf_type.id          HELX_P 
_struct_conf_type.criteria    ? 
_struct_conf_type.reference   ? 
# 
loop_
_struct_conn.id 
_struct_conn.conn_type_id 
_struct_conn.pdbx_leaving_atom_flag 
_struct_conn.pdbx_PDB_id 
_struct_conn.ptnr1_label_asym_id 
_struct_conn.ptnr1_label_comp_id 
_struct_conn.ptnr1_label_seq_id 
_struct_conn.ptnr1_label_atom_id 
_struct_conn.pdbx_ptnr1_label_alt_id 
_struct_conn.pdbx_ptnr1_PDB_ins_code 
_struct_conn.pdbx_ptnr1_standard_comp_id 
_struct_conn.ptnr1_symmetry 
_struct_conn.ptnr2_label_asym_id 
_struct_conn.ptnr2_label_comp_id 
_struct_conn.ptnr2_label_seq_id 
_struct_conn.ptnr2_label_atom_id 
_struct_conn.pdbx_ptnr2_label_alt_id 
_struct_conn.pdbx_ptnr2_PDB_ins_code 
_struct_conn.ptnr1_auth_asym_id 
_struct_conn.ptnr1_auth_comp_id 
_struct_conn.ptnr1_auth_seq_id 
_struct_conn.ptnr2_auth_asym_id 
_struct_conn.ptnr2_auth_comp_id 
_struct_conn.ptnr2_auth_seq_id 
_struct_conn.ptnr2_symmetry 
_struct_conn.pdbx_ptnr3_label_atom_id 
_struct_conn.pdbx_ptnr3_label_seq_id 
_struct_conn.pdbx_ptnr3_label_comp_id 
_struct_conn.pdbx_ptnr3_label_asym_id 
_struct_conn.pdbx_ptnr3_label_alt_id 
_struct_conn.pdbx_ptnr3_PDB_ins_code 
_struct_conn.details 
_struct_conn.pdbx_dist_value 
_struct_conn.pdbx_value_order 
_struct_conn.pdbx_role 
metalc1 metalc ? ? A HIS 93 NE2 ? ? ? 1_555 B HEM . FE ? ? A HIS 93  A HEM 201 1_555 ? ? ? ? ? ? ? 2.194 ? ? 
metalc2 metalc ? ? B HEM .  FE  ? ? ? 1_555 D HOH . O  ? ? A HEM 201 A HOH 356 1_555 ? ? ? ? ? ? ? 2.430 ? ? 
# 
_struct_conn_type.id          metalc 
_struct_conn_type.criteria    ? 
_struct_conn_type.reference   ? 
# 
loop_
_struct_site.id 
_struct_site.pdbx_evidence_code 
_struct_site.pdbx_auth_asym_id 
_struct_site.pdbx_auth_comp_id 
_struct_site.pdbx_auth_seq_id 
_struct_site.pdbx_auth_ins_code 
_struct_site.pdbx_num_residues 
_struct_site.details 
AC1 Software A HEM 201 ? 20 'binding site for residue HEM A 201' 
AC2 Software A JZ3 202 ? 4  'binding site for residue JZ3 A 202' 
# 
loop_
_struct_site_gen.id 
_struct_site_gen.site_id 
_struct_site_gen.pdbx_num_res 
_struct_site_gen.label_comp_id 
_struct_site_gen.label_asym_id 
_struct_site_gen.label_seq_id 
_struct_site_gen.pdbx_auth_ins_code 
_struct_site_gen.auth_comp_id 
_struct_site_gen.auth_asym_id 
_struct_site_gen.auth_seq_id 
_struct_site_gen.label_atom_id 
_struct_site_gen.label_alt_id 
_struct_site_gen.symmetry 
_struct_site_gen.details 
1  AC1 20 THR A 39  ? THR A 39  . ? 1_555 ? 
2  AC1 20 LYS A 42  ? LYS A 42  . ? 1_555 ? 
3  AC1 20 TYR A 43  ? TYR A 43  . ? 1_555 ? 
4  AC1 20 HIS A 64  ? HIS A 64  . ? 1_555 ? 
5  AC1 20 THR A 67  ? THR A 67  . ? 1_555 ? 
6  AC1 20 VAL A 68  ? VAL A 68  . ? 1_555 ? 
7  AC1 20 ALA A 71  ? ALA A 71  . ? 1_555 ? 
8  AC1 20 LEU A 89  ? LEU A 89  . ? 1_555 ? 
9  AC1 20 SER A 92  ? SER A 92  . ? 1_555 ? 
10 AC1 20 HIS A 93  ? HIS A 93  . ? 1_555 ? 
11 AC1 20 HIS A 97  ? HIS A 97  . ? 1_555 ? 
12 AC1 20 ILE A 99  ? ILE A 99  . ? 1_555 ? 
13 AC1 20 TYR A 103 ? TYR A 103 . ? 1_555 ? 
14 AC1 20 LEU A 104 ? LEU A 104 . ? 1_555 ? 
15 AC1 20 JZ3 C .   ? JZ3 A 202 . ? 1_555 ? 
16 AC1 20 HOH D .   ? HOH A 333 . ? 1_555 ? 
17 AC1 20 HOH D .   ? HOH A 356 . ? 1_555 ? 
18 AC1 20 HOH D .   ? HOH A 387 . ? 1_555 ? 
19 AC1 20 HOH D .   ? HOH A 398 . ? 1_555 ? 
20 AC1 20 HOH D .   ? HOH A 420 . ? 1_555 ? 
21 AC2 4  PHE A 33  ? PHE A 33  . ? 1_555 ? 
22 AC2 4  LYS A 47  ? LYS A 47  . ? 1_555 ? 
23 AC2 4  ASP A 60  ? ASP A 60  . ? 1_555 ? 
24 AC2 4  HEM B .   ? HEM A 201 . ? 1_555 ? 
# 
_atom_sites.entry_id                    6KRF 
_atom_sites.Cartn_transf_matrix[1][1]   ? 
_atom_sites.Cartn_transf_matrix[1][2]   ? 
_atom_sites.Cartn_transf_matrix[1][3]   ? 
_atom_sites.Cartn_transf_matrix[2][1]   ? 
_atom_sites.Cartn_transf_matrix[2][2]   ? 
_atom_sites.Cartn_transf_matrix[2][3]   ? 
_atom_sites.Cartn_transf_matrix[3][1]   ? 
_atom_sites.Cartn_transf_matrix[3][2]   ? 
_atom_sites.Cartn_transf_matrix[3][3]   ? 
_atom_sites.Cartn_transf_vector[1]      ? 
_atom_sites.Cartn_transf_vector[2]      ? 
_atom_sites.Cartn_transf_vector[3]      ? 
_atom_sites.fract_transf_matrix[1][1]   -0.01714776 
_atom_sites.fract_transf_matrix[1][2]   0.00840743 
_atom_sites.fract_transf_matrix[1][3]   0.01633205 
_atom_sites.fract_transf_matrix[2][1]   -0.00591847 
_atom_sites.fract_transf_matrix[2][2]   0.01430709 
_atom_sites.fract_transf_matrix[2][3]   -0.01357909 
_atom_sites.fract_transf_matrix[3][1]   -0.00855145 
_atom_sites.fract_transf_matrix[3][2]   -0.00810111 
_atom_sites.fract_transf_matrix[3][3]   -0.00480826 
_atom_sites.fract_transf_vector[1]      -0.020809 
_atom_sites.fract_transf_vector[2]      -0.019362 
_atom_sites.fract_transf_vector[3]      0.050280 
_atom_sites.solution_primary            ? 
_atom_sites.solution_secondary          ? 
_atom_sites.solution_hydrogens          ? 
_atom_sites.special_details             ? 
# 
loop_
_atom_type.symbol 
_atom_type.scat_dispersion_real 
_atom_type.scat_dispersion_imag 
_atom_type.scat_Cromer_Mann_a1 
_atom_type.scat_Cromer_Mann_a2 
_atom_type.scat_Cromer_Mann_b1 
_atom_type.scat_Cromer_Mann_b2 
_atom_type.scat_Cromer_Mann_c 
_atom_type.scat_source 
_atom_type.scat_dispersion_source 
C  ? ? 3.54356  2.42580 25.62398 1.50364  0.0 
;2-Gaussian fit: Grosse-Kunstleve RW, Sauter NK, Adams PD: Newsletter of the IUCr Commission on Crystallographic Computing 2004, 3, 22-31.
;
? 
FE ? ? 20.90327 4.99816 2.55100  38.46870 0.0 
;2-Gaussian fit: Grosse-Kunstleve RW, Sauter NK, Adams PD: Newsletter of the IUCr Commission on Crystallographic Computing 2004, 3, 22-31.
;
? 
N  ? ? 4.01032  2.96436 19.97189 1.75589  0.0 
;2-Gaussian fit: Grosse-Kunstleve RW, Sauter NK, Adams PD: Newsletter of the IUCr Commission on Crystallographic Computing 2004, 3, 22-31.
;
? 
O  ? ? 4.49882  3.47563 15.80542 1.70748  0.0 
;2-Gaussian fit: Grosse-Kunstleve RW, Sauter NK, Adams PD: Newsletter of the IUCr Commission on Crystallographic Computing 2004, 3, 22-31.
;
? 
S  ? ? 9.55732  6.39887 1.23737  29.19336 0.0 
;2-Gaussian fit: Grosse-Kunstleve RW, Sauter NK, Adams PD: Newsletter of the IUCr Commission on Crystallographic Computing 2004, 3, 22-31.
;
? 
# 
loop_
_atom_site.group_PDB 
_atom_site.id 
_atom_site.type_symbol 
_atom_site.label_atom_id 
_atom_site.label_alt_id 
_atom_site.label_comp_id 
_atom_site.label_asym_id 
_atom_site.label_entity_id 
_atom_site.label_seq_id 
_atom_site.pdbx_PDB_ins_code 
_atom_site.Cartn_x 
_atom_site.Cartn_y 
_atom_site.Cartn_z 
_atom_site.occupancy 
_atom_site.B_iso_or_equiv 
_atom_site.pdbx_formal_charge 
_atom_site.auth_seq_id 
_atom_site.auth_comp_id 
_atom_site.auth_asym_id 
_atom_site.auth_atom_id 
_atom_site.pdbx_PDB_model_num 
ATOM   1    N  N   . VAL A 1 1   ? 12.17017  13.11673  -5.47083  1.000 42.25852 ? 1   VAL A N   1 
ATOM   2    C  CA  . VAL A 1 1   ? 12.63682  13.31363  -4.09558  1.000 47.77168 ? 1   VAL A CA  1 
ATOM   3    C  C   . VAL A 1 1   ? 11.68311  14.22888  -3.30645  1.000 45.51521 ? 1   VAL A C   1 
ATOM   4    O  O   . VAL A 1 1   ? 11.31998  15.30516  -3.77161  1.000 41.34998 ? 1   VAL A O   1 
ATOM   5    C  CB  . VAL A 1 1   ? 14.08160  13.87744  -4.07024  1.000 48.50272 ? 1   VAL A CB  1 
ATOM   6    C  CG1 . VAL A 1 1   ? 14.50638  14.20855  -2.63875  1.000 45.63706 ? 1   VAL A CG1 1 
ATOM   7    C  CG2 . VAL A 1 1   ? 15.05758  12.88396  -4.70982  1.000 53.04303 ? 1   VAL A CG2 1 
ATOM   8    N  N   . LEU A 1 2   ? 11.27753  13.78860  -2.11525  1.000 29.00722 ? 2   LEU A N   1 
ATOM   9    C  CA  . LEU A 1 2   ? 10.41297  14.57898  -1.25217  1.000 28.97294 ? 2   LEU A CA  1 
ATOM   10   C  C   . LEU A 1 2   ? 11.25055  15.47307  -0.34487  1.000 27.65260 ? 2   LEU A C   1 
ATOM   11   O  O   . LEU A 1 2   ? 12.35969  15.11266  0.06508   1.000 27.15011 ? 2   LEU A O   1 
ATOM   12   C  CB  . LEU A 1 2   ? 9.52620   13.67027  -0.39368  1.000 23.17235 ? 2   LEU A CB  1 
ATOM   13   C  CG  . LEU A 1 2   ? 8.27876   13.00984  -0.98105  1.000 27.63432 ? 2   LEU A CG  1 
ATOM   14   C  CD1 . LEU A 1 2   ? 8.68507   11.95326  -1.99471  1.000 25.64280 ? 2   LEU A CD1 1 
ATOM   15   C  CD2 . LEU A 1 2   ? 7.42662   12.36432  0.11596   1.000 18.88516 ? 2   LEU A CD2 1 
ATOM   16   N  N   . SER A 1 3   ? 10.69539  16.63306  -0.01131  1.000 26.16360 ? 3   SER A N   1 
ATOM   17   C  CA  . SER A 1 3   ? 11.27162  17.53480  0.98665   1.000 28.10002 ? 3   SER A CA  1 
ATOM   18   C  C   . SER A 1 3   ? 11.12076  16.95804  2.39402   1.000 24.51754 ? 3   SER A C   1 
ATOM   19   O  O   . SER A 1 3   ? 10.30399  16.07239  2.64927   1.000 21.59222 ? 3   SER A O   1 
ATOM   20   C  CB  . SER A 1 3   ? 10.57463  18.89905  0.93436   1.000 21.63991 ? 3   SER A CB  1 
ATOM   21   O  OG  . SER A 1 3   ? 9.22766   18.77547  1.36611   1.000 24.00369 ? 3   SER A OG  1 
ATOM   22   N  N   . GLU A 1 4   ? 11.87946  17.50898  3.34568   1.000 27.32644 ? 4   GLU A N   1 
ATOM   23   C  CA  . GLU A 1 4   ? 11.71699  17.05181  4.72419   1.000 25.77576 ? 4   GLU A CA  1 
ATOM   24   C  C   . GLU A 1 4   ? 10.29705  17.33637  5.24606   1.000 27.58766 ? 4   GLU A C   1 
ATOM   25   O  O   . GLU A 1 4   ? 9.70958   16.49847  5.95020   1.000 20.71074 ? 4   GLU A O   1 
ATOM   26   C  CB  . GLU A 1 4   ? 12.80618  17.66731  5.60941   1.000 28.67012 ? 4   GLU A CB  1 
ATOM   27   C  CG  . GLU A 1 4   ? 12.65369  17.38511  7.09486   1.000 34.42813 ? 4   GLU A CG  1 
ATOM   28   C  CD  . GLU A 1 4   ? 12.71642  15.90895  7.46607   1.000 36.05634 ? 4   GLU A CD  1 
ATOM   29   O  OE1 . GLU A 1 4   ? 13.38851  15.13530  6.73323   1.000 38.34423 ? 4   GLU A OE1 1 
ATOM   30   O  OE2 . GLU A 1 4   ? 12.10896  15.54039  8.51211   1.000 37.00038 ? 4   GLU A OE2 1 
ATOM   31   N  N   . GLY A 1 5   ? 9.69247   18.46754  4.84445   1.000 22.80814 ? 5   GLY A N   1 
ATOM   32   C  CA  . GLY A 1 5   ? 8.33886   18.77145  5.29827   1.000 19.98590 ? 5   GLY A CA  1 
ATOM   33   C  C   . GLY A 1 5   ? 7.29439   17.83014  4.72212   1.000 18.15458 ? 5   GLY A C   1 
ATOM   34   O  O   . GLY A 1 5   ? 6.32559   17.45837  5.40598   1.000 18.03417 ? 5   GLY A O   1 
ATOM   35   N  N   . GLU A 1 6   ? 7.49468   17.39804  3.46924   1.000 22.25173 ? 6   GLU A N   1 
ATOM   36   C  CA  . GLU A 1 6   ? 6.59922   16.39335  2.88214   1.000 21.27791 ? 6   GLU A CA  1 
ATOM   37   C  C   . GLU A 1 6   ? 6.74307   15.05154  3.58737   1.000 19.55361 ? 6   GLU A C   1 
ATOM   38   O  O   . GLU A 1 6   ? 5.73310   14.40996  3.90031   1.000 18.06202 ? 6   GLU A O   1 
ATOM   39   C  CB  . GLU A 1 6   ? 6.87001   16.24885  1.38545   1.000 18.84154 ? 6   GLU A CB  1 
ATOM   40   C  CG  . GLU A 1 6   ? 6.46771   17.49692  0.58413   1.000 25.37601 ? 6   GLU A CG  1 
ATOM   41   C  CD  . GLU A 1 6   ? 6.99980   17.50747  -0.85105  1.000 29.61284 ? 6   GLU A CD  1 
ATOM   42   O  OE1 . GLU A 1 6   ? 8.05217   16.90925  -1.10931  1.000 25.78362 ? 6   GLU A OE1 1 
ATOM   43   O  OE2 . GLU A 1 6   ? 6.35538   18.12023  -1.73407  1.000 35.87946 ? 6   GLU A OE2 1 
ATOM   44   N  N   . TRP A 1 7   ? 7.98924   14.62296  3.87019   1.000 16.77835 ? 7   TRP A N   1 
ATOM   45   C  CA  . TRP A 1 7   ? 8.18518   13.40400  4.66287   1.000 20.42739 ? 7   TRP A CA  1 
ATOM   46   C  C   . TRP A 1 7   ? 7.52447   13.52557  6.02537   1.000 20.06731 ? 7   TRP A C   1 
ATOM   47   O  O   . TRP A 1 7   ? 6.95859   12.54971  6.53196   1.000 18.33603 ? 7   TRP A O   1 
ATOM   48   C  CB  . TRP A 1 7   ? 9.67767   13.07085  4.84345   1.000 20.28879 ? 7   TRP A CB  1 
ATOM   49   C  CG  . TRP A 1 7   ? 10.28475  12.42152  3.63352   1.000 19.74856 ? 7   TRP A CG  1 
ATOM   50   C  CD1 . TRP A 1 7   ? 11.34898  12.89097  2.89702   1.000 20.98440 ? 7   TRP A CD1 1 
ATOM   51   C  CD2 . TRP A 1 7   ? 9.84415   11.21894  2.97784   1.000 21.20414 ? 7   TRP A CD2 1 
ATOM   52   N  NE1 . TRP A 1 7   ? 11.59403  12.04862  1.82519   1.000 22.37226 ? 7   TRP A NE1 1 
ATOM   53   C  CE2 . TRP A 1 7   ? 10.67891  11.02521  1.84918   1.000 20.57984 ? 7   TRP A CE2 1 
ATOM   54   C  CE3 . TRP A 1 7   ? 8.81399   10.28739  3.22717   1.000 21.42266 ? 7   TRP A CE3 1 
ATOM   55   C  CZ2 . TRP A 1 7   ? 10.53415  9.93558   0.98633   1.000 21.32350 ? 7   TRP A CZ2 1 
ATOM   56   C  CZ3 . TRP A 1 7   ? 8.67146   9.20806   2.36004   1.000 20.86083 ? 7   TRP A CZ3 1 
ATOM   57   C  CH2 . TRP A 1 7   ? 9.52695   9.05388   1.24760   1.000 16.93316 ? 7   TRP A CH2 1 
ATOM   58   N  N   . GLN A 1 8   ? 7.52919   14.72452  6.61912   1.000 17.12159 ? 8   GLN A N   1 
ATOM   59   C  CA  . GLN A 1 8   ? 6.91910   14.85264  7.93078   1.000 16.00210 ? 8   GLN A CA  1 
ATOM   60   C  C   . GLN A 1 8   ? 5.41183   14.68434  7.84582   1.000 16.88106 ? 8   GLN A C   1 
ATOM   61   O  O   . GLN A 1 8   ? 4.80695   14.08430  8.72740   1.000 18.47359 ? 8   GLN A O   1 
ATOM   62   C  CB  . GLN A 1 8   ? 7.27793   16.20520  8.55915   1.000 17.40086 ? 8   GLN A CB  1 
ATOM   63   C  CG  . GLN A 1 8   ? 8.76142   16.24998  9.00234   1.000 23.21507 ? 8   GLN A CG  1 
ATOM   64   C  CD  . GLN A 1 8   ? 9.10989   17.52899  9.71964   1.000 32.40304 ? 8   GLN A CD  1 
ATOM   65   O  OE1 . GLN A 1 8   ? 8.22637   18.31071  10.07824  1.000 29.90735 ? 8   GLN A OE1 1 
ATOM   66   N  NE2 . GLN A 1 8   ? 10.41017  17.77983  9.89514   1.000 30.58884 ? 8   GLN A NE2 1 
ATOM   67   N  N   . LEU A 1 9   ? 4.78724   15.20202  6.78914   1.000 14.96060 ? 9   LEU A N   1 
ATOM   68   C  CA  . LEU A 1 9   ? 3.34372   14.99896  6.61662   1.000 19.54702 ? 9   LEU A CA  1 
ATOM   69   C  C   . LEU A 1 9   ? 3.00589   13.51409  6.37187   1.000 18.87057 ? 9   LEU A C   1 
ATOM   70   O  O   . LEU A 1 9   ? 2.00241   12.98761  6.89755   1.000 20.03737 ? 9   LEU A O   1 
ATOM   71   C  CB  . LEU A 1 9   ? 2.83961   15.83523  5.44002   1.000 15.32635 ? 9   LEU A CB  1 
ATOM   72   C  CG  . LEU A 1 9   ? 2.82094   17.36475  5.69682   1.000 22.78913 ? 9   LEU A CG  1 
ATOM   73   C  CD1 . LEU A 1 9   ? 2.46222   18.05804  4.39997   1.000 23.16646 ? 9   LEU A CD1 1 
ATOM   74   C  CD2 . LEU A 1 9   ? 1.84544   17.73702  6.80080   1.000 21.15230 ? 9   LEU A CD2 1 
ATOM   75   N  N   . VAL A 1 10  ? 3.82772   12.83968  5.55080   1.000 16.21516 ? 10  VAL A N   1 
ATOM   76   C  CA  . VAL A 1 10  ? 3.65406   11.39945  5.34429   1.000 16.69319 ? 10  VAL A CA  1 
ATOM   77   C  C   . VAL A 1 10  ? 3.69171   10.66771  6.67935   1.000 17.40109 ? 10  VAL A C   1 
ATOM   78   O  O   . VAL A 1 10  ? 2.80245   9.86701   6.99970   1.000 17.62447 ? 10  VAL A O   1 
ATOM   79   C  CB  . VAL A 1 10  ? 4.72064   10.85988  4.38165   1.000 17.41587 ? 10  VAL A CB  1 
ATOM   80   C  CG1 . VAL A 1 10  ? 4.71721   9.29851   4.40487   1.000 20.06323 ? 10  VAL A CG1 1 
ATOM   81   C  CG2 . VAL A 1 10  ? 4.49879   11.41196  2.98966   1.000 15.37897 ? 10  VAL A CG2 1 
ATOM   82   N  N   . LEU A 1 11  ? 4.72317   10.93935  7.48556   1.000 19.35718 ? 11  LEU A N   1 
ATOM   83   C  CA  . LEU A 1 11  ? 4.89997   10.17604  8.72236   1.000 19.08562 ? 11  LEU A CA  1 
ATOM   84   C  C   . LEU A 1 11  ? 3.91651   10.60754  9.81852   1.000 18.16825 ? 11  LEU A C   1 
ATOM   85   O  O   . LEU A 1 11  ? 3.52496   9.78608   10.66986  1.000 17.56229 ? 11  LEU A O   1 
ATOM   86   C  CB  . LEU A 1 11  ? 6.35935   10.28743  9.19196   1.000 21.32147 ? 11  LEU A CB  1 
ATOM   87   C  CG  . LEU A 1 11  ? 7.34937   9.60960   8.22871   1.000 22.83576 ? 11  LEU A CG  1 
ATOM   88   C  CD1 . LEU A 1 11  ? 8.77167   9.59803   8.79848   1.000 21.91450 ? 11  LEU A CD1 1 
ATOM   89   C  CD2 . LEU A 1 11  ? 6.92093   8.17658   7.85169   1.000 23.52466 ? 11  LEU A CD2 1 
ATOM   90   N  N   . HIS A 1 12  ? 3.44174   11.85676  9.76841   1.000 19.16084 ? 12  HIS A N   1 
ATOM   91   C  CA  . HIS A 1 12  ? 2.39962   12.29405  10.69485  1.000 19.85000 ? 12  HIS A CA  1 
ATOM   92   C  C   . HIS A 1 12  ? 1.12916   11.47637  10.48996  1.000 18.31242 ? 12  HIS A C   1 
ATOM   93   O  O   . HIS A 1 12  ? 0.54333   10.95703  11.45527  1.000 18.08066 ? 12  HIS A O   1 
ATOM   94   C  CB  . HIS A 1 12  ? 2.10588   13.79400  10.50883  1.000 19.22114 ? 12  HIS A CB  1 
ATOM   95   C  CG  . HIS A 1 12  ? 0.99153   14.29466  11.38461  1.000 24.92147 ? 12  HIS A CG  1 
ATOM   96   N  ND1 . HIS A 1 12  ? 1.15057   14.54096  12.73705  1.000 24.77770 ? 12  HIS A ND1 1 
ATOM   97   C  CD2 . HIS A 1 12  ? -0.29944  14.59141  11.10185  1.000 25.18935 ? 12  HIS A CD2 1 
ATOM   98   C  CE1 . HIS A 1 12  ? 0.00232   14.95014  13.24885  1.000 23.70071 ? 12  HIS A CE1 1 
ATOM   99   N  NE2 . HIS A 1 12  ? -0.88980  15.00212  12.27544  1.000 29.11539 ? 12  HIS A NE2 1 
ATOM   100  N  N   . VAL A 1 13  ? 0.70332   11.31331  9.23620   1.000 16.83947 ? 13  VAL A N   1 
ATOM   101  C  CA  . VAL A 1 13  ? -0.52721  10.53619  9.06815   1.000 17.98172 ? 13  VAL A CA  1 
ATOM   102  C  C   . VAL A 1 13  ? -0.24364  9.05182   9.25436   1.000 16.63228 ? 13  VAL A C   1 
ATOM   103  O  O   . VAL A 1 13  ? -1.11546  8.29084   9.70689   1.000 17.56238 ? 13  VAL A O   1 
ATOM   104  C  CB  . VAL A 1 13  ? -1.22135  10.81021  7.71575   1.000 20.66728 ? 13  VAL A CB  1 
ATOM   105  C  CG1 . VAL A 1 13  ? -0.43564  10.25709  6.53414   1.000 19.82301 ? 13  VAL A CG1 1 
ATOM   106  C  CG2 . VAL A 1 13  ? -2.68276  10.29727  7.76231   1.000 25.43232 ? 13  VAL A CG2 1 
ATOM   107  N  N   . TRP A 1 14  ? 0.97984   8.60714   8.96238   1.000 18.81901 ? 14  TRP A N   1 
ATOM   108  C  CA  . TRP A 1 14  ? 1.24386   7.18798   9.18120   1.000 15.71826 ? 14  TRP A CA  1 
ATOM   109  C  C   . TRP A 1 14  ? 1.15492   6.80699   10.65783  1.000 18.12412 ? 14  TRP A C   1 
ATOM   110  O  O   . TRP A 1 14  ? 0.71648   5.69162   10.98737  1.000 18.19446 ? 14  TRP A O   1 
ATOM   111  C  CB  . TRP A 1 14  ? 2.61101   6.79551   8.58742   1.000 16.91134 ? 14  TRP A CB  1 
ATOM   112  C  CG  . TRP A 1 14  ? 2.58355   5.32043   8.32730   1.000 20.59340 ? 14  TRP A CG  1 
ATOM   113  C  CD1 . TRP A 1 14  ? 3.13060   4.32704   9.09268   1.000 24.01071 ? 14  TRP A CD1 1 
ATOM   114  C  CD2 . TRP A 1 14  ? 1.87463   4.68120   7.26572   1.000 19.54508 ? 14  TRP A CD2 1 
ATOM   115  N  NE1 . TRP A 1 14  ? 2.82809   3.09313   8.53919   1.000 20.51723 ? 14  TRP A NE1 1 
ATOM   116  C  CE2 . TRP A 1 14  ? 2.04779   3.28962   7.42475   1.000 26.52399 ? 14  TRP A CE2 1 
ATOM   117  C  CE3 . TRP A 1 14  ? 1.10907   5.15610   6.19360   1.000 21.42790 ? 14  TRP A CE3 1 
ATOM   118  C  CZ2 . TRP A 1 14  ? 1.49624   2.37348   6.54545   1.000 20.56130 ? 14  TRP A CZ2 1 
ATOM   119  C  CZ3 . TRP A 1 14  ? 0.56236   4.24024   5.30933   1.000 21.07403 ? 14  TRP A CZ3 1 
ATOM   120  C  CH2 . TRP A 1 14  ? 0.77190   2.86512   5.48865   1.000 26.62254 ? 14  TRP A CH2 1 
ATOM   121  N  N   . ALA A 1 15  ? 1.51449   7.72180   11.56970  1.000 18.57730 ? 15  ALA A N   1 
ATOM   122  C  CA  . ALA A 1 15  ? 1.40305   7.39651   12.99442  1.000 18.23998 ? 15  ALA A CA  1 
ATOM   123  C  C   . ALA A 1 15  ? -0.06330  7.17554   13.38516  1.000 23.47534 ? 15  ALA A C   1 
ATOM   124  O  O   . ALA A 1 15  ? -0.39447  6.32661   14.24919  1.000 21.46921 ? 15  ALA A O   1 
ATOM   125  C  CB  . ALA A 1 15  ? 2.03612   8.51893   13.83578  1.000 22.12173 ? 15  ALA A CB  1 
ATOM   126  N  N   . LYS A 1 16  ? -0.96371  7.90975   12.71276  1.000 16.71448 ? 16  LYS A N   1 
ATOM   127  C  CA  . LYS A 1 16  ? -2.40031  7.66422   12.88130  1.000 22.59610 ? 16  LYS A CA  1 
ATOM   128  C  C   . LYS A 1 16  ? -2.76803  6.27287   12.40600  1.000 20.48179 ? 16  LYS A C   1 
ATOM   129  O  O   . LYS A 1 16  ? -3.57798  5.57679   13.03229  1.000 20.99150 ? 16  LYS A O   1 
ATOM   130  C  CB  . LYS A 1 16  ? -3.24062  8.69238   12.10178  1.000 21.65087 ? 16  LYS A CB  1 
ATOM   131  C  CG  . LYS A 1 16  ? -2.93776  10.12940  12.41955  1.000 26.34335 ? 16  LYS A CG  1 
ATOM   132  C  CD  . LYS A 1 16  ? -3.48393  10.50825  13.77199  1.000 37.51706 ? 16  LYS A CD  1 
ATOM   133  C  CE  . LYS A 1 16  ? -3.44685  12.02387  13.94040  1.000 35.94309 ? 16  LYS A CE  1 
ATOM   134  N  NZ  . LYS A 1 16  ? -2.70482  12.39980  15.17108  1.000 44.42992 ? 16  LYS A NZ  1 
ATOM   135  N  N   . VAL A 1 17  ? -2.20324  5.85718   11.27559  1.000 17.20968 ? 17  VAL A N   1 
ATOM   136  C  CA  . VAL A 1 17  ? -2.45475  4.48899   10.80775  1.000 18.70436 ? 17  VAL A CA  1 
ATOM   137  C  C   . VAL A 1 17  ? -2.03417  3.46505   11.85845  1.000 18.38301 ? 17  VAL A C   1 
ATOM   138  O  O   . VAL A 1 17  ? -2.73500  2.47735   12.10321  1.000 16.66664 ? 17  VAL A O   1 
ATOM   139  C  CB  . VAL A 1 17  ? -1.72337  4.23902   9.48298   1.000 19.36948 ? 17  VAL A CB  1 
ATOM   140  C  CG1 . VAL A 1 17  ? -1.78391  2.75442   9.13457   1.000 18.65426 ? 17  VAL A CG1 1 
ATOM   141  C  CG2 . VAL A 1 17  ? -2.38126  5.08311   8.39518   1.000 19.58756 ? 17  VAL A CG2 1 
ATOM   142  N  N   . GLU A 1 18  ? -0.88826  3.69289   12.49305  1.000 19.98314 ? 18  GLU A N   1 
ATOM   143  C  CA  . GLU A 1 18  ? -0.28343  2.74024   13.41924  1.000 20.12543 ? 18  GLU A CA  1 
ATOM   144  C  C   . GLU A 1 18  ? -1.09845  2.62611   14.70499  1.000 24.61931 ? 18  GLU A C   1 
ATOM   145  O  O   . GLU A 1 18  ? -0.91374  1.67052   15.47290  1.000 23.05700 ? 18  GLU A O   1 
ATOM   146  C  CB  . GLU A 1 18  ? 1.15447   3.17530   13.71391  1.000 24.60800 ? 18  GLU A CB  1 
ATOM   147  C  CG  . GLU A 1 18  ? 2.04087   3.24927   12.48002  1.000 25.01799 ? 18  GLU A CG  1 
ATOM   148  C  CD  . GLU A 1 18  ? 3.52267   3.07001   12.79678  1.000 26.32882 ? 18  GLU A CD  1 
ATOM   149  O  OE1 . GLU A 1 18  ? 4.27991   2.50089   11.98636  1.000 29.77735 ? 18  GLU A OE1 1 
ATOM   150  O  OE2 . GLU A 1 18  ? 3.94314   3.54622   13.86262  1.000 31.33256 ? 18  GLU A OE2 1 
ATOM   151  N  N   . ALA A 1 19  ? -1.99405  3.60166   14.96874  1.000 20.00031 ? 19  ALA A N   1 
ATOM   152  C  CA  . ALA A 1 19  ? -2.92701  3.39821   16.07619  1.000 23.42131 ? 19  ALA A CA  1 
ATOM   153  C  C   . ALA A 1 19  ? -3.86252  2.20106   15.89521  1.000 26.79069 ? 19  ALA A C   1 
ATOM   154  O  O   . ALA A 1 19  ? -4.43277  1.74289   16.88855  1.000 19.74221 ? 19  ALA A O   1 
ATOM   155  C  CB  . ALA A 1 19  ? -3.79642  4.63192   16.31292  1.000 25.70169 ? 19  ALA A CB  1 
ATOM   156  N  N   . ASP A 1 20  ? -4.09713  1.73638   14.65399  1.000 20.20442 ? 20  ASP A N   1 
ATOM   157  C  CA  . ASP A 1 20  ? -4.95553  0.58433   14.38564  1.000 22.68197 ? 20  ASP A CA  1 
ATOM   158  C  C   . ASP A 1 20  ? -4.56105  -0.00932  13.02982  1.000 20.96479 ? 20  ASP A C   1 
ATOM   159  O  O   . ASP A 1 20  ? -5.27416  0.15566   12.02131  1.000 17.46357 ? 20  ASP A O   1 
ATOM   160  C  CB  . ASP A 1 20  ? -6.43916  0.96493   14.39770  1.000 24.49720 ? 20  ASP A CB  1 
ATOM   161  C  CG  . ASP A 1 20  ? -7.35269  -0.20814  14.05597  1.000 28.58713 ? 20  ASP A CG  1 
ATOM   162  O  OD1 . ASP A 1 20  ? -6.91588  -1.39126  14.09833  1.000 22.34590 ? 20  ASP A OD1 1 
ATOM   163  O  OD2 . ASP A 1 20  ? -8.52615  0.05574   13.72218  1.000 34.17093 ? 20  ASP A OD2 1 
ATOM   164  N  N   . VAL A 1 21  ? -3.40795  -0.66055  12.98388  1.000 16.98754 ? 21  VAL A N   1 
ATOM   165  C  CA  . VAL A 1 21  ? -2.90509  -1.16744  11.70763  1.000 16.98396 ? 21  VAL A CA  1 
ATOM   166  C  C   . VAL A 1 21  ? -3.91495  -2.16508  11.13430  1.000 21.06396 ? 21  VAL A C   1 
ATOM   167  O  O   . VAL A 1 21  ? -4.22900  -2.12921  9.94238   1.000 17.11852 ? 21  VAL A O   1 
ATOM   168  C  CB  . VAL A 1 21  ? -1.50718  -1.80713  11.87460  1.000 17.02579 ? 21  VAL A CB  1 
ATOM   169  C  CG1 . VAL A 1 21  ? -0.97969  -2.28915  10.47720  1.000 14.88593 ? 21  VAL A CG1 1 
ATOM   170  C  CG2 . VAL A 1 21  ? -0.52332  -0.80800  12.48634  1.000 18.89322 ? 21  VAL A CG2 1 
ATOM   171  N  N   . ALA A 1 22  ? -4.43060  -3.08086  11.96302  1.000 18.69127 ? 22  ALA A N   1 
ATOM   172  C  CA  . ALA A 1 22  ? -5.32261  -4.10645  11.42687  1.000 19.81963 ? 22  ALA A CA  1 
ATOM   173  C  C   . ALA A 1 22  ? -6.57550  -3.49814  10.81202  1.000 17.63576 ? 22  ALA A C   1 
ATOM   174  O  O   . ALA A 1 22  ? -6.97633  -3.89044  9.71284   1.000 17.93524 ? 22  ALA A O   1 
ATOM   175  C  CB  . ALA A 1 22  ? -5.69275  -5.12136  12.50991  1.000 19.64193 ? 22  ALA A CB  1 
ATOM   176  N  N   . GLY A 1 23  ? -7.21142  -2.54417  11.50487  1.000 18.45610 ? 23  GLY A N   1 
ATOM   177  C  CA  . GLY A 1 23  ? -8.38479  -1.88420  10.94418  1.000 21.49585 ? 23  GLY A CA  1 
ATOM   178  C  C   . GLY A 1 23  ? -8.11131  -1.16279  9.63329   1.000 19.04857 ? 23  GLY A C   1 
ATOM   179  O  O   . GLY A 1 23  ? -8.89900  -1.25614  8.67777   1.000 18.80208 ? 23  GLY A O   1 
ATOM   180  N  N   . HIS A 1 24  ? -7.00878  -0.41691  9.56350   1.000 17.37812 ? 24  HIS A N   1 
ATOM   181  C  CA  . HIS A 1 24  ? -6.69745  0.27142   8.31272   1.000 20.64439 ? 24  HIS A CA  1 
ATOM   182  C  C   . HIS A 1 24  ? -6.44408  -0.73995  7.20354   1.000 16.32774 ? 24  HIS A C   1 
ATOM   183  O  O   . HIS A 1 24  ? -6.83209  -0.52475  6.05157   1.000 16.75566 ? 24  HIS A O   1 
ATOM   184  C  CB  . HIS A 1 24  ? -5.47437  1.18854   8.49776   1.000 17.31062 ? 24  HIS A CB  1 
ATOM   185  C  CG  . HIS A 1 24  ? -5.76365  2.43481   9.28630   1.000 18.17090 ? 24  HIS A CG  1 
ATOM   186  N  ND1 . HIS A 1 24  ? -5.92957  2.42933   10.65362  1.000 19.98660 ? 24  HIS A ND1 1 
ATOM   187  C  CD2 . HIS A 1 24  ? -5.90052  3.72839   8.89916   1.000 21.33285 ? 24  HIS A CD2 1 
ATOM   188  C  CE1 . HIS A 1 24  ? -6.18688  3.65710   11.07480  1.000 20.31913 ? 24  HIS A CE1 1 
ATOM   189  N  NE2 . HIS A 1 24  ? -6.15719  4.46787   10.03090  1.000 22.05822 ? 24  HIS A NE2 1 
ATOM   190  N  N   . GLY A 1 25  ? -5.73429  -1.81546  7.53021   1.000 16.52352 ? 25  GLY A N   1 
ATOM   191  C  CA  . GLY A 1 25  ? -5.35858  -2.78853  6.52474   1.000 16.84467 ? 25  GLY A CA  1 
ATOM   192  C  C   . GLY A 1 25  ? -6.56980  -3.48921  5.96821   1.000 21.17584 ? 25  GLY A C   1 
ATOM   193  O  O   . GLY A 1 25  ? -6.67468  -3.69744  4.75608   1.000 20.64774 ? 25  GLY A O   1 
ATOM   194  N  N   . GLN A 1 26  ? -7.52449  -3.82156  6.84658   1.000 15.96342 ? 26  GLN A N   1 
ATOM   195  C  CA  . GLN A 1 26  ? -8.79678  -4.35252  6.39607   1.000 19.85530 ? 26  GLN A CA  1 
ATOM   196  C  C   . GLN A 1 26  ? -9.49225  -3.36768  5.45957   1.000 21.92301 ? 26  GLN A C   1 
ATOM   197  O  O   . GLN A 1 26  ? -9.94419  -3.75134  4.37388   1.000 19.99026 ? 26  GLN A O   1 
ATOM   198  C  CB  . GLN A 1 26  ? -9.69538  -4.65268  7.59720   1.000 21.42138 ? 26  GLN A CB  1 
ATOM   199  C  CG  . GLN A 1 26  ? -9.36512  -5.90715  8.37714   1.000 22.43008 ? 26  GLN A CG  1 
ATOM   200  C  CD  . GLN A 1 26  ? -10.22161 -5.98754  9.63312   1.000 25.90186 ? 26  GLN A CD  1 
ATOM   201  O  OE1 . GLN A 1 26  ? -10.24063 -5.04958  10.43511  1.000 25.58995 ? 26  GLN A OE1 1 
ATOM   202  N  NE2 . GLN A 1 26  ? -10.94689 -7.09110  9.80371   1.000 25.36482 ? 26  GLN A NE2 1 
ATOM   203  N  N   . ASP A 1 27  ? -9.62266  -2.09478  5.87380   1.000 19.40965 ? 27  ASP A N   1 
ATOM   204  C  CA  . ASP A 1 27  ? -10.32548 -1.13657  5.01535   1.000 18.80921 ? 27  ASP A CA  1 
ATOM   205  C  C   . ASP A 1 27  ? -9.62440  -0.98326  3.66458   1.000 22.53018 ? 27  ASP A C   1 
ATOM   206  O  O   . ASP A 1 27  ? -10.27655 -0.88894  2.61879   1.000 19.20202 ? 27  ASP A O   1 
ATOM   207  C  CB  . ASP A 1 27  ? -10.42359 0.23182   5.68957   1.000 17.15781 ? 27  ASP A CB  1 
ATOM   208  C  CG  . ASP A 1 27  ? -11.46940 0.26483   6.79825   1.000 28.04269 ? 27  ASP A CG  1 
ATOM   209  O  OD1 . ASP A 1 27  ? -12.15933 -0.74934  7.03985   1.000 28.27949 ? 27  ASP A OD1 1 
ATOM   210  O  OD2 . ASP A 1 27  ? -11.59436 1.32765   7.42398   1.000 29.05833 ? 27  ASP A OD2 1 
ATOM   211  N  N   . ILE A 1 28  ? -8.28511  -0.96599  3.66794   1.000 18.06388 ? 28  ILE A N   1 
ATOM   212  C  CA  . ILE A 1 28  ? -7.55167  -0.74004  2.42253   1.000 17.10522 ? 28  ILE A CA  1 
ATOM   213  C  C   . ILE A 1 28  ? -7.71078  -1.93649  1.48105   1.000 17.20173 ? 28  ILE A C   1 
ATOM   214  O  O   . ILE A 1 28  ? -7.99084  -1.77263  0.28685   1.000 17.81755 ? 28  ILE A O   1 
ATOM   215  C  CB  . ILE A 1 28  ? -6.07203  -0.41864  2.72095   1.000 16.03372 ? 28  ILE A CB  1 
ATOM   216  C  CG1 . ILE A 1 28  ? -5.95625  0.98754   3.34674   1.000 15.01763 ? 28  ILE A CG1 1 
ATOM   217  C  CG2 . ILE A 1 28  ? -5.18985  -0.58530  1.45051   1.000 18.83561 ? 28  ILE A CG2 1 
ATOM   218  C  CD1 . ILE A 1 28  ? -4.60698  1.26712   4.06355   1.000 13.69671 ? 28  ILE A CD1 1 
ATOM   219  N  N   . LEU A 1 29  ? -7.57455  -3.15716  1.99891   1.000 15.66192 ? 29  LEU A N   1 
ATOM   220  C  CA  . LEU A 1 29  ? -7.68127  -4.30729  1.09866   1.000 19.23620 ? 29  LEU A CA  1 
ATOM   221  C  C   . LEU A 1 29  ? -9.11433  -4.47323  0.58835   1.000 23.29754 ? 29  LEU A C   1 
ATOM   222  O  O   . LEU A 1 29  ? -9.33323  -4.79251  -0.58987  1.000 22.84452 ? 29  LEU A O   1 
ATOM   223  C  CB  . LEU A 1 29  ? -7.20877  -5.56944  1.78808   1.000 17.95401 ? 29  LEU A CB  1 
ATOM   224  C  CG  . LEU A 1 29  ? -5.70879  -5.74461  2.02308   1.000 20.00647 ? 29  LEU A CG  1 
ATOM   225  C  CD1 . LEU A 1 29  ? -5.52968  -6.99892  2.83443   1.000 16.75569 ? 29  LEU A CD1 1 
ATOM   226  C  CD2 . LEU A 1 29  ? -4.94131  -5.82839  0.69972   1.000 21.49792 ? 29  LEU A CD2 1 
ATOM   227  N  N   . ILE A 1 30  ? -10.10760 -4.25748  1.45088   1.000 20.45106 ? 30  ILE A N   1 
ATOM   228  C  CA  . ILE A 1 30  ? -11.49755 -4.34586  0.99953   1.000 17.33600 ? 30  ILE A CA  1 
ATOM   229  C  C   . ILE A 1 30  ? -11.79499 -3.29162  -0.05416  1.000 23.41792 ? 30  ILE A C   1 
ATOM   230  O  O   . ILE A 1 30  ? -12.47290 -3.56132  -1.06175  1.000 21.93503 ? 30  ILE A O   1 
ATOM   231  C  CB  . ILE A 1 30  ? -12.42424 -4.22041  2.22274   1.000 20.88736 ? 30  ILE A CB  1 
ATOM   232  C  CG1 . ILE A 1 30  ? -12.33048 -5.50167  3.06204   1.000 22.43557 ? 30  ILE A CG1 1 
ATOM   233  C  CG2 . ILE A 1 30  ? -13.86565 -3.89429  1.82355   1.000 21.21630 ? 30  ILE A CG2 1 
ATOM   234  C  CD1 . ILE A 1 30  ? -12.99505 -5.38214  4.41178   1.000 21.27825 ? 30  ILE A CD1 1 
ATOM   235  N  N   . ARG A 1 31  ? -11.28985 -2.07599  0.14089   1.000 21.02992 ? 31  ARG A N   1 
ATOM   236  C  CA  . ARG A 1 31  ? -11.47145 -1.03608  -0.87079  1.000 22.26030 ? 31  ARG A CA  1 
ATOM   237  C  C   . ARG A 1 31  ? -10.79893 -1.41384  -2.19596  1.000 22.01503 ? 31  ARG A C   1 
ATOM   238  O  O   . ARG A 1 31  ? -11.34740 -1.15220  -3.27588  1.000 21.72853 ? 31  ARG A O   1 
ATOM   239  C  CB  . ARG A 1 31  ? -10.93563 0.28913   -0.32554  1.000 20.84171 ? 31  ARG A CB  1 
ATOM   240  C  CG  . ARG A 1 31  ? -10.85677 1.46165   -1.28832  1.000 22.36296 ? 31  ARG A CG  1 
ATOM   241  C  CD  . ARG A 1 31  ? -12.25477 1.91950   -1.68678  1.000 27.52924 ? 31  ARG A CD  1 
ATOM   242  N  NE  . ARG A 1 31  ? -12.16442 2.96627   -2.68513  1.000 27.78689 ? 31  ARG A NE  1 
ATOM   243  C  CZ  . ARG A 1 31  ? -13.18883 3.70992   -3.09514  1.000 34.68611 ? 31  ARG A CZ  1 
ATOM   244  N  NH1 . ARG A 1 31  ? -12.99857 4.64534   -4.02110  1.000 35.34544 ? 31  ARG A NH1 1 
ATOM   245  N  NH2 . ARG A 1 31  ? -14.40406 3.50840   -2.58316  1.000 33.04661 ? 31  ARG A NH2 1 
ATOM   246  N  N   . LEU A 1 32  ? -9.60767  -2.01662  -2.13497  1.000 19.51693 ? 32  LEU A N   1 
ATOM   247  C  CA  . LEU A 1 32  ? -8.91470  -2.44774  -3.34701  1.000 22.02332 ? 32  LEU A CA  1 
ATOM   248  C  C   . LEU A 1 32  ? -9.73371  -3.48237  -4.09796  1.000 24.71312 ? 32  LEU A C   1 
ATOM   249  O  O   . LEU A 1 32  ? -9.95356  -3.36485  -5.31489  1.000 26.14494 ? 32  LEU A O   1 
ATOM   250  C  CB  . LEU A 1 32  ? -7.54227  -3.03463  -2.99293  1.000 20.56341 ? 32  LEU A CB  1 
ATOM   251  C  CG  . LEU A 1 32  ? -6.73690  -3.75074  -4.11490  1.000 16.72269 ? 32  LEU A CG  1 
ATOM   252  C  CD1 . LEU A 1 32  ? -6.35642  -2.72537  -5.17390  1.000 23.05592 ? 32  LEU A CD1 1 
ATOM   253  C  CD2 . LEU A 1 32  ? -5.46815  -4.41431  -3.51631  1.000 20.59729 ? 32  LEU A CD2 1 
ATOM   254  N  N   . PHE A 1 33  ? -10.18011 -4.51444  -3.38307  1.000 21.69499 ? 33  PHE A N   1 
ATOM   255  C  CA  . PHE A 1 33  ? -10.94192 -5.59996  -4.01325  1.000 28.04781 ? 33  PHE A CA  1 
ATOM   256  C  C   . PHE A 1 33  ? -12.28892 -5.10952  -4.55576  1.000 29.93770 ? 33  PHE A C   1 
ATOM   257  O  O   . PHE A 1 33  ? -12.76160 -5.60520  -5.58565  1.000 30.19906 ? 33  PHE A O   1 
ATOM   258  C  CB  . PHE A 1 33  ? -11.16909 -6.73916  -3.01001  1.000 27.25080 ? 33  PHE A CB  1 
ATOM   259  C  CG  . PHE A 1 33  ? -9.90805  -7.33447  -2.45430  1.000 25.78816 ? 33  PHE A CG  1 
ATOM   260  C  CD1 . PHE A 1 33  ? -8.75763  -7.40367  -3.21692  1.000 26.93461 ? 33  PHE A CD1 1 
ATOM   261  C  CD2 . PHE A 1 33  ? -9.88297  -7.82254  -1.15714  1.000 30.01327 ? 33  PHE A CD2 1 
ATOM   262  C  CE1 . PHE A 1 33  ? -7.58515  -7.95519  -2.70484  1.000 35.21721 ? 33  PHE A CE1 1 
ATOM   263  C  CE2 . PHE A 1 33  ? -8.73293  -8.37878  -0.63470  1.000 33.38134 ? 33  PHE A CE2 1 
ATOM   264  C  CZ  . PHE A 1 33  ? -7.57310  -8.44085  -1.41204  1.000 31.91822 ? 33  PHE A CZ  1 
ATOM   265  N  N   . LYS A 1 34  ? -12.91919 -4.14951  -3.88119  1.000 28.53105 ? 34  LYS A N   1 
ATOM   266  C  CA  . LYS A 1 34  ? -14.17412 -3.61049  -4.37242  1.000 32.36734 ? 34  LYS A CA  1 
ATOM   267  C  C   . LYS A 1 34  ? -13.94464 -2.72137  -5.59025  1.000 32.11526 ? 34  LYS A C   1 
ATOM   268  O  O   . LYS A 1 34  ? -14.68275 -2.81363  -6.57799  1.000 25.83402 ? 34  LYS A O   1 
ATOM   269  C  CB  . LYS A 1 34  ? -14.87905 -2.84116  -3.25140  1.000 30.14384 ? 34  LYS A CB  1 
ATOM   270  C  CG  . LYS A 1 34  ? -15.88871 -1.80873  -3.75331  1.000 34.49004 ? 34  LYS A CG  1 
ATOM   271  C  CD  . LYS A 1 34  ? -16.49560 -1.00016  -2.60519  1.000 53.43062 ? 34  LYS A CD  1 
ATOM   272  C  CE  . LYS A 1 34  ? -17.05332 0.34963   -3.10079  1.000 57.90863 ? 34  LYS A CE  1 
ATOM   273  N  NZ  . LYS A 1 34  ? -17.93554 1.02774   -2.10230  1.000 45.73526 ? 34  LYS A NZ  1 
ATOM   274  N  N   . SER A 1 35  ? -12.92920 -1.84810  -5.54218  1.000 26.53790 ? 35  SER A N   1 
ATOM   275  C  CA  . SER A 1 35  ? -12.66066 -0.95837  -6.67373  1.000 29.11751 ? 35  SER A CA  1 
ATOM   276  C  C   . SER A 1 35  ? -12.11208 -1.70668  -7.88404  1.000 29.63947 ? 35  SER A C   1 
ATOM   277  O  O   . SER A 1 35  ? -12.37729 -1.30652  -9.01812  1.000 26.83526 ? 35  SER A O   1 
ATOM   278  C  CB  . SER A 1 35  ? -11.67242 0.12981   -6.27661  1.000 27.17501 ? 35  SER A CB  1 
ATOM   279  O  OG  . SER A 1 35  ? -12.20793 0.90135   -5.23199  1.000 35.40908 ? 35  SER A OG  1 
ATOM   280  N  N   . HIS A 1 36  ? -11.31722 -2.75426  -7.67279  1.000 26.38606 ? 36  HIS A N   1 
ATOM   281  C  CA  . HIS A 1 36  ? -10.65030 -3.47398  -8.75919  1.000 26.46994 ? 36  HIS A CA  1 
ATOM   282  C  C   . HIS A 1 36  ? -10.74291 -4.95662  -8.48400  1.000 32.42098 ? 36  HIS A C   1 
ATOM   283  O  O   . HIS A 1 36  ? -9.78878  -5.58711  -8.00216  1.000 29.54072 ? 36  HIS A O   1 
ATOM   284  C  CB  . HIS A 1 36  ? -9.20340  -3.01064  -8.90700  1.000 30.55547 ? 36  HIS A CB  1 
ATOM   285  C  CG  . HIS A 1 36  ? -9.09105  -1.52997  -9.01932  1.000 25.45480 ? 36  HIS A CG  1 
ATOM   286  N  ND1 . HIS A 1 36  ? -9.25371  -0.85841  -10.21378 1.000 28.01871 ? 36  HIS A ND1 1 
ATOM   287  C  CD2 . HIS A 1 36  ? -8.91051  -0.57840  -8.07328  1.000 27.71336 ? 36  HIS A CD2 1 
ATOM   288  C  CE1 . HIS A 1 36  ? -9.14390  0.44052   -10.00399 1.000 28.20753 ? 36  HIS A CE1 1 
ATOM   289  N  NE2 . HIS A 1 36  ? -8.91516  0.63544   -8.71544  1.000 30.49735 ? 36  HIS A NE2 1 
ATOM   290  N  N   . PRO A 1 37  ? -11.89891 -5.55345  -8.78276  1.000 34.72438 ? 37  PRO A N   1 
ATOM   291  C  CA  . PRO A 1 37  ? -12.11483 -6.98230  -8.52669  1.000 35.01029 ? 37  PRO A CA  1 
ATOM   292  C  C   . PRO A 1 37  ? -11.07016 -7.89024  -9.13944  1.000 30.47729 ? 37  PRO A C   1 
ATOM   293  O  O   . PRO A 1 37  ? -10.79413 -8.96854  -8.58717  1.000 34.18853 ? 37  PRO A O   1 
ATOM   294  C  CB  . PRO A 1 37  ? -13.49173 -7.23118  -9.15480  1.000 37.99904 ? 37  PRO A CB  1 
ATOM   295  C  CG  . PRO A 1 37  ? -14.16983 -5.92013  -9.08487  1.000 37.47849 ? 37  PRO A CG  1 
ATOM   296  C  CD  . PRO A 1 37  ? -13.10652 -4.87378  -9.27260  1.000 33.04655 ? 37  PRO A CD  1 
ATOM   297  N  N   . GLU A 1 38  ? -10.47241 -7.48392  -10.26196 1.000 31.78028 ? 38  GLU A N   1 
ATOM   298  C  CA  . GLU A 1 38  ? -9.47520  -8.34227  -10.89269 1.000 41.69655 ? 38  GLU A CA  1 
ATOM   299  C  C   . GLU A 1 38  ? -8.27857  -8.58186  -9.98250  1.000 38.73891 ? 38  GLU A C   1 
ATOM   300  O  O   . GLU A 1 38  ? -7.62882  -9.62714  -10.08595 1.000 38.65733 ? 38  GLU A O   1 
ATOM   301  C  CB  . GLU A 1 38  ? -9.02268  -7.74394  -12.22561 1.000 27.25895 ? 38  GLU A CB  1 
ATOM   302  C  CG  . GLU A 1 38  ? -8.22874  -6.45381  -12.14393 1.000 38.90193 ? 38  GLU A CG  1 
ATOM   303  C  CD  . GLU A 1 38  ? -9.10877  -5.23208  -12.09606 1.000 42.36325 ? 38  GLU A CD  1 
ATOM   304  O  OE1 . GLU A 1 38  ? -10.19664 -5.29433  -11.45499 1.000 42.03070 ? 38  GLU A OE1 1 
ATOM   305  O  OE2 . GLU A 1 38  ? -8.70493  -4.21320  -12.70204 1.000 38.60268 ? 38  GLU A OE2 1 
ATOM   306  N  N   . THR A 1 39  ? -7.97164  -7.63919  -9.07980  1.000 36.66822 ? 39  THR A N   1 
ATOM   307  C  CA  . THR A 1 39  ? -6.82712  -7.84158  -8.18871  1.000 32.41046 ? 39  THR A CA  1 
ATOM   308  C  C   . THR A 1 39  ? -7.04116  -9.05542  -7.29802  1.000 44.30367 ? 39  THR A C   1 
ATOM   309  O  O   . THR A 1 39  ? -6.07365  -9.70264  -6.87085  1.000 40.00475 ? 39  THR A O   1 
ATOM   310  C  CB  . THR A 1 39  ? -6.56432  -6.58690  -7.33723  1.000 26.83478 ? 39  THR A CB  1 
ATOM   311  O  OG1 . THR A 1 39  ? -7.70759  -6.26457  -6.53474  1.000 27.97213 ? 39  THR A OG1 1 
ATOM   312  C  CG2 . THR A 1 39  ? -6.29502  -5.39865  -8.21951  1.000 24.44793 ? 39  THR A CG2 1 
ATOM   313  N  N   . LEU A 1 40  ? -8.30156  -9.40512  -7.03626  1.000 40.82873 ? 40  LEU A N   1 
ATOM   314  C  CA  . LEU A 1 40  ? -8.54834  -10.54680 -6.17440  1.000 42.28661 ? 40  LEU A CA  1 
ATOM   315  C  C   . LEU A 1 40  ? -8.20709  -11.85740 -6.86665  1.000 50.56974 ? 40  LEU A C   1 
ATOM   316  O  O   . LEU A 1 40  ? -8.19565  -12.90238 -6.21280  1.000 58.74917 ? 40  LEU A O   1 
ATOM   317  C  CB  . LEU A 1 40  ? -10.00367 -10.51403 -5.69446  1.000 40.35530 ? 40  LEU A CB  1 
ATOM   318  C  CG  . LEU A 1 40  ? -10.38413 -11.30815 -4.45126  1.000 48.88909 ? 40  LEU A CG  1 
ATOM   319  C  CD1 . LEU A 1 40  ? -9.48388  -10.98427 -3.26268  1.000 42.36139 ? 40  LEU A CD1 1 
ATOM   320  C  CD2 . LEU A 1 40  ? -11.85186 -11.07419 -4.09704  1.000 49.13077 ? 40  LEU A CD2 1 
ATOM   321  N  N   . GLU A 1 41  ? -7.88703  -11.81840 -8.16111  1.000 49.37066 ? 41  GLU A N   1 
ATOM   322  C  CA  . GLU A 1 41  ? -7.43766  -13.01241 -8.86703  1.000 56.70557 ? 41  GLU A CA  1 
ATOM   323  C  C   . GLU A 1 41  ? -5.98992  -13.37965 -8.53472  1.000 60.77546 ? 41  GLU A C   1 
ATOM   324  O  O   . GLU A 1 41  ? -5.63501  -14.56404 -8.58827  1.000 56.69320 ? 41  GLU A O   1 
ATOM   325  C  CB  . GLU A 1 41  ? -7.60549  -12.80450 -10.37221 1.000 57.25219 ? 41  GLU A CB  1 
ATOM   326  C  CG  . GLU A 1 41  ? -9.04501  -12.47688 -10.77081 1.000 56.77519 ? 41  GLU A CG  1 
ATOM   327  C  CD  . GLU A 1 41  ? -9.19489  -12.13244 -12.24427 1.000 65.32976 ? 41  GLU A CD  1 
ATOM   328  O  OE1 . GLU A 1 41  ? -10.32924 -12.24556 -12.77357 1.000 70.53661 ? 41  GLU A OE1 1 
ATOM   329  O  OE2 . GLU A 1 41  ? -8.17896  -11.74292 -12.87120 1.000 64.54242 ? 41  GLU A OE2 1 
ATOM   330  N  N   . LYS A 1 42  ? -5.14237  -12.39472 -8.19310  1.000 50.94928 ? 42  LYS A N   1 
ATOM   331  C  CA  . LYS A 1 42  ? -3.75226  -12.69539 -7.83893  1.000 52.14189 ? 42  LYS A CA  1 
ATOM   332  C  C   . LYS A 1 42  ? -3.65361  -13.52552 -6.56534  1.000 51.08212 ? 42  LYS A C   1 
ATOM   333  O  O   . LYS A 1 42  ? -2.63770  -14.19696 -6.34812  1.000 53.44529 ? 42  LYS A O   1 
ATOM   334  C  CB  . LYS A 1 42  ? -2.93174  -11.40485 -7.68091  1.000 46.99957 ? 42  LYS A CB  1 
ATOM   335  C  CG  . LYS A 1 42  ? -2.66311  -10.64770 -8.99539  1.000 41.91986 ? 42  LYS A CG  1 
ATOM   336  C  CD  . LYS A 1 42  ? -1.77575  -11.43915 -9.97652  1.000 33.49249 ? 42  LYS A CD  1 
ATOM   337  C  CE  . LYS A 1 42  ? -1.66911  -10.69160 -11.32927 1.000 42.85206 ? 42  LYS A CE  1 
ATOM   338  N  NZ  . LYS A 1 42  ? -0.75253  -11.33882 -12.34189 1.000 35.74967 ? 42  LYS A NZ  1 
ATOM   339  N  N   . TYR A 1 43  ? -4.67548  -13.48152 -5.71672  1.000 51.73771 ? 43  TYR A N   1 
ATOM   340  C  CA  . TYR A 1 43  ? -4.79701  -14.39162 -4.59063  1.000 55.41938 ? 43  TYR A CA  1 
ATOM   341  C  C   . TYR A 1 43  ? -5.58368  -15.61116 -5.04764  1.000 62.36567 ? 43  TYR A C   1 
ATOM   342  O  O   . TYR A 1 43  ? -6.50465  -15.50217 -5.86428  1.000 64.49102 ? 43  TYR A O   1 
ATOM   343  C  CB  . TYR A 1 43  ? -5.49719  -13.71478 -3.40796  1.000 53.28055 ? 43  TYR A CB  1 
ATOM   344  C  CG  . TYR A 1 43  ? -4.96151  -12.33620 -3.08078  1.000 48.06252 ? 43  TYR A CG  1 
ATOM   345  C  CD1 . TYR A 1 43  ? -5.41209  -11.21467 -3.77245  1.000 48.94376 ? 43  TYR A CD1 1 
ATOM   346  C  CD2 . TYR A 1 43  ? -4.00117  -12.15263 -2.07878  1.000 44.38130 ? 43  TYR A CD2 1 
ATOM   347  C  CE1 . TYR A 1 43  ? -4.92904  -9.94029  -3.49217  1.000 40.31521 ? 43  TYR A CE1 1 
ATOM   348  C  CE2 . TYR A 1 43  ? -3.51239  -10.87843 -1.77401  1.000 40.65468 ? 43  TYR A CE2 1 
ATOM   349  C  CZ  . TYR A 1 43  ? -3.98763  -9.77402  -2.49128  1.000 43.72182 ? 43  TYR A CZ  1 
ATOM   350  O  OH  . TYR A 1 43  ? -3.52848  -8.49856  -2.22945  1.000 44.49432 ? 43  TYR A OH  1 
ATOM   351  N  N   . ASP A 1 44  ? -5.21006  -16.77541 -4.53746  1.000 59.23498 ? 44  ASP A N   1 
ATOM   352  C  CA  . ASP A 1 44  ? -5.80948  -17.98141 -5.07591  1.000 71.73374 ? 44  ASP A CA  1 
ATOM   353  C  C   . ASP A 1 44  ? -7.27779  -18.09089 -4.66146  1.000 73.79431 ? 44  ASP A C   1 
ATOM   354  O  O   . ASP A 1 44  ? -7.73569  -17.45636 -3.70029  1.000 73.15186 ? 44  ASP A O   1 
ATOM   355  C  CB  . ASP A 1 44  ? -5.00197  -19.20512 -4.64953  1.000 74.48699 ? 44  ASP A CB  1 
ATOM   356  C  CG  . ASP A 1 44  ? -5.02090  -19.42421 -3.15815  1.000 79.26484 ? 44  ASP A CG  1 
ATOM   357  O  OD1 . ASP A 1 44  ? -5.15788  -18.43033 -2.40785  1.000 77.13145 ? 44  ASP A OD1 1 
ATOM   358  O  OD2 . ASP A 1 44  ? -4.88343  -20.59523 -2.73839  1.000 81.86050 ? 44  ASP A OD2 1 
ATOM   359  N  N   . ARG A 1 45  ? -8.01485  -18.90652 -5.42978  1.000 73.94307 ? 45  ARG A N   1 
ATOM   360  C  CA  . ARG A 1 45  ? -9.46414  -19.03915 -5.28292  1.000 81.30421 ? 45  ARG A CA  1 
ATOM   361  C  C   . ARG A 1 45  ? -9.90276  -19.29121 -3.84586  1.000 79.20623 ? 45  ARG A C   1 
ATOM   362  O  O   . ARG A 1 45  ? -11.04302 -18.96700 -3.48645  1.000 75.89525 ? 45  ARG A O   1 
ATOM   363  C  CB  . ARG A 1 45  ? -9.97333  -20.18571 -6.15737  1.000 83.14217 ? 45  ARG A CB  1 
ATOM   364  C  CG  . ARG A 1 45  ? -10.09706 -19.85490 -7.62601  1.000 93.55971 ? 45  ARG A CG  1 
ATOM   365  C  CD  . ARG A 1 45  ? -11.55236 -19.84571 -8.08806  1.000 90.57357 ? 45  ARG A CD  1 
ATOM   366  N  NE  . ARG A 1 45  ? -11.75320 -18.92702 -9.20833  1.000 97.05826 ? 45  ARG A NE  1 
ATOM   367  C  CZ  . ARG A 1 45  ? -11.22053 -19.08005 -10.42238 1.000 93.93008 ? 45  ARG A CZ  1 
ATOM   368  N  NH1 . ARG A 1 45  ? -10.44772 -20.12648 -10.70309 1.000 85.61560 ? 45  ARG A NH1 1 
ATOM   369  N  NH2 . ARG A 1 45  ? -11.46555 -18.17946 -11.36601 1.000 92.90476 ? 45  ARG A NH2 1 
ATOM   370  N  N   . SER A 1 46  ? -9.02098  -19.86836 -3.01696  1.000 75.62915 ? 46  SER A N   1 
ATOM   371  C  CA  . SER A 1 46  ? -9.33778  -20.26885 -1.64418  1.000 80.23862 ? 46  SER A CA  1 
ATOM   372  C  C   . SER A 1 46  ? -10.08433 -19.17596 -0.88265  1.000 78.40681 ? 46  SER A C   1 
ATOM   373  O  O   . SER A 1 46  ? -10.89012 -19.47469 0.00736   1.000 78.39247 ? 46  SER A O   1 
ATOM   374  C  CB  . SER A 1 46  ? -8.06408  -20.65148 -0.87517  1.000 74.12186 ? 46  SER A CB  1 
ATOM   375  O  OG  . SER A 1 46  ? -7.24631  -21.54945 -1.60613  1.000 74.50016 ? 46  SER A OG  1 
ATOM   376  N  N   . LYS A 1 47  ? -9.81764  -17.91084 -1.22692  1.000 77.42417 ? 47  LYS A N   1 
ATOM   377  C  CA  . LYS A 1 47  ? -10.54418 -16.77512 -0.67201  1.000 73.45123 ? 47  LYS A CA  1 
ATOM   378  C  C   . LYS A 1 47  ? -11.73190 -16.47850 -1.56950  1.000 74.61831 ? 47  LYS A C   1 
ATOM   379  O  O   . LYS A 1 47  ? -12.71535 -17.23118 -1.58952  1.000 77.80825 ? 47  LYS A O   1 
ATOM   380  C  CB  . LYS A 1 47  ? -9.68264  -15.50741 -0.56862  1.000 57.47527 ? 47  LYS A CB  1 
ATOM   381  C  CG  . LYS A 1 47  ? -8.16330  -15.69777 -0.49512  1.000 62.92526 ? 47  LYS A CG  1 
ATOM   382  C  CD  . LYS A 1 47  ? -7.70511  -16.76601 0.48175   1.000 67.10124 ? 47  LYS A CD  1 
ATOM   383  C  CE  . LYS A 1 47  ? -6.19443  -16.81611 0.54883   1.000 64.01855 ? 47  LYS A CE  1 
ATOM   384  N  NZ  . LYS A 1 47  ? -5.75042  -18.23806 0.60075   1.000 70.65950 ? 47  LYS A NZ  1 
ATOM   385  N  N   . HIS A 1 48  ? -11.61709 -15.40310 -2.34550  1.000 65.34818 ? 48  HIS A N   1 
ATOM   386  C  CA  . HIS A 1 48  ? -12.73144 -14.88400 -3.12140  1.000 70.52005 ? 48  HIS A CA  1 
ATOM   387  C  C   . HIS A 1 48  ? -13.98210 -14.85805 -2.24244  1.000 67.52582 ? 48  HIS A C   1 
ATOM   388  O  O   . HIS A 1 48  ? -15.03770 -15.40872 -2.57546  1.000 68.86235 ? 48  HIS A O   1 
ATOM   389  C  CB  . HIS A 1 48  ? -12.93961 -15.70225 -4.40229  1.000 81.62041 ? 48  HIS A CB  1 
ATOM   390  C  CG  . HIS A 1 48  ? -12.03408 -15.31024 -5.53664  1.000 83.72135 ? 48  HIS A CG  1 
ATOM   391  N  ND1 . HIS A 1 48  ? -10.78709 -15.87378 -5.72448  1.000 81.62947 ? 48  HIS A ND1 1 
ATOM   392  C  CD2 . HIS A 1 48  ? -12.20397 -14.42817 -6.55307  1.000 78.17558 ? 48  HIS A CD2 1 
ATOM   393  C  CE1 . HIS A 1 48  ? -10.22472 -15.34919 -6.79987  1.000 78.92483 ? 48  HIS A CE1 1 
ATOM   394  N  NE2 . HIS A 1 48  ? -11.06228 -14.46777 -7.32001  1.000 84.44706 ? 48  HIS A NE2 1 
ATOM   395  N  N   . LEU A 1 49  ? -13.81225 -14.26621 -1.05968  1.000 56.11962 ? 49  LEU A N   1 
ATOM   396  C  CA  . LEU A 1 49  ? -14.91673 -14.05786 -0.13584  1.000 50.95432 ? 49  LEU A CA  1 
ATOM   397  C  C   . LEU A 1 49  ? -15.98421 -13.18495 -0.78800  1.000 44.93566 ? 49  LEU A C   1 
ATOM   398  O  O   . LEU A 1 49  ? -15.67506 -12.23495 -1.50816  1.000 41.20686 ? 49  LEU A O   1 
ATOM   399  C  CB  . LEU A 1 49  ? -14.40651 -13.41358 1.14599   1.000 40.57821 ? 49  LEU A CB  1 
ATOM   400  C  CG  . LEU A 1 49  ? -13.43605 -14.30645 1.91462   1.000 44.08706 ? 49  LEU A CG  1 
ATOM   401  C  CD1 . LEU A 1 49  ? -12.60758 -13.48993 2.88862   1.000 47.35706 ? 49  LEU A CD1 1 
ATOM   402  C  CD2 . LEU A 1 49  ? -14.18380 -15.40762 2.62950   1.000 49.35706 ? 49  LEU A CD2 1 
ATOM   403  N  N   . LYS A 1 50  ? -17.25264 -13.51285 -0.53594  1.000 36.84213 ? 50  LYS A N   1 
ATOM   404  C  CA  . LYS A 1 50  ? -18.32606 -13.02370 -1.39050  1.000 33.73052 ? 50  LYS A CA  1 
ATOM   405  C  C   . LYS A 1 50  ? -19.01976 -11.76410 -0.88375  1.000 34.52753 ? 50  LYS A C   1 
ATOM   406  O  O   . LYS A 1 50  ? -19.62940 -11.05198 -1.69527  1.000 37.32875 ? 50  LYS A O   1 
ATOM   407  C  CB  . LYS A 1 50  ? -19.34809 -14.14549 -1.60735  1.000 32.29396 ? 50  LYS A CB  1 
ATOM   408  C  CG  . LYS A 1 50  ? -18.89493 -15.11341 -2.70919  1.000 36.86971 ? 50  LYS A CG  1 
ATOM   409  C  CD  . LYS A 1 50  ? -19.71058 -16.38393 -2.72583  1.000 35.72470 ? 50  LYS A CD  1 
ATOM   410  C  CE  . LYS A 1 50  ? -19.17004 -17.34040 -3.77082  1.000 37.44282 ? 50  LYS A CE  1 
ATOM   411  N  NZ  . LYS A 1 50  ? -19.31146 -18.73114 -3.25776  1.000 41.22662 ? 50  LYS A NZ  1 
ATOM   412  N  N   . THR A 1 51  ? -18.93309 -11.45948 0.41204   1.000 31.81426 ? 51  THR A N   1 
ATOM   413  C  CA  . THR A 1 51  ? -19.59899 -10.30698 1.00016   1.000 27.41169 ? 51  THR A CA  1 
ATOM   414  C  C   . THR A 1 51  ? -18.61059 -9.49693  1.82580   1.000 27.43309 ? 51  THR A C   1 
ATOM   415  O  O   . THR A 1 51  ? -17.62492 -10.02090 2.36522   1.000 25.14193 ? 51  THR A O   1 
ATOM   416  C  CB  . THR A 1 51  ? -20.78113 -10.70631 1.90805   1.000 23.39684 ? 51  THR A CB  1 
ATOM   417  O  OG1 . THR A 1 51  ? -20.32380 -11.58551 2.95450   1.000 29.11600 ? 51  THR A OG1 1 
ATOM   418  C  CG2 . THR A 1 51  ? -21.87321 -11.42536 1.09425   1.000 25.95275 ? 51  THR A CG2 1 
ATOM   419  N  N   . GLU A 1 52  ? -18.92786 -8.21182  1.95157   1.000 27.09091 ? 52  GLU A N   1 
ATOM   420  C  CA  . GLU A 1 52  ? -18.13345 -7.32497  2.80110   1.000 33.59844 ? 52  GLU A CA  1 
ATOM   421  C  C   . GLU A 1 52  ? -18.01197 -7.85560  4.22884   1.000 25.57782 ? 52  GLU A C   1 
ATOM   422  O  O   . GLU A 1 52  ? -16.93116 -7.81093  4.81867   1.000 23.50855 ? 52  GLU A O   1 
ATOM   423  C  CB  . GLU A 1 52  ? -18.74286 -5.92187  2.81071   1.000 33.04857 ? 52  GLU A CB  1 
ATOM   424  C  CG  . GLU A 1 52  ? -17.70195 -4.81831  2.96413   1.000 46.96725 ? 52  GLU A CG  1 
ATOM   425  C  CD  . GLU A 1 52  ? -18.29007 -3.47739  3.37967   1.000 62.50235 ? 52  GLU A CD  1 
ATOM   426  O  OE1 . GLU A 1 52  ? -17.81376 -2.43702  2.84683   1.000 65.34385 ? 52  GLU A OE1 1 
ATOM   427  O  OE2 . GLU A 1 52  ? -19.20802 -3.46637  4.24287   1.000 60.27706 ? 52  GLU A OE2 1 
ATOM   428  N  N   . ALA A 1 53  ? -19.11340 -8.33544  4.82118   1.000 23.60931 ? 53  ALA A N   1 
ATOM   429  C  CA  . ALA A 1 53  ? -19.03725 -8.83242  6.19418   1.000 25.13591 ? 53  ALA A CA  1 
ATOM   430  C  C   . ALA A 1 53  ? -18.09564 -10.03902 6.31031   1.000 24.99819 ? 53  ALA A C   1 
ATOM   431  O  O   . ALA A 1 53  ? -17.36289 -10.18172 7.30633   1.000 22.42815 ? 53  ALA A O   1 
ATOM   432  C  CB  . ALA A 1 53  ? -20.44503 -9.17467  6.71554   1.000 26.21594 ? 53  ALA A CB  1 
ATOM   433  N  N   . GLU A 1 54  ? -18.09216 -10.92172 5.30272   1.000 22.28294 ? 54  GLU A N   1 
ATOM   434  C  CA  . GLU A 1 54  ? -17.13396 -12.02459 5.29062   1.000 24.81253 ? 54  GLU A CA  1 
ATOM   435  C  C   . GLU A 1 54  ? -15.69598 -11.50634 5.22475   1.000 22.96319 ? 54  GLU A C   1 
ATOM   436  O  O   . GLU A 1 54  ? -14.79535 -12.03660 5.88872   1.000 23.35449 ? 54  GLU A O   1 
ATOM   437  C  CB  . GLU A 1 54  ? -17.41241 -12.93874 4.10010   1.000 23.94129 ? 54  GLU A CB  1 
ATOM   438  C  CG  . GLU A 1 54  ? -18.48281 -13.98691 4.36788   1.000 33.87795 ? 54  GLU A CG  1 
ATOM   439  C  CD  . GLU A 1 54  ? -18.71333 -14.84648 3.13613   1.000 34.58911 ? 54  GLU A CD  1 
ATOM   440  O  OE1 . GLU A 1 54  ? -19.24468 -14.31817 2.13655   1.000 34.22948 ? 54  GLU A OE1 1 
ATOM   441  O  OE2 . GLU A 1 54  ? -18.31232 -16.02712 3.14766   1.000 42.36014 ? 54  GLU A OE2 1 
ATOM   442  N  N   . MET A 1 55  ? -15.45796 -10.50011 4.40012   1.000 22.16131 ? 55  MET A N   1 
ATOM   443  C  CA  . MET A 1 55  ? -14.11495 -9.93744  4.34106   1.000 25.15238 ? 55  MET A CA  1 
ATOM   444  C  C   . MET A 1 55  ? -13.69106 -9.38354  5.69665   1.000 24.30007 ? 55  MET A C   1 
ATOM   445  O  O   . MET A 1 55  ? -12.59415 -9.68321  6.17130   1.000 25.01060 ? 55  MET A O   1 
ATOM   446  C  CB  . MET A 1 55  ? -14.05494 -8.86658  3.27364   1.000 23.70088 ? 55  MET A CB  1 
ATOM   447  C  CG  . MET A 1 55  ? -14.13203 -9.44632  1.86768   1.000 31.44040 ? 55  MET A CG  1 
ATOM   448  S  SD  . MET A 1 55  ? -13.99393 -8.20797  0.57655   1.000 42.91016 ? 55  MET A SD  1 
ATOM   449  C  CE  . MET A 1 55  ? -13.68118 -9.28175  -0.84063  1.000 46.90772 ? 55  MET A CE  1 
ATOM   450  N  N   . LYS A 1 56  ? -14.56492 -8.59761  6.34845   1.000 24.94753 ? 56  LYS A N   1 
ATOM   451  C  CA  . LYS A 1 56  ? -14.23427 -8.03296  7.66230   1.000 25.25421 ? 56  LYS A CA  1 
ATOM   452  C  C   . LYS A 1 56  ? -14.04922 -9.11103  8.72579   1.000 30.77152 ? 56  LYS A C   1 
ATOM   453  O  O   . LYS A 1 56  ? -13.29912 -8.91421  9.68479   1.000 24.66130 ? 56  LYS A O   1 
ATOM   454  C  CB  . LYS A 1 56  ? -15.31316 -7.04581  8.09962   1.000 22.75795 ? 56  LYS A CB  1 
ATOM   455  C  CG  . LYS A 1 56  ? -15.39098 -5.80946  7.23794   1.000 33.02557 ? 56  LYS A CG  1 
ATOM   456  C  CD  . LYS A 1 56  ? -16.72225 -5.08125  7.42488   1.000 46.13905 ? 56  LYS A CD  1 
ATOM   457  C  CE  . LYS A 1 56  ? -16.72530 -3.74146  6.70170   1.000 47.51777 ? 56  LYS A CE  1 
ATOM   458  N  NZ  . LYS A 1 56  ? -15.77229 -2.77337  7.33978   1.000 51.21994 ? 56  LYS A NZ  1 
ATOM   459  N  N   . ALA A 1 57  ? -14.73259 -10.24619 8.59407   1.000 28.86276 ? 57  ALA A N   1 
ATOM   460  C  CA  . ALA A 1 57  ? -14.58674 -11.31334 9.57024   1.000 27.74630 ? 57  ALA A CA  1 
ATOM   461  C  C   . ALA A 1 57  ? -13.37469 -12.18786 9.30917   1.000 32.16334 ? 57  ALA A C   1 
ATOM   462  O  O   . ALA A 1 57  ? -13.06971 -13.05493 10.14081  1.000 35.43634 ? 57  ALA A O   1 
ATOM   463  C  CB  . ALA A 1 57  ? -15.85505 -12.17898 9.59959   1.000 30.09821 ? 57  ALA A CB  1 
ATOM   464  N  N   . SER A 1 58  ? -12.69067 -11.99861 8.17497   1.000 28.14333 ? 58  SER A N   1 
ATOM   465  C  CA  . SER A 1 58  ? -11.61926 -12.90155 7.79255   1.000 24.79797 ? 58  SER A CA  1 
ATOM   466  C  C   . SER A 1 58  ? -10.36704 -12.62791 8.61715   1.000 25.44055 ? 58  SER A C   1 
ATOM   467  O  O   . SER A 1 58  ? -9.74406  -11.56643 8.47467   1.000 23.16368 ? 58  SER A O   1 
ATOM   468  C  CB  . SER A 1 58  ? -11.30218 -12.74893 6.31603   1.000 24.11531 ? 58  SER A CB  1 
ATOM   469  O  OG  . SER A 1 58  ? -10.22084 -13.60985 6.00648   1.000 24.69128 ? 58  SER A OG  1 
ATOM   470  N  N   . GLU A 1 59  ? -9.97998  -13.57371 9.47190   1.000 27.35711 ? 59  GLU A N   1 
ATOM   471  C  CA  . GLU A 1 59  ? -8.72067  -13.37190 10.17033  1.000 28.24085 ? 59  GLU A CA  1 
ATOM   472  C  C   . GLU A 1 59  ? -7.54520  -13.40158 9.19866   1.000 29.85327 ? 59  GLU A C   1 
ATOM   473  O  O   . GLU A 1 59  ? -6.56642  -12.66159 9.39422   1.000 24.93361 ? 59  GLU A O   1 
ATOM   474  C  CB  . GLU A 1 59  ? -8.52354  -14.40862 11.27919  1.000 25.75589 ? 59  GLU A CB  1 
ATOM   475  C  CG  . GLU A 1 59  ? -7.40812  -13.97600 12.24757  1.000 38.45946 ? 59  GLU A CG  1 
ATOM   476  C  CD  . GLU A 1 59  ? -7.21146  -14.91833 13.42868  1.000 47.99434 ? 59  GLU A CD  1 
ATOM   477  O  OE1 . GLU A 1 59  ? -6.21998  -14.73571 14.18161  1.000 43.72340 ? 59  GLU A OE1 1 
ATOM   478  O  OE2 . GLU A 1 59  ? -8.03621  -15.84736 13.59658  1.000 50.00584 ? 59  GLU A OE2 1 
ATOM   479  N  N   . ASP A 1 60  ? -7.62016  -14.23853 8.14902   1.000 24.82833 ? 60  ASP A N   1 
ATOM   480  C  CA  . ASP A 1 60  ? -6.55068  -14.29684 7.14739   1.000 25.38195 ? 60  ASP A CA  1 
ATOM   481  C  C   . ASP A 1 60  ? -6.34536  -12.93985 6.47966   1.000 22.55465 ? 60  ASP A C   1 
ATOM   482  O  O   . ASP A 1 60  ? -5.20822  -12.46354 6.33390   1.000 23.91547 ? 60  ASP A O   1 
ATOM   483  C  CB  . ASP A 1 60  ? -6.88554  -15.34808 6.09340   1.000 30.74937 ? 60  ASP A CB  1 
ATOM   484  C  CG  . ASP A 1 60  ? -6.37491  -16.72406 6.45490   1.000 43.39354 ? 60  ASP A CG  1 
ATOM   485  O  OD1 . ASP A 1 60  ? -5.74163  -16.86937 7.53155   1.000 38.23864 ? 60  ASP A OD1 1 
ATOM   486  O  OD2 . ASP A 1 60  ? -6.61769  -17.66411 5.65176   1.000 53.14313 ? 60  ASP A OD2 1 
ATOM   487  N  N   . LEU A 1 61  ? -7.44527  -12.29926 6.08051   1.000 22.42094 ? 61  LEU A N   1 
ATOM   488  C  CA  . LEU A 1 61  ? -7.35810  -11.00387 5.41503   1.000 25.42973 ? 61  LEU A CA  1 
ATOM   489  C  C   . LEU A 1 61  ? -6.79554  -9.95321  6.36211   1.000 22.34463 ? 61  LEU A C   1 
ATOM   490  O  O   . LEU A 1 61  ? -5.93001  -9.16042  5.97228   1.000 21.30144 ? 61  LEU A O   1 
ATOM   491  C  CB  . LEU A 1 61  ? -8.73913  -10.58520 4.89664   1.000 21.99203 ? 61  LEU A CB  1 
ATOM   492  C  CG  . LEU A 1 61  ? -8.89480  -9.33525  4.00835   1.000 26.64108 ? 61  LEU A CG  1 
ATOM   493  C  CD1 . LEU A 1 61  ? -10.19925 -9.39232  3.21556   1.000 31.18114 ? 61  LEU A CD1 1 
ATOM   494  C  CD2 . LEU A 1 61  ? -8.82052  -7.96943  4.74912   1.000 24.90726 ? 61  LEU A CD2 1 
ATOM   495  N  N   . LYS A 1 62  ? -7.28107  -9.93283  7.60838   1.000 21.51537 ? 62  LYS A N   1 
ATOM   496  C  CA  . LYS A 1 62  ? -6.80536  -8.96171  8.60257   1.000 19.69197 ? 62  LYS A CA  1 
ATOM   497  C  C   . LYS A 1 62  ? -5.30569  -9.10136  8.84827   1.000 20.31971 ? 62  LYS A C   1 
ATOM   498  O  O   . LYS A 1 62  ? -4.55351  -8.10575  8.83072   1.000 20.49324 ? 62  LYS A O   1 
ATOM   499  C  CB  . LYS A 1 62  ? -7.58889  -9.15690  9.90811   1.000 21.46558 ? 62  LYS A CB  1 
ATOM   500  C  CG  . LYS A 1 62  ? -7.27678  -8.14565  10.98388  1.000 24.52155 ? 62  LYS A CG  1 
ATOM   501  C  CD  . LYS A 1 62  ? -8.22264  -8.26523  12.22492  1.000 26.46755 ? 62  LYS A CD  1 
ATOM   502  C  CE  . LYS A 1 62  ? -8.20354  -9.67197  12.85275  1.000 26.82402 ? 62  LYS A CE  1 
ATOM   503  N  NZ  . LYS A 1 62  ? -8.74664  -9.68179  14.26060  1.000 27.58922 ? 62  LYS A NZ  1 
ATOM   504  N  N   . LYS A 1 63  ? -4.85113  -10.33371 9.11308   1.000 19.58280 ? 63  LYS A N   1 
ATOM   505  C  CA  . LYS A 1 63  ? -3.42453  -10.59256 9.28380   1.000 19.19879 ? 63  LYS A CA  1 
ATOM   506  C  C   . LYS A 1 63  ? -2.62738  -10.15254 8.06349   1.000 21.89544 ? 63  LYS A C   1 
ATOM   507  O  O   . LYS A 1 63  ? -1.53481  -9.57010  8.19071   1.000 18.11153 ? 63  LYS A O   1 
ATOM   508  C  CB  . LYS A 1 63  ? -3.19336  -12.07495 9.56815   1.000 20.05280 ? 63  LYS A CB  1 
ATOM   509  C  CG  . LYS A 1 63  ? -3.56012  -12.40038 11.02643  1.000 24.30731 ? 63  LYS A CG  1 
ATOM   510  C  CD  . LYS A 1 63  ? -3.95613  -13.83099 11.29479  1.000 36.89172 ? 63  LYS A CD  1 
ATOM   511  C  CE  . LYS A 1 63  ? -2.99285  -14.79324 10.70657  1.000 39.57022 ? 63  LYS A CE  1 
ATOM   512  N  NZ  . LYS A 1 63  ? -3.37120  -16.15659 11.15886  1.000 43.38168 ? 63  LYS A NZ  1 
ATOM   513  N  N   . HIS A 1 64  ? -3.15611  -10.39958 6.86812   1.000 19.05678 ? 64  HIS A N   1 
ATOM   514  C  CA  . HIS A 1 64  ? -2.40611  -9.97516  5.68872   1.000 21.17588 ? 64  HIS A CA  1 
ATOM   515  C  C   . HIS A 1 64  ? -2.33111  -8.44638  5.56868   1.000 20.36017 ? 64  HIS A C   1 
ATOM   516  O  O   . HIS A 1 64  ? -1.29823  -7.90458  5.16520   1.000 19.98904 ? 64  HIS A O   1 
ATOM   517  C  CB  . HIS A 1 64  ? -3.02257  -10.56305 4.42720   1.000 23.60487 ? 64  HIS A CB  1 
ATOM   518  C  CG  . HIS A 1 64  ? -2.15116  -10.37464 3.23603   1.000 26.89208 ? 64  HIS A CG  1 
ATOM   519  N  ND1 . HIS A 1 64  ? -0.89162  -10.93484 3.15208   1.000 34.74310 ? 64  HIS A ND1 1 
ATOM   520  C  CD2 . HIS A 1 64  ? -2.31950  -9.64241  2.10947   1.000 31.76852 ? 64  HIS A CD2 1 
ATOM   521  C  CE1 . HIS A 1 64  ? -0.32964  -10.57025 2.01273   1.000 29.34244 ? 64  HIS A CE1 1 
ATOM   522  N  NE2 . HIS A 1 64  ? -1.17030  -9.78386  1.36340   1.000 30.11987 ? 64  HIS A NE2 1 
ATOM   523  N  N   . GLY A 1 65  ? -3.42968  -7.74293  5.85413   1.000 16.95130 ? 65  GLY A N   1 
ATOM   524  C  CA  . GLY A 1 65  ? -3.39161  -6.27879  5.84789   1.000 13.92995 ? 65  GLY A CA  1 
ATOM   525  C  C   . GLY A 1 65  ? -2.31106  -5.74317  6.77091   1.000 20.06471 ? 65  GLY A C   1 
ATOM   526  O  O   . GLY A 1 65  ? -1.60715  -4.77713  6.43878   1.000 16.93178 ? 65  GLY A O   1 
ATOM   527  N  N   . VAL A 1 66  ? -2.15294  -6.37137  7.93695   1.000 15.17432 ? 66  VAL A N   1 
ATOM   528  C  CA  . VAL A 1 66  ? -1.07792  -5.94161  8.84555   1.000 15.82278 ? 66  VAL A CA  1 
ATOM   529  C  C   . VAL A 1 66  ? 0.28105   -6.19011  8.20928   1.000 18.70737 ? 66  VAL A C   1 
ATOM   530  O  O   . VAL A 1 66  ? 1.17680   -5.33850  8.26865   1.000 16.17067 ? 66  VAL A O   1 
ATOM   531  C  CB  . VAL A 1 66  ? -1.19418  -6.63597  10.21525  1.000 15.01527 ? 66  VAL A CB  1 
ATOM   532  C  CG1 . VAL A 1 66  ? 0.05004   -6.32797  11.15306  1.000 16.74372 ? 66  VAL A CG1 1 
ATOM   533  C  CG2 . VAL A 1 66  ? -2.47256  -6.21030  10.92764  1.000 15.74968 ? 66  VAL A CG2 1 
ATOM   534  N  N   . THR A 1 67  ? 0.46951   -7.35907  7.58886   1.000 15.58470 ? 67  THR A N   1 
ATOM   535  C  CA  . THR A 1 67  ? 1.75478   -7.62227  6.94055   1.000 15.36322 ? 67  THR A CA  1 
ATOM   536  C  C   . THR A 1 67  ? 2.07280   -6.57248  5.86296   1.000 17.45986 ? 67  THR A C   1 
ATOM   537  O  O   . THR A 1 67  ? 3.21245   -6.05801  5.78257   1.000 17.90318 ? 67  THR A O   1 
ATOM   538  C  CB  . THR A 1 67  ? 1.71649   -9.04729  6.35848   1.000 22.39963 ? 67  THR A CB  1 
ATOM   539  O  OG1 . THR A 1 67  ? 1.71212   -9.96759  7.45140   1.000 24.07490 ? 67  THR A OG1 1 
ATOM   540  C  CG2 . THR A 1 67  ? 2.89207   -9.34004  5.47050   1.000 21.86761 ? 67  THR A CG2 1 
ATOM   541  N  N   . VAL A 1 68  ? 1.06337   -6.21979  5.05027   1.000 13.02336 ? 68  VAL A N   1 
ATOM   542  C  CA  . VAL A 1 68  ? 1.23538   -5.24404  3.95732   1.000 15.61479 ? 68  VAL A CA  1 
ATOM   543  C  C   . VAL A 1 68  ? 1.58616   -3.86344  4.50980   1.000 18.55194 ? 68  VAL A C   1 
ATOM   544  O  O   . VAL A 1 68  ? 2.56806   -3.22687  4.08770   1.000 15.06931 ? 68  VAL A O   1 
ATOM   545  C  CB  . VAL A 1 68  ? -0.03420  -5.17102  3.09525   1.000 16.47777 ? 68  VAL A CB  1 
ATOM   546  C  CG1 . VAL A 1 68  ? 0.06909   -4.00555  2.07631   1.000 17.84259 ? 68  VAL A CG1 1 
ATOM   547  C  CG2 . VAL A 1 68  ? -0.28638  -6.51895  2.36505   1.000 18.57654 ? 68  VAL A CG2 1 
ATOM   548  N  N   . LEU A 1 69  ? 0.77907   -3.37185  5.46215   1.000 15.41267 ? 69  LEU A N   1 
ATOM   549  C  CA  . LEU A 1 69  ? 1.01434   -2.02915  5.97140   1.000 14.88065 ? 69  LEU A CA  1 
ATOM   550  C  C   . LEU A 1 69  ? 2.30041   -1.95886  6.78082   1.000 14.46357 ? 69  LEU A C   1 
ATOM   551  O  O   . LEU A 1 69  ? 2.93544   -0.90574  6.80043   1.000 16.33444 ? 69  LEU A O   1 
ATOM   552  C  CB  . LEU A 1 69  ? -0.16500  -1.54906  6.83700   1.000 13.58651 ? 69  LEU A CB  1 
ATOM   553  C  CG  . LEU A 1 69  ? -1.47720  -1.29633  6.08062   1.000 17.40320 ? 69  LEU A CG  1 
ATOM   554  C  CD1 . LEU A 1 69  ? -2.52080  -0.65348  7.00174   1.000 17.03138 ? 69  LEU A CD1 1 
ATOM   555  C  CD2 . LEU A 1 69  ? -1.21256  -0.44141  4.80919   1.000 18.29124 ? 69  LEU A CD2 1 
ATOM   556  N  N   . THR A 1 70  ? 2.67764   -3.02365  7.49869   1.000 13.74321 ? 70  THR A N   1 
ATOM   557  C  CA  . THR A 1 70  ? 3.96349   -3.01966  8.20852   1.000 18.80278 ? 70  THR A CA  1 
ATOM   558  C  C   . THR A 1 70  ? 5.13279   -2.87607  7.23559   1.000 20.26417 ? 70  THR A C   1 
ATOM   559  O  O   . THR A 1 70  ? 6.07619   -2.10238  7.47588   1.000 17.37819 ? 70  THR A O   1 
ATOM   560  C  CB  . THR A 1 70  ? 4.11124   -4.30276  9.04529   1.000 18.92662 ? 70  THR A CB  1 
ATOM   561  O  OG1 . THR A 1 70  ? 3.03967   -4.33644  10.00527  1.000 18.64269 ? 70  THR A OG1 1 
ATOM   562  C  CG2 . THR A 1 70  ? 5.47886   -4.32305  9.76799   1.000 25.51509 ? 70  THR A CG2 1 
ATOM   563  N  N   . ALA A 1 71  ? 5.08914   -3.60334  6.12077   1.000 16.63574 ? 71  ALA A N   1 
ATOM   564  C  CA  . ALA A 1 71  ? 6.17507   -3.46296  5.15319   1.000 15.24627 ? 71  ALA A CA  1 
ATOM   565  C  C   . ALA A 1 71  ? 6.19353   -2.05650  4.53485   1.000 17.69973 ? 71  ALA A C   1 
ATOM   566  O  O   . ALA A 1 71  ? 7.25719   -1.42300  4.42002   1.000 17.08894 ? 71  ALA A O   1 
ATOM   567  C  CB  . ALA A 1 71  ? 6.04873   -4.54385  4.08973   1.000 17.87558 ? 71  ALA A CB  1 
ATOM   568  N  N   . LEU A 1 72  ? 5.02124   -1.54364  4.15726   1.000 17.08429 ? 72  LEU A N   1 
ATOM   569  C  CA  . LEU A 1 72  ? 4.95568   -0.18867  3.60671   1.000 19.96738 ? 72  LEU A CA  1 
ATOM   570  C  C   . LEU A 1 72  ? 5.42533   0.84630   4.61846   1.000 16.25849 ? 72  LEU A C   1 
ATOM   571  O  O   . LEU A 1 72  ? 6.15081   1.77790   4.26544   1.000 17.18334 ? 72  LEU A O   1 
ATOM   572  C  CB  . LEU A 1 72  ? 3.52771   0.12945   3.17084   1.000 17.10554 ? 72  LEU A CB  1 
ATOM   573  C  CG  . LEU A 1 72  ? 3.35112   1.54886   2.61084   1.000 15.72831 ? 72  LEU A CG  1 
ATOM   574  C  CD1 . LEU A 1 72  ? 4.21876   1.67882   1.37522   1.000 17.21341 ? 72  LEU A CD1 1 
ATOM   575  C  CD2 . LEU A 1 72  ? 1.87683   1.78935   2.28438   1.000 18.54755 ? 72  LEU A CD2 1 
ATOM   576  N  N   . GLY A 1 73  ? 4.97971   0.72987   5.86806   1.000 15.80949 ? 73  GLY A N   1 
ATOM   577  C  CA  . GLY A 1 73  ? 5.41237   1.65186   6.90372   1.000 17.45050 ? 73  GLY A CA  1 
ATOM   578  C  C   . GLY A 1 73  ? 6.91709   1.64170   7.09517   1.000 25.10256 ? 73  GLY A C   1 
ATOM   579  O  O   . GLY A 1 73  ? 7.53951   2.70943   7.21923   1.000 19.56043 ? 73  GLY A O   1 
ATOM   580  N  N   . ALA A 1 74  ? 7.52476   0.43938   7.10935   1.000 16.99168 ? 74  ALA A N   1 
ATOM   581  C  CA  . ALA A 1 74  ? 8.97938   0.35334   7.18927   1.000 17.48681 ? 74  ALA A CA  1 
ATOM   582  C  C   . ALA A 1 74  ? 9.63358   1.09875   6.03695   1.000 17.81488 ? 74  ALA A C   1 
ATOM   583  O  O   . ALA A 1 74  ? 10.64988  1.77940   6.23098   1.000 20.30185 ? 74  ALA A O   1 
ATOM   584  C  CB  . ALA A 1 74  ? 9.42553   -1.11099  7.19461   1.000 18.38257 ? 74  ALA A CB  1 
ATOM   585  N  N   . ILE A 1 75  ? 9.05639   1.00131   4.83610   1.000 13.21784 ? 75  ILE A N   1 
ATOM   586  C  CA  . ILE A 1 75  ? 9.63487   1.70632   3.68742   1.000 15.07548 ? 75  ILE A CA  1 
ATOM   587  C  C   . ILE A 1 75  ? 9.48115   3.21589   3.84507   1.000 16.89350 ? 75  ILE A C   1 
ATOM   588  O  O   . ILE A 1 75  ? 10.43126  3.98438   3.61524   1.000 14.82552 ? 75  ILE A O   1 
ATOM   589  C  CB  . ILE A 1 75  ? 9.00985   1.21027   2.36826   1.000 16.72533 ? 75  ILE A CB  1 
ATOM   590  C  CG1 . ILE A 1 75  ? 9.51650   -0.20703  2.07159   1.000 17.59279 ? 75  ILE A CG1 1 
ATOM   591  C  CG2 . ILE A 1 75  ? 9.35499   2.14964   1.23042   1.000 18.29150 ? 75  ILE A CG2 1 
ATOM   592  C  CD1 . ILE A 1 75  ? 8.60719   -1.00118  1.17295   1.000 24.47636 ? 75  ILE A CD1 1 
ATOM   593  N  N   . LEU A 1 76  ? 8.27310   3.66450   4.18781   1.000 13.95883 ? 76  LEU A N   1 
ATOM   594  C  CA  . LEU A 1 76  ? 8.01809   5.10070   4.27551   1.000 16.78906 ? 76  LEU A CA  1 
ATOM   595  C  C   . LEU A 1 76  ? 8.93693   5.76208   5.29247   1.000 18.27649 ? 76  LEU A C   1 
ATOM   596  O  O   . LEU A 1 76  ? 9.44147   6.86140   5.05051   1.000 16.75794 ? 76  LEU A O   1 
ATOM   597  C  CB  . LEU A 1 76  ? 6.56018   5.36855   4.65075   1.000 15.74165 ? 76  LEU A CB  1 
ATOM   598  C  CG  . LEU A 1 76  ? 5.48850   4.99051   3.60953   1.000 18.17953 ? 76  LEU A CG  1 
ATOM   599  C  CD1 . LEU A 1 76  ? 4.12404   5.38569   4.10464   1.000 19.19599 ? 76  LEU A CD1 1 
ATOM   600  C  CD2 . LEU A 1 76  ? 5.77552   5.71181   2.29767   1.000 23.20342 ? 76  LEU A CD2 1 
ATOM   601  N  N   . LYS A 1 77  ? 9.16145   5.10242   6.43310   1.000 17.03904 ? 77  LYS A N   1 
ATOM   602  C  CA  . LYS A 1 77  ? 10.00914  5.66151   7.48168   1.000 20.32753 ? 77  LYS A CA  1 
ATOM   603  C  C   . LYS A 1 77  ? 11.46491  5.82754   7.05489   1.000 18.54661 ? 77  LYS A C   1 
ATOM   604  O  O   . LYS A 1 77  ? 12.18528  6.58857   7.70873   1.000 20.06203 ? 77  LYS A O   1 
ATOM   605  C  CB  . LYS A 1 77  ? 9.92719   4.79615   8.74719   1.000 19.45568 ? 77  LYS A CB  1 
ATOM   606  C  CG  . LYS A 1 77  ? 8.55567   4.86520   9.43355   1.000 21.00352 ? 77  LYS A CG  1 
ATOM   607  C  CD  . LYS A 1 77  ? 8.49022   3.96929   10.67250  1.000 28.77469 ? 77  LYS A CD  1 
ATOM   608  C  CE  . LYS A 1 77  ? 7.06345   3.84842   11.19624  1.000 26.41921 ? 77  LYS A CE  1 
ATOM   609  N  NZ  . LYS A 1 77  ? 6.93321   2.93037   12.37939  1.000 29.05511 ? 77  LYS A NZ  1 
ATOM   610  N  N   . LYS A 1 78  ? 11.92475  5.11942   6.01499   1.000 17.94402 ? 78  LYS A N   1 
ATOM   611  C  CA  . LYS A 1 78  ? 13.26000  5.33468   5.48577   1.000 19.62608 ? 78  LYS A CA  1 
ATOM   612  C  C   . LYS A 1 78  ? 13.35973  6.60490   4.64158   1.000 20.83123 ? 78  LYS A C   1 
ATOM   613  O  O   . LYS A 1 78  ? 14.46832  6.97276   4.23586   1.000 20.96576 ? 78  LYS A O   1 
ATOM   614  C  CB  . LYS A 1 78  ? 13.71164  4.13137   4.64214   1.000 20.52931 ? 78  LYS A CB  1 
ATOM   615  C  CG  . LYS A 1 78  ? 13.69127  2.76407   5.35686   1.000 24.31004 ? 78  LYS A CG  1 
ATOM   616  C  CD  . LYS A 1 78  ? 14.32246  2.82123   6.73269   1.000 20.73809 ? 78  LYS A CD  1 
ATOM   617  C  CE  . LYS A 1 78  ? 13.95573  1.57835   7.60637   1.000 29.66622 ? 78  LYS A CE  1 
ATOM   618  N  NZ  . LYS A 1 78  ? 12.61000  1.62977   8.33055   1.000 22.84206 ? 78  LYS A NZ  1 
ATOM   619  N  N   . LYS A 1 79  ? 12.24242  7.28164   4.37141   1.000 17.00766 ? 79  LYS A N   1 
ATOM   620  C  CA  . LYS A 1 79  ? 12.25199  8.54664   3.63856   1.000 20.10955 ? 79  LYS A CA  1 
ATOM   621  C  C   . LYS A 1 79  ? 13.10684  8.44504   2.37164   1.000 25.44265 ? 79  LYS A C   1 
ATOM   622  O  O   . LYS A 1 79  ? 14.00670  9.26453   2.11150   1.000 22.85087 ? 79  LYS A O   1 
ATOM   623  C  CB  . LYS A 1 79  ? 12.73895  9.67302   4.54727   1.000 20.54196 ? 79  LYS A CB  1 
ATOM   624  C  CG  . LYS A 1 79  ? 11.84866  9.85736   5.78614   1.000 22.32768 ? 79  LYS A CG  1 
ATOM   625  C  CD  . LYS A 1 79  ? 12.16263  11.15681  6.52455   1.000 31.76620 ? 79  LYS A CD  1 
ATOM   626  C  CE  . LYS A 1 79  ? 13.45339  11.07500  7.30250   1.000 33.92868 ? 79  LYS A CE  1 
ATOM   627  N  NZ  . LYS A 1 79  ? 13.57603  12.29261  8.19313   1.000 37.86326 ? 79  LYS A NZ  1 
ATOM   628  N  N   . GLY A 1 80  ? 12.80461  7.43326   1.55710   1.000 20.69380 ? 80  GLY A N   1 
ATOM   629  C  CA  . GLY A 1 80  ? 13.45766  7.26222   0.28277   1.000 19.51906 ? 80  GLY A CA  1 
ATOM   630  C  C   . GLY A 1 80  ? 14.71488  6.42097   0.30732   1.000 21.78014 ? 80  GLY A C   1 
ATOM   631  O  O   . GLY A 1 80  ? 15.11925  5.90323   -0.74923  1.000 24.38691 ? 80  GLY A O   1 
ATOM   632  N  N   . HIS A 1 81  ? 15.33632  6.24885   1.48169   1.000 24.94986 ? 81  HIS A N   1 
ATOM   633  C  CA  . HIS A 1 81  ? 16.53955  5.41417   1.63683   1.000 22.31831 ? 81  HIS A CA  1 
ATOM   634  C  C   . HIS A 1 81  ? 16.13154  3.97070   1.94119   1.000 20.97326 ? 81  HIS A C   1 
ATOM   635  O  O   . HIS A 1 81  ? 16.39708  3.41253   3.00906   1.000 19.73588 ? 81  HIS A O   1 
ATOM   636  C  CB  . HIS A 1 81  ? 17.43470  6.00215   2.71438   1.000 22.58938 ? 81  HIS A CB  1 
ATOM   637  C  CG  . HIS A 1 81  ? 17.86188  7.40770   2.40271   1.000 34.16660 ? 81  HIS A CG  1 
ATOM   638  N  ND1 . HIS A 1 81  ? 18.97727  7.69569   1.64553   1.000 38.28356 ? 81  HIS A ND1 1 
ATOM   639  C  CD2 . HIS A 1 81  ? 17.29868  8.60248   2.70961   1.000 37.81210 ? 81  HIS A CD2 1 
ATOM   640  C  CE1 . HIS A 1 81  ? 19.09308  9.00585   1.51359   1.000 44.35346 ? 81  HIS A CE1 1 
ATOM   641  N  NE2 . HIS A 1 81  ? 18.08636  9.58090   2.14582   1.000 38.30706 ? 81  HIS A NE2 1 
ATOM   642  N  N   . HIS A 1 82  ? 15.45745  3.36032   0.95097   1.000 18.43992 ? 82  HIS A N   1 
ATOM   643  C  CA  . HIS A 1 82  ? 14.70169  2.13392   1.20013   1.000 21.99711 ? 82  HIS A CA  1 
ATOM   644  C  C   . HIS A 1 82  ? 15.13326  0.95068   0.32421   1.000 20.74756 ? 82  HIS A C   1 
ATOM   645  O  O   . HIS A 1 82  ? 14.36898  -0.02537  0.20929   1.000 21.37360 ? 82  HIS A O   1 
ATOM   646  C  CB  . HIS A 1 82  ? 13.20117  2.41282   0.99951   1.000 18.12209 ? 82  HIS A CB  1 
ATOM   647  C  CG  . HIS A 1 82  ? 12.88551  3.03193   -0.32522  1.000 19.16256 ? 82  HIS A CG  1 
ATOM   648  N  ND1 . HIS A 1 82  ? 11.94107  4.02223   -0.47731  1.000 21.53739 ? 82  HIS A ND1 1 
ATOM   649  C  CD2 . HIS A 1 82  ? 13.41728  2.83013   -1.55662  1.000 17.49517 ? 82  HIS A CD2 1 
ATOM   650  C  CE1 . HIS A 1 82  ? 11.88223  4.38075   -1.74898  1.000 21.42573 ? 82  HIS A CE1 1 
ATOM   651  N  NE2 . HIS A 1 82  ? 12.76897  3.67296   -2.42371  1.000 20.08298 ? 82  HIS A NE2 1 
ATOM   652  N  N   . GLU A 1 83  ? 16.32548  0.98952   -0.29555  1.000 21.69761 ? 83  GLU A N   1 
ATOM   653  C  CA  . GLU A 1 83  ? 16.73521  -0.13496  -1.15044  1.000 23.15244 ? 83  GLU A CA  1 
ATOM   654  C  C   . GLU A 1 83  ? 16.62141  -1.47415  -0.41340  1.000 20.37336 ? 83  GLU A C   1 
ATOM   655  O  O   . GLU A 1 83  ? 16.12324  -2.46818  -0.96998  1.000 24.50645 ? 83  GLU A O   1 
ATOM   656  C  CB  . GLU A 1 83  ? 18.16649  0.03612   -1.66620  1.000 30.09946 ? 83  GLU A CB  1 
ATOM   657  C  CG  . GLU A 1 83  ? 18.76743  -1.34507  -2.09453  1.000 32.38672 ? 83  GLU A CG  1 
ATOM   658  C  CD  . GLU A 1 83  ? 20.14022  -1.30741  -2.80506  1.000 46.47282 ? 83  GLU A CD  1 
ATOM   659  O  OE1 . GLU A 1 83  ? 20.41532  -0.34799  -3.57162  1.000 39.98813 ? 83  GLU A OE1 1 
ATOM   660  O  OE2 . GLU A 1 83  ? 20.94717  -2.26916  -2.59010  1.000 35.75805 ? 83  GLU A OE2 1 
ATOM   661  N  N   . ALA A 1 84  ? 17.10707  -1.52337  0.83144   1.000 20.23199 ? 84  ALA A N   1 
ATOM   662  C  CA  . ALA A 1 84  ? 17.20339  -2.80000  1.55297   1.000 20.60060 ? 84  ALA A CA  1 
ATOM   663  C  C   . ALA A 1 84  ? 15.82859  -3.34818  1.93329   1.000 22.56635 ? 84  ALA A C   1 
ATOM   664  O  O   . ALA A 1 84  ? 15.64289  -4.56829  2.06106   1.000 18.85438 ? 84  ALA A O   1 
ATOM   665  C  CB  . ALA A 1 84  ? 18.06241  -2.62595  2.80598   1.000 22.26785 ? 84  ALA A CB  1 
ATOM   666  N  N   . GLU A 1 85  ? 14.85671  -2.46822  2.11439   1.000 21.90194 ? 85  GLU A N   1 
ATOM   667  C  CA  . GLU A 1 85  ? 13.49736  -2.88443  2.44164   1.000 23.76347 ? 85  GLU A CA  1 
ATOM   668  C  C   . GLU A 1 85  ? 12.70999  -3.21779  1.18917   1.000 27.25541 ? 85  GLU A C   1 
ATOM   669  O  O   . GLU A 1 85  ? 11.84300  -4.10821  1.20106   1.000 24.14105 ? 85  GLU A O   1 
ATOM   670  C  CB  . GLU A 1 85  ? 12.81438  -1.76381  3.22244   1.000 22.69105 ? 85  GLU A CB  1 
ATOM   671  C  CG  . GLU A 1 85  ? 13.41139  -1.54201  4.61270   1.000 23.68766 ? 85  GLU A CG  1 
ATOM   672  C  CD  . GLU A 1 85  ? 14.74871  -0.79515  4.60977   1.000 27.74315 ? 85  GLU A CD  1 
ATOM   673  O  OE1 . GLU A 1 85  ? 15.07847  -0.11165  3.61522   1.000 24.52027 ? 85  GLU A OE1 1 
ATOM   674  O  OE2 . GLU A 1 85  ? 15.48603  -0.89900  5.61353   1.000 28.57598 ? 85  GLU A OE2 1 
ATOM   675  N  N   . LEU A 1 86  ? 13.03994  -2.53859  0.09132   1.000 22.57958 ? 86  LEU A N   1 
ATOM   676  C  CA  . LEU A 1 86  ? 12.28555  -2.65973  -1.14191  1.000 22.44482 ? 86  LEU A CA  1 
ATOM   677  C  C   . LEU A 1 86  ? 12.69327  -3.88145  -1.95353  1.000 26.39241 ? 86  LEU A C   1 
ATOM   678  O  O   . LEU A 1 86  ? 11.83823  -4.50941  -2.59145  1.000 22.48545 ? 86  LEU A O   1 
ATOM   679  C  CB  . LEU A 1 86  ? 12.47696  -1.38188  -1.96237  1.000 25.05725 ? 86  LEU A CB  1 
ATOM   680  C  CG  . LEU A 1 86  ? 11.46131  -1.15120  -3.04572  1.000 24.47356 ? 86  LEU A CG  1 
ATOM   681  C  CD1 . LEU A 1 86  ? 10.10753  -0.87916  -2.41200  1.000 30.15636 ? 86  LEU A CD1 1 
ATOM   682  C  CD2 . LEU A 1 86  ? 11.93115  0.00723   -3.94404  1.000 27.46272 ? 86  LEU A CD2 1 
ATOM   683  N  N   . LYS A 1 87  ? 13.99311  -4.22773  -1.96631  1.000 23.22683 ? 87  LYS A N   1 
ATOM   684  C  CA  . LYS A 1 87  ? 14.44594  -5.33907  -2.80683  1.000 23.64627 ? 87  LYS A CA  1 
ATOM   685  C  C   . LYS A 1 87  ? 13.70954  -6.64764  -2.53464  1.000 23.54636 ? 87  LYS A C   1 
ATOM   686  O  O   . LYS A 1 87  ? 13.23224  -7.26414  -3.50234  1.000 22.29393 ? 87  LYS A O   1 
ATOM   687  C  CB  . LYS A 1 87  ? 15.95766  -5.54752  -2.64271  1.000 26.68276 ? 87  LYS A CB  1 
ATOM   688  C  CG  . LYS A 1 87  ? 16.78555  -4.76583  -3.63711  1.000 33.42018 ? 87  LYS A CG  1 
ATOM   689  C  CD  . LYS A 1 87  ? 18.27196  -4.83698  -3.28189  1.000 43.74044 ? 87  LYS A CD  1 
ATOM   690  C  CE  . LYS A 1 87  ? 19.03375  -5.99131  -3.96157  1.000 45.33896 ? 87  LYS A CE  1 
ATOM   691  N  NZ  . LYS A 1 87  ? 20.45575  -6.14861  -3.41102  1.000 38.18833 ? 87  LYS A NZ  1 
ATOM   692  N  N   . PRO A 1 88  ? 13.58651  -7.14573  -1.28247  1.000 24.63402 ? 88  PRO A N   1 
ATOM   693  C  CA  . PRO A 1 88  ? 12.84063  -8.40529  -1.08415  1.000 21.42609 ? 88  PRO A CA  1 
ATOM   694  C  C   . PRO A 1 88  ? 11.39722  -8.31024  -1.53474  1.000 18.33147 ? 88  PRO A C   1 
ATOM   695  O  O   . PRO A 1 88  ? 10.83591  -9.29099  -2.05138  1.000 20.34208 ? 88  PRO A O   1 
ATOM   696  C  CB  . PRO A 1 88  ? 12.94882  -8.64632  0.43763   1.000 19.69874 ? 88  PRO A CB  1 
ATOM   697  C  CG  . PRO A 1 88  ? 14.13904  -7.85063  0.87179   1.000 22.41603 ? 88  PRO A CG  1 
ATOM   698  C  CD  . PRO A 1 88  ? 14.07644  -6.61221  0.00073   1.000 20.79496 ? 88  PRO A CD  1 
ATOM   699  N  N   . LEU A 1 89  ? 10.78905  -7.12263  -1.36793  1.000 20.63325 ? 89  LEU A N   1 
ATOM   700  C  CA  . LEU A 1 89  ? 9.40466   -6.90100  -1.77692  1.000 19.33282 ? 89  LEU A CA  1 
ATOM   701  C  C   . LEU A 1 89  ? 9.27243   -7.01379  -3.29293  1.000 17.73773 ? 89  LEU A C   1 
ATOM   702  O  O   . LEU A 1 89  ? 8.38162   -7.70688  -3.80365  1.000 21.60865 ? 89  LEU A O   1 
ATOM   703  C  CB  . LEU A 1 89  ? 8.95835   -5.51235  -1.30535  1.000 22.58407 ? 89  LEU A CB  1 
ATOM   704  C  CG  . LEU A 1 89  ? 7.58739   -5.20158  -0.69991  1.000 34.50669 ? 89  LEU A CG  1 
ATOM   705  C  CD1 . LEU A 1 89  ? 6.95082   -3.86983  -1.19773  1.000 22.72145 ? 89  LEU A CD1 1 
ATOM   706  C  CD2 . LEU A 1 89  ? 6.64463   -6.36999  -0.84977  1.000 28.88242 ? 89  LEU A CD2 1 
ATOM   707  N  N   . ALA A 1 90  ? 10.15353  -6.32329  -4.02772  1.000 17.68054 ? 90  ALA A N   1 
ATOM   708  C  CA  . ALA A 1 90  ? 10.22549  -6.48047  -5.48262  1.000 19.49222 ? 90  ALA A CA  1 
ATOM   709  C  C   . ALA A 1 90  ? 10.44459  -7.93476  -5.89432  1.000 19.11372 ? 90  ALA A C   1 
ATOM   710  O  O   . ALA A 1 90  ? 9.78978   -8.43181  -6.81326  1.000 24.02790 ? 90  ALA A O   1 
ATOM   711  C  CB  . ALA A 1 90  ? 11.35520  -5.62575  -6.04498  1.000 19.23038 ? 90  ALA A CB  1 
ATOM   712  N  N   . GLN A 1 91  ? 11.39362  -8.62056  -5.25867  1.000 20.35490 ? 91  GLN A N   1 
ATOM   713  C  CA  . GLN A 1 91  ? 11.67921  -10.01352 -5.61322  1.000 25.94562 ? 91  GLN A CA  1 
ATOM   714  C  C   . GLN A 1 91  ? 10.40242  -10.86292 -5.58187  1.000 29.46127 ? 91  GLN A C   1 
ATOM   715  O  O   . GLN A 1 91  ? 10.02351  -11.50399 -6.58163  1.000 29.32430 ? 91  GLN A O   1 
ATOM   716  C  CB  . GLN A 1 91  ? 12.73773  -10.55580 -4.64940  1.000 29.98083 ? 91  GLN A CB  1 
ATOM   717  C  CG  . GLN A 1 91  ? 13.21442  -11.97198 -4.90660  1.000 37.89630 ? 91  GLN A CG  1 
ATOM   718  C  CD  . GLN A 1 91  ? 14.26383  -12.05435 -6.01262  1.000 47.47606 ? 91  GLN A CD  1 
ATOM   719  O  OE1 . GLN A 1 91  ? 15.40443  -11.59746 -5.84872  1.000 47.51718 ? 91  GLN A OE1 1 
ATOM   720  N  NE2 . GLN A 1 91  ? 13.88099  -12.65688 -7.14977  1.000 54.37585 ? 91  GLN A NE2 1 
ATOM   721  N  N   . SER A 1 92  ? 9.69093   -10.83151 -4.44317  1.000 24.82461 ? 92  SER A N   1 
ATOM   722  C  CA  . SER A 1 92  ? 8.47950   -11.64498 -4.33681  1.000 26.19445 ? 92  SER A CA  1 
ATOM   723  C  C   . SER A 1 92  ? 7.38534   -11.16582 -5.28844  1.000 26.58969 ? 92  SER A C   1 
ATOM   724  O  O   . SER A 1 92  ? 6.67994   -11.98550 -5.89976  1.000 30.28293 ? 92  SER A O   1 
ATOM   725  C  CB  . SER A 1 92  ? 7.95923   -11.65618 -2.90008  1.000 28.71372 ? 92  SER A CB  1 
ATOM   726  O  OG  . SER A 1 92  ? 7.53999   -10.36397 -2.53381  1.000 25.28546 ? 92  SER A OG  1 
ATOM   727  N  N   . HIS A 1 93  ? 7.19834   -9.85258  -5.41916  1.000 21.31003 ? 93  HIS A N   1 
ATOM   728  C  CA  . HIS A 1 93  ? 6.05506   -9.39050  -6.20283  1.000 20.93196 ? 93  HIS A CA  1 
ATOM   729  C  C   . HIS A 1 93  ? 6.27055   -9.47226  -7.71422  1.000 22.57575 ? 93  HIS A C   1 
ATOM   730  O  O   . HIS A 1 93  ? 5.28827   -9.52873  -8.47029  1.000 24.70949 ? 93  HIS A O   1 
ATOM   731  C  CB  . HIS A 1 93  ? 5.69268   -7.96513  -5.77288  1.000 17.99998 ? 93  HIS A CB  1 
ATOM   732  C  CG  . HIS A 1 93  ? 4.94141   -7.96355  -4.48960  1.000 23.35726 ? 93  HIS A CG  1 
ATOM   733  N  ND1 . HIS A 1 93  ? 5.50285   -8.42665  -3.32129  1.000 20.13739 ? 93  HIS A ND1 1 
ATOM   734  C  CD2 . HIS A 1 93  ? 3.63024   -7.75959  -4.22792  1.000 21.58778 ? 93  HIS A CD2 1 
ATOM   735  C  CE1 . HIS A 1 93  ? 4.58968   -8.42411  -2.36767  1.000 27.42100 ? 93  HIS A CE1 1 
ATOM   736  N  NE2 . HIS A 1 93  ? 3.44655   -8.02680  -2.89560  1.000 19.96544 ? 93  HIS A NE2 1 
ATOM   737  N  N   . ALA A 1 94  ? 7.51744   -9.46753  -8.16872  1.000 22.56775 ? 94  ALA A N   1 
ATOM   738  C  CA  . ALA A 1 94  ? 7.77393   -9.61707  -9.59101  1.000 22.75548 ? 94  ALA A CA  1 
ATOM   739  C  C   . ALA A 1 94  ? 7.78888   -11.08842 -9.96791  1.000 31.15287 ? 94  ALA A C   1 
ATOM   740  O  O   . ALA A 1 94  ? 7.12584   -11.49863 -10.93084 1.000 33.58191 ? 94  ALA A O   1 
ATOM   741  C  CB  . ALA A 1 94  ? 9.11063   -8.97701  -9.97120  1.000 22.47622 ? 94  ALA A CB  1 
ATOM   742  N  N   . THR A 1 95  ? 8.50798   -11.90424 -9.19582  1.000 30.26907 ? 95  THR A N   1 
ATOM   743  C  CA  . THR A 1 95  ? 8.78855   -13.25663 -9.65798  1.000 36.56534 ? 95  THR A CA  1 
ATOM   744  C  C   . THR A 1 95  ? 7.81403   -14.29675 -9.13368  1.000 37.74835 ? 95  THR A C   1 
ATOM   745  O  O   . THR A 1 95  ? 7.64311   -15.32974 -9.78943  1.000 39.51386 ? 95  THR A O   1 
ATOM   746  C  CB  . THR A 1 95  ? 10.22264  -13.67791 -9.28692  1.000 37.71494 ? 95  THR A CB  1 
ATOM   747  O  OG1 . THR A 1 95  ? 10.30060  -13.92522 -7.88626  1.000 36.81907 ? 95  THR A OG1 1 
ATOM   748  C  CG2 . THR A 1 95  ? 11.22551  -12.60580 -9.64606  1.000 31.31945 ? 95  THR A CG2 1 
ATOM   749  N  N   . LYS A 1 96  ? 7.17265   -14.06518 -7.98179  1.000 29.12789 ? 96  LYS A N   1 
ATOM   750  C  CA  . LYS A 1 96  ? 6.21883   -15.02244 -7.42993  1.000 33.97355 ? 96  LYS A CA  1 
ATOM   751  C  C   . LYS A 1 96  ? 4.77392   -14.54919 -7.57190  1.000 37.47266 ? 96  LYS A C   1 
ATOM   752  O  O   . LYS A 1 96  ? 3.95821   -15.22272 -8.19975  1.000 42.06292 ? 96  LYS A O   1 
ATOM   753  C  CB  . LYS A 1 96  ? 6.56119   -15.31540 -5.95701  1.000 32.92390 ? 96  LYS A CB  1 
ATOM   754  C  CG  . LYS A 1 96  ? 5.55561   -16.21157 -5.23146  1.000 39.21150 ? 96  LYS A CG  1 
ATOM   755  C  CD  . LYS A 1 96  ? 5.96175   -16.47872 -3.77489  1.000 44.09706 ? 96  LYS A CD  1 
ATOM   756  C  CE  . LYS A 1 96  ? 5.01562   -17.45607 -3.08225  1.000 49.14706 ? 96  LYS A CE  1 
ATOM   757  N  NZ  . LYS A 1 96  ? 5.56586   -18.83780 -2.98330  1.000 55.03932 ? 96  LYS A NZ  1 
ATOM   758  N  N   . HIS A 1 97  ? 4.43730   -13.38003 -7.04174  1.000 28.81406 ? 97  HIS A N   1 
ATOM   759  C  CA  . HIS A 1 97  ? 3.04847   -12.93507 -7.08028  1.000 32.32507 ? 97  HIS A CA  1 
ATOM   760  C  C   . HIS A 1 97  ? 2.66767   -12.33980 -8.42800  1.000 30.47291 ? 97  HIS A C   1 
ATOM   761  O  O   . HIS A 1 97  ? 1.48427   -12.35513 -8.79053  1.000 31.89957 ? 97  HIS A O   1 
ATOM   762  C  CB  . HIS A 1 97  ? 2.80948   -11.90900 -5.98011  1.000 25.81283 ? 97  HIS A CB  1 
ATOM   763  C  CG  . HIS A 1 97  ? 3.26553   -12.38069 -4.64273  1.000 33.72310 ? 97  HIS A CG  1 
ATOM   764  N  ND1 . HIS A 1 97  ? 3.10589   -13.68837 -4.22907  1.000 30.21001 ? 97  HIS A ND1 1 
ATOM   765  C  CD2 . HIS A 1 97  ? 3.90323   -11.73570 -3.63712  1.000 28.00576 ? 97  HIS A CD2 1 
ATOM   766  C  CE1 . HIS A 1 97  ? 3.61744   -13.82428 -3.01883  1.000 30.36947 ? 97  HIS A CE1 1 
ATOM   767  N  NE2 . HIS A 1 97  ? 4.10670   -12.65280 -2.63751  1.000 27.23206 ? 97  HIS A NE2 1 
ATOM   768  N  N   . LYS A 1 98  ? 3.64592   -11.78846 -9.15368  1.000 30.16546 ? 98  LYS A N   1 
ATOM   769  C  CA  . LYS A 1 98  ? 3.45039   -11.20249 -10.48584 1.000 30.04789 ? 98  LYS A CA  1 
ATOM   770  C  C   . LYS A 1 98  ? 2.43100   -10.05542 -10.45288 1.000 34.57776 ? 98  LYS A C   1 
ATOM   771  O  O   . LYS A 1 98  ? 1.37094   -10.09261 -11.10064 1.000 28.93975 ? 98  LYS A O   1 
ATOM   772  C  CB  . LYS A 1 98  ? 3.04834   -12.27693 -11.49945 1.000 37.28345 ? 98  LYS A CB  1 
ATOM   773  C  CG  . LYS A 1 98  ? 4.09093   -13.36358 -11.69106 1.000 37.30710 ? 98  LYS A CG  1 
ATOM   774  C  CD  . LYS A 1 98  ? 3.41855   -14.64710 -12.19718 1.000 45.12090 ? 98  LYS A CD  1 
ATOM   775  C  CE  . LYS A 1 98  ? 4.25402   -15.88459 -11.88659 1.000 52.59600 ? 98  LYS A CE  1 
ATOM   776  N  NZ  . LYS A 1 98  ? 5.67536   -15.71728 -12.37604 1.000 53.64482 ? 98  LYS A NZ  1 
ATOM   777  N  N   . ILE A 1 99  ? 2.79809   -8.99486  -9.73360  1.000 23.94672 ? 99  ILE A N   1 
ATOM   778  C  CA  . ILE A 1 99  ? 1.90920   -7.86958  -9.48126  1.000 23.87730 ? 99  ILE A CA  1 
ATOM   779  C  C   . ILE A 1 99  ? 2.35756   -6.70498  -10.36803 1.000 26.70722 ? 99  ILE A C   1 
ATOM   780  O  O   . ILE A 1 99  ? 3.39474   -6.07873  -10.07088 1.000 26.06487 ? 99  ILE A O   1 
ATOM   781  C  CB  . ILE A 1 99  ? 1.88960   -7.45853  -8.00519  1.000 23.51567 ? 99  ILE A CB  1 
ATOM   782  C  CG1 . ILE A 1 99  ? 1.52379   -8.63922  -7.10064  1.000 20.76799 ? 99  ILE A CG1 1 
ATOM   783  C  CG2 . ILE A 1 99  ? 0.92326   -6.27697  -7.80587  1.000 27.78995 ? 99  ILE A CG2 1 
ATOM   784  C  CD1 . ILE A 1 99  ? 0.23939   -9.34233  -7.51973  1.000 31.32627 ? 99  ILE A CD1 1 
ATOM   785  N  N   . PRO A 1 100 ? 1.60494   -6.35959  -11.40073 1.000 27.26501 ? 100 PRO A N   1 
ATOM   786  C  CA  . PRO A 1 100 ? 1.98328   -5.22013  -12.25226 1.000 27.24107 ? 100 PRO A CA  1 
ATOM   787  C  C   . PRO A 1 100 ? 1.93241   -3.89993  -11.49750 1.000 23.66882 ? 100 PRO A C   1 
ATOM   788  O  O   . PRO A 1 100 ? 1.18796   -3.70845  -10.52492 1.000 25.89317 ? 100 PRO A O   1 
ATOM   789  C  CB  . PRO A 1 100 ? 0.95233   -5.24010  -13.39271 1.000 29.85014 ? 100 PRO A CB  1 
ATOM   790  C  CG  . PRO A 1 100 ? 0.02537   -6.41390  -13.12286 1.000 34.38977 ? 100 PRO A CG  1 
ATOM   791  C  CD  . PRO A 1 100 ? 0.37043   -7.05412  -11.82239 1.000 27.71922 ? 100 PRO A CD  1 
ATOM   792  N  N   . ILE A 1 101 ? 2.76709   -2.97295  -11.96282 1.000 22.16325 ? 101 ILE A N   1 
ATOM   793  C  CA  . ILE A 1 101 ? 2.75153   -1.62286  -11.41170 1.000 23.06783 ? 101 ILE A CA  1 
ATOM   794  C  C   . ILE A 1 101 ? 1.34197   -1.03687  -11.37879 1.000 22.90572 ? 101 ILE A C   1 
ATOM   795  O  O   . ILE A 1 101 ? 0.99775   -0.29486  -10.44687 1.000 20.40751 ? 101 ILE A O   1 
ATOM   796  C  CB  . ILE A 1 101 ? 3.71086   -0.73565  -12.21087 1.000 23.87126 ? 101 ILE A CB  1 
ATOM   797  C  CG1 . ILE A 1 101 ? 5.13561   -1.31495  -12.12800 1.000 26.28331 ? 101 ILE A CG1 1 
ATOM   798  C  CG2 . ILE A 1 101 ? 3.68978   0.70475   -11.66804 1.000 24.14229 ? 101 ILE A CG2 1 
ATOM   799  C  CD1 . ILE A 1 101 ? 5.68870   -1.41251  -10.67761 1.000 23.01508 ? 101 ILE A CD1 1 
ATOM   800  N  N   . LYS A 1 102 ? 0.51704   -1.33683  -12.39459 1.000 21.24606 ? 102 LYS A N   1 
ATOM   801  C  CA  . LYS A 1 102 ? -0.88049  -0.88831  -12.42464 1.000 26.95394 ? 102 LYS A CA  1 
ATOM   802  C  C   . LYS A 1 102 ? -1.63442  -1.26043  -11.13615 1.000 23.47407 ? 102 LYS A C   1 
ATOM   803  O  O   . LYS A 1 102 ? -2.43095  -0.46446  -10.59933 1.000 24.53402 ? 102 LYS A O   1 
ATOM   804  C  CB  . LYS A 1 102 ? -1.57618  -1.52198  -13.63748 1.000 26.04515 ? 102 LYS A CB  1 
ATOM   805  C  CG  . LYS A 1 102 ? -2.88251  -0.89833  -14.03663 1.000 39.06267 ? 102 LYS A CG  1 
ATOM   806  C  CD  . LYS A 1 102 ? -3.50206  -1.56000  -15.30312 1.000 47.91111 ? 102 LYS A CD  1 
ATOM   807  C  CE  . LYS A 1 102 ? -3.21380  -3.06510  -15.42294 1.000 51.67346 ? 102 LYS A CE  1 
ATOM   808  N  NZ  . LYS A 1 102 ? -3.90187  -3.67453  -16.62705 1.000 47.90544 ? 102 LYS A NZ  1 
ATOM   809  N  N   . TYR A 1 103 ? -1.40943  -2.47590  -10.63889 1.000 21.05497 ? 103 TYR A N   1 
ATOM   810  C  CA  . TYR A 1 103 ? -2.05095  -2.90264  -9.39194  1.000 19.73507 ? 103 TYR A CA  1 
ATOM   811  C  C   . TYR A 1 103 ? -1.49237  -2.15456  -8.18280  1.000 21.77370 ? 103 TYR A C   1 
ATOM   812  O  O   . TYR A 1 103 ? -2.20705  -1.92687  -7.19178  1.000 20.16576 ? 103 TYR A O   1 
ATOM   813  C  CB  . TYR A 1 103 ? -1.86920  -4.40476  -9.19814  1.000 18.98546 ? 103 TYR A CB  1 
ATOM   814  C  CG  . TYR A 1 103 ? -2.74897  -5.27800  -10.10788 1.000 26.26588 ? 103 TYR A CG  1 
ATOM   815  C  CD1 . TYR A 1 103 ? -3.37682  -4.74004  -11.23308 1.000 31.08597 ? 103 TYR A CD1 1 
ATOM   816  C  CD2 . TYR A 1 103 ? -2.93485  -6.61849  -9.83387  1.000 28.41894 ? 103 TYR A CD2 1 
ATOM   817  C  CE1 . TYR A 1 103 ? -4.17345  -5.53625  -12.06217 1.000 38.37177 ? 103 TYR A CE1 1 
ATOM   818  C  CE2 . TYR A 1 103 ? -3.72468  -7.43034  -10.66999 1.000 29.07354 ? 103 TYR A CE2 1 
ATOM   819  C  CZ  . TYR A 1 103 ? -4.33519  -6.88193  -11.77228 1.000 37.31700 ? 103 TYR A CZ  1 
ATOM   820  O  OH  . TYR A 1 103 ? -5.12399  -7.67542  -12.58827 1.000 43.05164 ? 103 TYR A OH  1 
ATOM   821  N  N   . LEU A 1 104 ? -0.21599  -1.78075  -8.23155  1.000 20.88836 ? 104 LEU A N   1 
ATOM   822  C  CA  . LEU A 1 104 ? 0.33123   -0.95816  -7.15295  1.000 20.09781 ? 104 LEU A CA  1 
ATOM   823  C  C   . LEU A 1 104 ? -0.28539  0.42429   -7.17203  1.000 20.81998 ? 104 LEU A C   1 
ATOM   824  O  O   . LEU A 1 104 ? -0.45848  1.04172   -6.11100  1.000 19.51010 ? 104 LEU A O   1 
ATOM   825  C  CB  . LEU A 1 104 ? 1.85163   -0.86033  -7.27455  1.000 17.92217 ? 104 LEU A CB  1 
ATOM   826  C  CG  . LEU A 1 104 ? 2.53415   -2.22366  -7.16727  1.000 21.12348 ? 104 LEU A CG  1 
ATOM   827  C  CD1 . LEU A 1 104 ? 4.02386   -2.04916  -7.33001  1.000 22.40860 ? 104 LEU A CD1 1 
ATOM   828  C  CD2 . LEU A 1 104 ? 2.22567   -2.94411  -5.84754  1.000 21.86835 ? 104 LEU A CD2 1 
ATOM   829  N  N   . GLU A 1 105 ? -0.60614  0.93849   -8.36420  1.000 19.35498 ? 105 GLU A N   1 
ATOM   830  C  CA  . GLU A 1 105 ? -1.35480  2.19530   -8.43771  1.000 21.31105 ? 105 GLU A CA  1 
ATOM   831  C  C   . GLU A 1 105 ? -2.73340  2.01502   -7.82585  1.000 19.65699 ? 105 GLU A C   1 
ATOM   832  O  O   . GLU A 1 105 ? -3.23052  2.90834   -7.13382  1.000 21.29560 ? 105 GLU A O   1 
ATOM   833  C  CB  . GLU A 1 105 ? -1.49875  2.69053   -9.88925  1.000 18.85013 ? 105 GLU A CB  1 
ATOM   834  C  CG  . GLU A 1 105 ? -0.16993  3.18500   -10.49634 1.000 18.99586 ? 105 GLU A CG  1 
ATOM   835  C  CD  . GLU A 1 105 ? -0.24413  3.52330   -11.98443 1.000 31.31110 ? 105 GLU A CD  1 
ATOM   836  O  OE1 . GLU A 1 105 ? -1.02372  2.86304   -12.72145 1.000 24.34543 ? 105 GLU A OE1 1 
ATOM   837  O  OE2 . GLU A 1 105 ? 0.50828   4.44534   -12.40176 1.000 24.58650 ? 105 GLU A OE2 1 
ATOM   838  N  N   . PHE A 1 106 ? -3.36858  0.86250   -8.07685  1.000 19.81195 ? 106 PHE A N   1 
ATOM   839  C  CA  . PHE A 1 106 ? -4.68910  0.62519   -7.48154  1.000 21.99117 ? 106 PHE A CA  1 
ATOM   840  C  C   . PHE A 1 106 ? -4.61338  0.63318   -5.95169  1.000 19.92000 ? 106 PHE A C   1 
ATOM   841  O  O   . PHE A 1 106 ? -5.44288  1.26874   -5.28615  1.000 17.94367 ? 106 PHE A O   1 
ATOM   842  C  CB  . PHE A 1 106 ? -5.29470  -0.69281  -7.96676  1.000 22.97542 ? 106 PHE A CB  1 
ATOM   843  C  CG  . PHE A 1 106 ? -5.63977  -0.71546  -9.45637  1.000 24.70242 ? 106 PHE A CG  1 
ATOM   844  C  CD1 . PHE A 1 106 ? -5.81254  0.46496   -10.17929 1.000 26.55112 ? 106 PHE A CD1 1 
ATOM   845  C  CD2 . PHE A 1 106 ? -5.77156  -1.92321  -10.11607 1.000 28.64839 ? 106 PHE A CD2 1 
ATOM   846  C  CE1 . PHE A 1 106 ? -6.12751  0.42638   -11.55688 1.000 33.49960 ? 106 PHE A CE1 1 
ATOM   847  C  CE2 . PHE A 1 106 ? -6.08076  -1.97039  -11.48556 1.000 29.51689 ? 106 PHE A CE2 1 
ATOM   848  C  CZ  . PHE A 1 106 ? -6.26578  -0.78932  -12.19891 1.000 32.01925 ? 106 PHE A CZ  1 
ATOM   849  N  N   . ILE A 1 107 ? -3.65947  -0.11026  -5.37471  1.000 15.37084 ? 107 ILE A N   1 
ATOM   850  C  CA  . ILE A 1 107 ? -3.58508  -0.13914  -3.90478  1.000 19.02925 ? 107 ILE A CA  1 
ATOM   851  C  C   . ILE A 1 107 ? -3.13800  1.22173   -3.34669  1.000 17.42543 ? 107 ILE A C   1 
ATOM   852  O  O   . ILE A 1 107 ? -3.58539  1.62627   -2.25865  1.000 17.38344 ? 107 ILE A O   1 
ATOM   853  C  CB  . ILE A 1 107 ? -2.69639  -1.29597  -3.36588  1.000 17.82854 ? 107 ILE A CB  1 
ATOM   854  C  CG1 . ILE A 1 107 ? -2.99355  -1.53245  -1.85735  1.000 15.41713 ? 107 ILE A CG1 1 
ATOM   855  C  CG2 . ILE A 1 107 ? -1.21163  -0.99877  -3.50248  1.000 17.78830 ? 107 ILE A CG2 1 
ATOM   856  C  CD1 . ILE A 1 107 ? -2.35979  -2.78741  -1.28950  1.000 20.05234 ? 107 ILE A CD1 1 
ATOM   857  N  N   . SER A 1 108 ? -2.27724  1.96909   -4.05287  1.000 14.92707 ? 108 SER A N   1 
ATOM   858  C  CA  . SER A 1 108 ? -1.99952  3.33376   -3.61316  1.000 15.08882 ? 108 SER A CA  1 
ATOM   859  C  C   . SER A 1 108 ? -3.27477  4.16572   -3.56362  1.000 19.01313 ? 108 SER A C   1 
ATOM   860  O  O   . SER A 1 108 ? -3.48614  4.93721   -2.62137  1.000 15.96534 ? 108 SER A O   1 
ATOM   861  C  CB  . SER A 1 108 ? -0.98413  4.00293   -4.53979  1.000 16.50173 ? 108 SER A CB  1 
ATOM   862  O  OG  . SER A 1 108 ? 0.25877   3.31466   -4.52401  1.000 17.04269 ? 108 SER A OG  1 
ATOM   863  N  N   . GLU A 1 109 ? -4.11375  4.06468   -4.60173  1.000 17.18382 ? 109 GLU A N   1 
ATOM   864  C  CA  . GLU A 1 109 ? -5.37179  4.80215   -4.58094  1.000 19.78896 ? 109 GLU A CA  1 
ATOM   865  C  C   . GLU A 1 109 ? -6.23029  4.37275   -3.38932  1.000 19.92325 ? 109 GLU A C   1 
ATOM   866  O  O   . GLU A 1 109 ? -6.87737  5.21482   -2.74782  1.000 20.22443 ? 109 GLU A O   1 
ATOM   867  C  CB  . GLU A 1 109 ? -6.13088  4.58650   -5.89971  1.000 22.77241 ? 109 GLU A CB  1 
ATOM   868  C  CG  . GLU A 1 109 ? -5.39684  5.23266   -7.08025  1.000 21.90685 ? 109 GLU A CG  1 
ATOM   869  C  CD  . GLU A 1 109 ? -5.75279  4.63224   -8.44133  1.000 37.56007 ? 109 GLU A CD  1 
ATOM   870  O  OE1 . GLU A 1 109 ? -6.77064  3.90812   -8.53220  1.000 32.59731 ? 109 GLU A OE1 1 
ATOM   871  O  OE2 . GLU A 1 109 ? -5.00709  4.89148   -9.42484  1.000 36.56103 ? 109 GLU A OE2 1 
ATOM   872  N  N   . ALA A 1 110 ? -6.24358  3.07312   -3.07659  1.000 14.80895 ? 110 ALA A N   1 
ATOM   873  C  CA  . ALA A 1 110 ? -7.02468  2.61188   -1.91579  1.000 17.00826 ? 110 ALA A CA  1 
ATOM   874  C  C   . ALA A 1 110 ? -6.46959  3.16804   -0.60141  1.000 18.08667 ? 110 ALA A C   1 
ATOM   875  O  O   . ALA A 1 110 ? -7.23249  3.56384   0.30000   1.000 17.93350 ? 110 ALA A O   1 
ATOM   876  C  CB  . ALA A 1 110 ? -7.04846  1.09338   -1.87116  1.000 16.76125 ? 110 ALA A CB  1 
ATOM   877  N  N   . ILE A 1 111 ? -5.13919  3.18460   -0.47027  1.000 15.06625 ? 111 ILE A N   1 
ATOM   878  C  CA  . ILE A 1 111 ? -4.50400  3.75868   0.71128   1.000 12.89212 ? 111 ILE A CA  1 
ATOM   879  C  C   . ILE A 1 111 ? -4.92124  5.21148   0.88213   1.000 15.71954 ? 111 ILE A C   1 
ATOM   880  O  O   . ILE A 1 111 ? -5.33103  5.63998   1.97128   1.000 15.40631 ? 111 ILE A O   1 
ATOM   881  C  CB  . ILE A 1 111 ? -2.97349  3.62859   0.61365   1.000 14.99526 ? 111 ILE A CB  1 
ATOM   882  C  CG1 . ILE A 1 111 ? -2.54236  2.17288   0.84823   1.000 18.42705 ? 111 ILE A CG1 1 
ATOM   883  C  CG2 . ILE A 1 111 ? -2.31947  4.57466   1.62688   1.000 12.13796 ? 111 ILE A CG2 1 
ATOM   884  C  CD1 . ILE A 1 111 ? -1.16261  1.85375   0.21962   1.000 16.66617 ? 111 ILE A CD1 1 
ATOM   885  N  N   . ILE A 1 112 ? -4.77545  6.00534   -0.18072  1.000 16.25246 ? 112 ILE A N   1 
ATOM   886  C  CA  . ILE A 1 112 ? -5.19207  7.40221   -0.13934  1.000 19.23262 ? 112 ILE A CA  1 
ATOM   887  C  C   . ILE A 1 112 ? -6.66740  7.51494   0.26227   1.000 17.60830 ? 112 ILE A C   1 
ATOM   888  O  O   . ILE A 1 112 ? -7.03582  8.33985   1.09387   1.000 16.94029 ? 112 ILE A O   1 
ATOM   889  C  CB  . ILE A 1 112 ? -4.94198  8.07742   -1.49958  1.000 23.33028 ? 112 ILE A CB  1 
ATOM   890  C  CG1 . ILE A 1 112 ? -3.46046  8.02545   -1.91233  1.000 22.76607 ? 112 ILE A CG1 1 
ATOM   891  C  CG2 . ILE A 1 112 ? -5.46726  9.51196   -1.49013  1.000 24.61385 ? 112 ILE A CG2 1 
ATOM   892  C  CD1 . ILE A 1 112 ? -2.56030  8.74936   -1.04247  1.000 25.70737 ? 112 ILE A CD1 1 
ATOM   893  N  N   . HIS A 1 113 ? -7.52635  6.69585   -0.33449  1.000 16.26793 ? 113 HIS A N   1 
ATOM   894  C  CA  . HIS A 1 113 ? -8.95563  6.76222   -0.01747  1.000 18.36697 ? 113 HIS A CA  1 
ATOM   895  C  C   . HIS A 1 113 ? -9.23294  6.51870   1.47393   1.000 16.78239 ? 113 HIS A C   1 
ATOM   896  O  O   . HIS A 1 113 ? -10.01187 7.24572   2.11165   1.000 17.40848 ? 113 HIS A O   1 
ATOM   897  C  CB  . HIS A 1 113 ? -9.72214  5.73735   -0.84412  1.000 22.74687 ? 113 HIS A CB  1 
ATOM   898  C  CG  . HIS A 1 113 ? -11.15605 5.65606   -0.44705  1.000 28.42994 ? 113 HIS A CG  1 
ATOM   899  N  ND1 . HIS A 1 113 ? -12.10283 6.53085   -0.93292  1.000 30.24413 ? 113 HIS A ND1 1 
ATOM   900  C  CD2 . HIS A 1 113 ? -11.79259 4.87140   0.45678   1.000 27.42074 ? 113 HIS A CD2 1 
ATOM   901  C  CE1 . HIS A 1 113 ? -13.27128 6.26352   -0.37171  1.000 34.57715 ? 113 HIS A CE1 1 
ATOM   902  N  NE2 . HIS A 1 113 ? -13.10875 5.26659   0.47898   1.000 32.94087 ? 113 HIS A NE2 1 
ATOM   903  N  N   . VAL A 1 114 ? -8.62739  5.47871   2.03659   1.000 17.98482 ? 114 VAL A N   1 
ATOM   904  C  CA  . VAL A 1 114 ? -8.90878  5.14140   3.43553   1.000 15.48072 ? 114 VAL A CA  1 
ATOM   905  C  C   . VAL A 1 114 ? -8.32093  6.19793   4.37026   1.000 16.33596 ? 114 VAL A C   1 
ATOM   906  O  O   . VAL A 1 114 ? -8.95493  6.59683   5.36479   1.000 15.06506 ? 114 VAL A O   1 
ATOM   907  C  CB  . VAL A 1 114 ? -8.36845  3.73347   3.73695   1.000 15.20684 ? 114 VAL A CB  1 
ATOM   908  C  CG1 . VAL A 1 114 ? -8.35488  3.45456   5.24441   1.000 15.17843 ? 114 VAL A CG1 1 
ATOM   909  C  CG2 . VAL A 1 114 ? -9.18379  2.62198   2.99684   1.000 15.78109 ? 114 VAL A CG2 1 
ATOM   910  N  N   . LEU A 1 115 ? -7.10589  6.68812   4.06287   1.000 13.02190 ? 115 LEU A N   1 
ATOM   911  C  CA  . LEU A 1 115 ? -6.50320  7.75739   4.86394   1.000 15.63701 ? 115 LEU A CA  1 
ATOM   912  C  C   . LEU A 1 115 ? -7.37244  9.00088   4.88450   1.000 18.57500 ? 115 LEU A C   1 
ATOM   913  O  O   . LEU A 1 115 ? -7.51292  9.67156   5.92902   1.000 14.91134 ? 115 LEU A O   1 
ATOM   914  C  CB  . LEU A 1 115 ? -5.12636  8.13505   4.31244   1.000 13.97698 ? 115 LEU A CB  1 
ATOM   915  C  CG  . LEU A 1 115 ? -4.06037  7.09923   4.59788   1.000 21.59192 ? 115 LEU A CG  1 
ATOM   916  C  CD1 . LEU A 1 115 ? -2.69568  7.59376   4.11852   1.000 21.04503 ? 115 LEU A CD1 1 
ATOM   917  C  CD2 . LEU A 1 115 ? -4.03045  6.85115   6.02693   1.000 24.59456 ? 115 LEU A CD2 1 
ATOM   918  N  N   . HIS A 1 116 ? -7.93290  9.36075   3.72876   1.000 16.05338 ? 116 HIS A N   1 
ATOM   919  C  CA  . HIS A 1 116 ? -8.76684  10.54529  3.72793   1.000 18.04718 ? 116 HIS A CA  1 
ATOM   920  C  C   . HIS A 1 116 ? -10.08866 10.29609  4.43899   1.000 21.43112 ? 116 HIS A C   1 
ATOM   921  O  O   . HIS A 1 116 ? -10.61082 11.19019  5.11558   1.000 21.29274 ? 116 HIS A O   1 
ATOM   922  C  CB  . HIS A 1 116 ? -9.02670  11.03457  2.31218   1.000 22.93814 ? 116 HIS A CB  1 
ATOM   923  C  CG  . HIS A 1 116 ? -9.78675  12.32155  2.29896   1.000 31.25483 ? 116 HIS A CG  1 
ATOM   924  N  ND1 . HIS A 1 116 ? -11.14844 12.37522  2.11415   1.000 38.06934 ? 116 HIS A ND1 1 
ATOM   925  C  CD2 . HIS A 1 116 ? -9.38874  13.59544  2.54525   1.000 35.02465 ? 116 HIS A CD2 1 
ATOM   926  C  CE1 . HIS A 1 116 ? -11.55121 13.63177  2.20070   1.000 39.01922 ? 116 HIS A CE1 1 
ATOM   927  N  NE2 . HIS A 1 116 ? -10.50196 14.39199  2.45671   1.000 40.34276 ? 116 HIS A NE2 1 
ATOM   928  N  N   . SER A 1 117 ? -10.64953 9.09793   4.28907   1.000 18.84809 ? 117 SER A N   1 
ATOM   929  C  CA  . SER A 1 117 ? -11.91418 8.77660   4.95189   1.000 22.01148 ? 117 SER A CA  1 
ATOM   930  C  C   . SER A 1 117 ? -11.77997 8.80702   6.46437   1.000 22.46949 ? 117 SER A C   1 
ATOM   931  O  O   . SER A 1 117 ? -12.69023 9.27525   7.16308   1.000 18.04517 ? 117 SER A O   1 
ATOM   932  C  CB  . SER A 1 117 ? -12.40878 7.40177   4.51380   1.000 22.17065 ? 117 SER A CB  1 
ATOM   933  O  OG  . SER A 1 117 ? -12.63374 7.41765   3.10593   1.000 32.75600 ? 117 SER A OG  1 
ATOM   934  N  N   . ARG A 1 118 ? -10.65620 8.30410   6.99249   1.000 16.68420 ? 118 ARG A N   1 
ATOM   935  C  CA  . ARG A 1 118 ? -10.48593 8.17523   8.43865   1.000 16.66244 ? 118 ARG A CA  1 
ATOM   936  C  C   . ARG A 1 118 ? -9.83805  9.38061   9.08887   1.000 21.21825 ? 118 ARG A C   1 
ATOM   937  O  O   . ARG A 1 118 ? -10.13284 9.68221   10.25340  1.000 20.57791 ? 118 ARG A O   1 
ATOM   938  C  CB  . ARG A 1 118 ? -9.68818  6.89676   8.76420   1.000 15.68184 ? 118 ARG A CB  1 
ATOM   939  C  CG  . ARG A 1 118 ? -10.60059 5.67709   8.61245   1.000 17.63707 ? 118 ARG A CG  1 
ATOM   940  C  CD  . ARG A 1 118 ? -9.90512  4.35916   8.63856   1.000 25.70350 ? 118 ARG A CD  1 
ATOM   941  N  NE  . ARG A 1 118 ? -9.67199  3.93159   9.97893   1.000 30.07058 ? 118 ARG A NE  1 
ATOM   942  C  CZ  . ARG A 1 118 ? -9.93690  2.72665   10.46765  1.000 26.12484 ? 118 ARG A CZ  1 
ATOM   943  N  NH1 . ARG A 1 118 ? -10.48409 1.75910   9.73224   1.000 30.20517 ? 118 ARG A NH1 1 
ATOM   944  N  NH2 . ARG A 1 118 ? -9.66295  2.50943   11.72316  1.000 22.58608 ? 118 ARG A NH2 1 
ATOM   945  N  N   . HIS A 1 119 ? -9.01080  10.12473  8.36571   1.000 17.67703 ? 119 HIS A N   1 
ATOM   946  C  CA  . HIS A 1 119 ? -8.19078  11.15911  8.98847   1.000 15.60471 ? 119 HIS A CA  1 
ATOM   947  C  C   . HIS A 1 119 ? -8.22275  12.46350  8.20458   1.000 20.06247 ? 119 HIS A C   1 
ATOM   948  O  O   . HIS A 1 119 ? -7.17772  13.06675  7.95128   1.000 21.93865 ? 119 HIS A O   1 
ATOM   949  C  CB  . HIS A 1 119 ? -6.74982  10.68306  9.13348   1.000 19.98749 ? 119 HIS A CB  1 
ATOM   950  C  CG  . HIS A 1 119 ? -6.63529  9.32666   9.73830   1.000 21.18682 ? 119 HIS A CG  1 
ATOM   951  N  ND1 . HIS A 1 119 ? -6.92850  9.08783   11.05806  1.000 20.33399 ? 119 HIS A ND1 1 
ATOM   952  C  CD2 . HIS A 1 119 ? -6.23624  8.14239   9.21599   1.000 20.53860 ? 119 HIS A CD2 1 
ATOM   953  C  CE1 . HIS A 1 119 ? -6.74597  7.80321   11.31912  1.000 20.32588 ? 119 HIS A CE1 1 
ATOM   954  N  NE2 . HIS A 1 119 ? -6.32015  7.21002   10.22018  1.000 18.39432 ? 119 HIS A NE2 1 
ATOM   955  N  N   . PRO A 1 120 ? -9.41027  12.98006  7.88813   1.000 22.24065 ? 120 PRO A N   1 
ATOM   956  C  CA  . PRO A 1 120 ? -9.45775  14.15217  6.99173   1.000 21.91432 ? 120 PRO A CA  1 
ATOM   957  C  C   . PRO A 1 120 ? -8.74433  15.37428  7.55497   1.000 23.38030 ? 120 PRO A C   1 
ATOM   958  O  O   . PRO A 1 120 ? -8.12092  16.12272  6.78650   1.000 19.87339 ? 120 PRO A O   1 
ATOM   959  C  CB  . PRO A 1 120 ? -10.96411 14.39570  6.80800   1.000 24.60905 ? 120 PRO A CB  1 
ATOM   960  C  CG  . PRO A 1 120 ? -11.61131 13.78504  8.02525   1.000 25.56471 ? 120 PRO A CG  1 
ATOM   961  C  CD  . PRO A 1 120 ? -10.75702 12.58333  8.36158   1.000 21.41429 ? 120 PRO A CD  1 
ATOM   962  N  N   . GLY A 1 121 ? -8.77904  15.57859  8.87987   1.000 24.63403 ? 121 GLY A N   1 
ATOM   963  C  CA  . GLY A 1 121 ? -8.10827  16.71328  9.47770   1.000 26.07417 ? 121 GLY A CA  1 
ATOM   964  C  C   . GLY A 1 121 ? -6.60205  16.61632  9.46895   1.000 31.39273 ? 121 GLY A C   1 
ATOM   965  O  O   . GLY A 1 121 ? -5.92509  17.63818  9.61941   1.000 30.46201 ? 121 GLY A O   1 
ATOM   966  N  N   . ASP A 1 122 ? -6.05885  15.41374  9.30521   1.000 24.16241 ? 122 ASP A N   1 
ATOM   967  C  CA  . ASP A 1 122 ? -4.62013  15.21409  9.17646   1.000 24.14582 ? 122 ASP A CA  1 
ATOM   968  C  C   . ASP A 1 122 ? -4.24267  14.76327  7.76937   1.000 28.42072 ? 122 ASP A C   1 
ATOM   969  O  O   . ASP A 1 122 ? -3.14058  14.23123  7.55507   1.000 26.54194 ? 122 ASP A O   1 
ATOM   970  C  CB  . ASP A 1 122 ? -4.12722  14.20441  10.21761  1.000 29.05013 ? 122 ASP A CB  1 
ATOM   971  C  CG  . ASP A 1 122 ? -4.47352  14.61594  11.64137  1.000 31.11627 ? 122 ASP A CG  1 
ATOM   972  O  OD1 . ASP A 1 122 ? -3.80516  15.53102  12.18075  1.000 36.64551 ? 122 ASP A OD1 1 
ATOM   973  O  OD2 . ASP A 1 122 ? -5.40895  14.01993  12.22751  1.000 37.52161 ? 122 ASP A OD2 1 
ATOM   974  N  N   . PHE A 1 123 ? -5.13780  14.96191  6.80285   1.000 19.63872 ? 123 PHE A N   1 
ATOM   975  C  CA  . PHE A 1 123 ? -4.91075  14.50338  5.42925   1.000 20.34269 ? 123 PHE A CA  1 
ATOM   976  C  C   . PHE A 1 123 ? -5.54572  15.48380  4.44786   1.000 20.46219 ? 123 PHE A C   1 
ATOM   977  O  O   . PHE A 1 123 ? -6.27879  15.10942  3.53180   1.000 23.91203 ? 123 PHE A O   1 
ATOM   978  C  CB  . PHE A 1 123 ? -5.43791  13.07605  5.22299   1.000 21.74064 ? 123 PHE A CB  1 
ATOM   979  C  CG  . PHE A 1 123 ? -4.69101  12.29038  4.17062   1.000 21.91620 ? 123 PHE A CG  1 
ATOM   980  C  CD1 . PHE A 1 123 ? -3.30358  12.15028  4.24595   1.000 19.33284 ? 123 PHE A CD1 1 
ATOM   981  C  CD2 . PHE A 1 123 ? -5.37561  11.69043  3.12558   1.000 24.61049 ? 123 PHE A CD2 1 
ATOM   982  C  CE1 . PHE A 1 123 ? -2.61351  11.40299  3.28648   1.000 25.19379 ? 123 PHE A CE1 1 
ATOM   983  C  CE2 . PHE A 1 123 ? -4.68338  10.95322  2.14514   1.000 24.39016 ? 123 PHE A CE2 1 
ATOM   984  C  CZ  . PHE A 1 123 ? -3.31242  10.81175  2.24181   1.000 21.98121 ? 123 PHE A CZ  1 
ATOM   985  N  N   . GLY A 1 124 ? -5.22946  16.75864  4.61587   1.000 20.58672 ? 124 GLY A N   1 
ATOM   986  C  CA  . GLY A 1 124 ? -5.63078  17.77275  3.66936   1.000 19.87779 ? 124 GLY A CA  1 
ATOM   987  C  C   . GLY A 1 124 ? -4.77270  17.72072  2.42634   1.000 24.64992 ? 124 GLY A C   1 
ATOM   988  O  O   . GLY A 1 124 ? -3.97730  16.80360  2.21053   1.000 21.48892 ? 124 GLY A O   1 
ATOM   989  N  N   . ALA A 1 125 ? -4.89694  18.77217  1.61422   1.000 20.53967 ? 125 ALA A N   1 
ATOM   990  C  CA  . ALA A 1 125 ? -4.29446  18.73922  0.28299   1.000 21.25766 ? 125 ALA A CA  1 
ATOM   991  C  C   . ALA A 1 125 ? -2.76954  18.57127  0.32037   1.000 20.09150 ? 125 ALA A C   1 
ATOM   992  O  O   . ALA A 1 125 ? -2.20280  17.83133  -0.50273  1.000 18.01146 ? 125 ALA A O   1 
ATOM   993  C  CB  . ALA A 1 125 ? -4.66601  20.01104  -0.48882  1.000 26.96951 ? 125 ALA A CB  1 
ATOM   994  N  N   . ASP A 1 126 ? -2.07905  19.27804  1.21366   1.000 19.04140 ? 126 ASP A N   1 
ATOM   995  C  CA  . ASP A 1 126 ? -0.62115  19.16571  1.20897   1.000 22.42749 ? 126 ASP A CA  1 
ATOM   996  C  C   . ASP A 1 126 ? -0.18201  17.77873  1.68556   1.000 20.31775 ? 126 ASP A C   1 
ATOM   997  O  O   . ASP A 1 126 ? 0.77281   17.20666  1.13896   1.000 18.43960 ? 126 ASP A O   1 
ATOM   998  C  CB  . ASP A 1 126 ? 0.00963   20.27755  2.05338   1.000 24.75794 ? 126 ASP A CB  1 
ATOM   999  C  CG  . ASP A 1 126 ? -0.25314  21.67481  1.47379   1.000 34.41110 ? 126 ASP A CG  1 
ATOM   1000 O  OD1 . ASP A 1 126 ? -0.76039  21.74834  0.32160   1.000 34.13335 ? 126 ASP A OD1 1 
ATOM   1001 O  OD2 . ASP A 1 126 ? 0.07994   22.69131  2.14070   1.000 38.48201 ? 126 ASP A OD2 1 
ATOM   1002 N  N   . ALA A 1 127 ? -0.90971  17.19576  2.64984   1.000 15.51914 ? 127 ALA A N   1 
ATOM   1003 C  CA  . ALA A 1 127 ? -0.56454  15.85311  3.11328   1.000 21.46875 ? 127 ALA A CA  1 
ATOM   1004 C  C   . ALA A 1 127 ? -0.92654  14.80607  2.06720   1.000 22.93979 ? 127 ALA A C   1 
ATOM   1005 O  O   . ALA A 1 127 ? -0.18665  13.82735  1.86539   1.000 17.36706 ? 127 ALA A O   1 
ATOM   1006 C  CB  . ALA A 1 127 ? -1.25105  15.55522  4.44104   1.000 20.59954 ? 127 ALA A CB  1 
ATOM   1007 N  N   A GLN A 1 128 ? -2.06859  14.98121  1.40310   0.320 20.18927 ? 128 GLN A N   1 
ATOM   1008 N  N   B GLN A 1 128 ? -2.06381  14.97939  1.39576   0.680 20.07667 ? 128 GLN A N   1 
ATOM   1009 C  CA  A GLN A 1 128 ? -2.40419  14.12946  0.26626   0.320 21.70646 ? 128 GLN A CA  1 
ATOM   1010 C  CA  B GLN A 1 128 ? -2.38732  14.09283  0.28174   0.680 21.64094 ? 128 GLN A CA  1 
ATOM   1011 C  C   A GLN A 1 128 ? -1.30504  14.16413  -0.78219  0.320 21.85604 ? 128 GLN A C   1 
ATOM   1012 C  C   B GLN A 1 128 ? -1.31226  14.15589  -0.79385  0.680 21.89067 ? 128 GLN A C   1 
ATOM   1013 O  O   A GLN A 1 128 ? -0.89975  13.12128  -1.31079  0.320 20.03049 ? 128 GLN A O   1 
ATOM   1014 O  O   B GLN A 1 128 ? -0.92220  13.11701  -1.34551  0.680 20.02761 ? 128 GLN A O   1 
ATOM   1015 C  CB  A GLN A 1 128 ? -3.71851  14.58831  -0.36047  0.320 23.19060 ? 128 GLN A CB  1 
ATOM   1016 C  CB  B GLN A 1 128 ? -3.74353  14.46560  -0.32597  0.680 23.16056 ? 128 GLN A CB  1 
ATOM   1017 C  CG  A GLN A 1 128 ? -4.93919  14.25289  0.43622   0.320 28.13260 ? 128 GLN A CG  1 
ATOM   1018 C  CG  B GLN A 1 128 ? -4.94178  14.20355  0.56087   0.680 28.22755 ? 128 GLN A CG  1 
ATOM   1019 C  CD  A GLN A 1 128 ? -6.19722  14.47336  -0.37032  0.320 31.41026 ? 128 GLN A CD  1 
ATOM   1020 C  CD  B GLN A 1 128 ? -6.19531  14.93198  0.05831   0.680 31.66177 ? 128 GLN A CD  1 
ATOM   1021 O  OE1 A GLN A 1 128 ? -6.94169  13.53119  -0.63890  0.320 32.07615 ? 128 GLN A OE1 1 
ATOM   1022 O  OE1 B GLN A 1 128 ? -6.46247  14.96488  -1.15094  0.680 34.22715 ? 128 GLN A OE1 1 
ATOM   1023 N  NE2 A GLN A 1 128 ? -6.42304  15.71924  -0.79512  0.320 31.60525 ? 128 GLN A NE2 1 
ATOM   1024 N  NE2 B GLN A 1 128 ? -6.94902  15.53461  0.97803   0.680 24.00241 ? 128 GLN A NE2 1 
ATOM   1025 N  N   . GLY A 1 129 ? -0.83538  15.37169  -1.11182  1.000 18.68728 ? 129 GLY A N   1 
ATOM   1026 C  CA  . GLY A 1 129 ? 0.19633   15.52188  -2.12065  1.000 17.34415 ? 129 GLY A CA  1 
ATOM   1027 C  C   . GLY A 1 129 ? 1.49629   14.86164  -1.70367  1.000 18.59907 ? 129 GLY A C   1 
ATOM   1028 O  O   . GLY A 1 129 ? 2.16207   14.20646  -2.51735  1.000 18.95077 ? 129 GLY A O   1 
ATOM   1029 N  N   . ALA A 1 130 ? 1.84093   14.96704  -0.42118  1.000 16.10035 ? 130 ALA A N   1 
ATOM   1030 C  CA  . ALA A 1 130 ? 3.06845   14.32647  0.05538   1.000 17.68725 ? 130 ALA A CA  1 
ATOM   1031 C  C   . ALA A 1 130 ? 2.94703   12.79952  0.03374   1.000 19.79686 ? 130 ALA A C   1 
ATOM   1032 O  O   . ALA A 1 130 ? 3.87958   12.09880  -0.38618  1.000 17.30353 ? 130 ALA A O   1 
ATOM   1033 C  CB  . ALA A 1 130 ? 3.41515   14.82064  1.45890   1.000 19.74453 ? 130 ALA A CB  1 
ATOM   1034 N  N   . MET A 1 131 ? 1.81933   12.25985  0.49585   1.000 17.68456 ? 131 MET A N   1 
ATOM   1035 C  CA  . MET A 1 131 ? 1.64363   10.80382  0.43455   1.000 17.55217 ? 131 MET A CA  1 
ATOM   1036 C  C   . MET A 1 131 ? 1.65646   10.31419  -1.00947  1.000 19.19570 ? 131 MET A C   1 
ATOM   1037 O  O   . MET A 1 131 ? 2.24254   9.25903   -1.31835  1.000 17.08548 ? 131 MET A O   1 
ATOM   1038 C  CB  . MET A 1 131 ? 0.35134   10.38650  1.14072   1.000 20.18696 ? 131 MET A CB  1 
ATOM   1039 C  CG  . MET A 1 131 ? 0.12314   8.86103   1.17466   1.000 20.19112 ? 131 MET A CG  1 
ATOM   1040 S  SD  . MET A 1 131 ? 1.42076   7.99922   2.12508   1.000 20.54810 ? 131 MET A SD  1 
ATOM   1041 C  CE  . MET A 1 131 ? 0.99513   8.34059   3.80523   1.000 19.09159 ? 131 MET A CE  1 
ATOM   1042 N  N   A ASN A 1 132 ? 1.01834   11.06486  -1.91286  0.502 19.08685 ? 132 ASN A N   1 
ATOM   1043 N  N   B ASN A 1 132 ? 1.02337   11.07000  -1.91450  0.498 18.94604 ? 132 ASN A N   1 
ATOM   1044 C  CA  A ASN A 1 132 ? 1.02075   10.71840  -3.32945  0.502 18.84362 ? 132 ASN A CA  1 
ATOM   1045 C  CA  B ASN A 1 132 ? 1.03376   10.72399  -3.33106  0.498 18.70512 ? 132 ASN A CA  1 
ATOM   1046 C  C   A ASN A 1 132 ? 2.44263   10.67498  -3.87643  0.502 21.48897 ? 132 ASN A C   1 
ATOM   1047 C  C   B ASN A 1 132 ? 2.45308   10.66820  -3.86479  0.498 21.48897 ? 132 ASN A C   1 
ATOM   1048 O  O   A ASN A 1 132 ? 2.80635   9.74169   -4.60395  0.502 21.15471 ? 132 ASN A O   1 
ATOM   1049 O  O   B ASN A 1 132 ? 2.81739   9.73201   -4.58748  0.498 21.14769 ? 132 ASN A O   1 
ATOM   1050 C  CB  A ASN A 1 132 ? 0.15692   11.72586  -4.10311  0.502 22.13858 ? 132 ASN A CB  1 
ATOM   1051 C  CB  B ASN A 1 132 ? 0.20615   11.73851  -4.12840  0.498 22.14295 ? 132 ASN A CB  1 
ATOM   1052 C  CG  A ASN A 1 132 ? 0.06233   11.40975  -5.57185  0.502 23.94170 ? 132 ASN A CG  1 
ATOM   1053 C  CG  B ASN A 1 132 ? -1.21583  11.30048  -4.29291  0.498 20.85492 ? 132 ASN A CG  1 
ATOM   1054 O  OD1 A ASN A 1 132 ? 0.42815   12.23370  -6.41102  0.502 28.79659 ? 132 ASN A OD1 1 
ATOM   1055 O  OD1 B ASN A 1 132 ? -1.48605  10.10269  -4.41869  0.498 27.02442 ? 132 ASN A OD1 1 
ATOM   1056 N  ND2 A ASN A 1 132 ? -0.44337  10.21866  -5.90132  0.502 20.52834 ? 132 ASN A ND2 1 
ATOM   1057 N  ND2 B ASN A 1 132 ? -2.14377  12.25699  -4.30962  0.498 28.61218 ? 132 ASN A ND2 1 
ATOM   1058 N  N   . LYS A 1 133 ? 3.26787   11.66229  -3.51377  1.000 18.11246 ? 133 LYS A N   1 
ATOM   1059 C  CA  . LYS A 1 133 ? 4.67315   11.65803  -3.92630  1.000 17.82867 ? 133 LYS A CA  1 
ATOM   1060 C  C   . LYS A 1 133 ? 5.42888   10.46831  -3.34594  1.000 18.43389 ? 133 LYS A C   1 
ATOM   1061 O  O   . LYS A 1 133 ? 6.26532   9.85646   -4.03003  1.000 19.16242 ? 133 LYS A O   1 
ATOM   1062 C  CB  . LYS A 1 133 ? 5.36321   12.95325  -3.48002  1.000 20.04084 ? 133 LYS A CB  1 
ATOM   1063 C  CG  . LYS A 1 133 ? 5.09170   14.14470  -4.37031  1.000 31.00657 ? 133 LYS A CG  1 
ATOM   1064 C  CD  . LYS A 1 133 ? 6.10334   15.26585  -4.10892  1.000 25.34602 ? 133 LYS A CD  1 
ATOM   1065 C  CE  . LYS A 1 133 ? 5.75068   16.46693  -4.97224  1.000 36.31746 ? 133 LYS A CE  1 
ATOM   1066 N  NZ  . LYS A 1 133 ? 6.32715   17.74173  -4.45643  1.000 39.64557 ? 133 LYS A NZ  1 
ATOM   1067 N  N   . ALA A 1 134 ? 5.16861   10.14588  -2.07758  1.000 16.92090 ? 134 ALA A N   1 
ATOM   1068 C  CA  . ALA A 1 134 ? 5.86350   9.02333   -1.44514  1.000 16.43877 ? 134 ALA A CA  1 
ATOM   1069 C  C   . ALA A 1 134 ? 5.53407   7.71447   -2.13870  1.000 14.72597 ? 134 ALA A C   1 
ATOM   1070 O  O   . ALA A 1 134 ? 6.42941   6.89416   -2.39134  1.000 16.34080 ? 134 ALA A O   1 
ATOM   1071 C  CB  . ALA A 1 134 ? 5.50368   8.94590   0.03947   1.000 12.70139 ? 134 ALA A CB  1 
ATOM   1072 N  N   . LEU A 1 135 ? 4.24525   7.48336   -2.42291  1.000 14.79325 ? 135 LEU A N   1 
ATOM   1073 C  CA  . LEU A 1 135 ? 3.82185   6.26466   -3.11166  1.000 19.11698 ? 135 LEU A CA  1 
ATOM   1074 C  C   . LEU A 1 135 ? 4.27177   6.24698   -4.58063  1.000 17.57285 ? 135 LEU A C   1 
ATOM   1075 O  O   . LEU A 1 135 ? 4.63231   5.18290   -5.08436  1.000 17.37963 ? 135 LEU A O   1 
ATOM   1076 C  CB  . LEU A 1 135 ? 2.29229   6.08199   -2.97092  1.000 16.28878 ? 135 LEU A CB  1 
ATOM   1077 C  CG  . LEU A 1 135 ? 1.80091   5.95938   -1.50839  1.000 15.26591 ? 135 LEU A CG  1 
ATOM   1078 C  CD1 . LEU A 1 135 ? 0.28928   5.85233   -1.43037  1.000 14.84873 ? 135 LEU A CD1 1 
ATOM   1079 C  CD2 . LEU A 1 135 ? 2.43613   4.78576   -0.77113  1.000 14.07004 ? 135 LEU A CD2 1 
ATOM   1080 N  N   . GLU A 1 136 ? 4.29831   7.40073   -5.27151  1.000 17.52898 ? 136 GLU A N   1 
ATOM   1081 C  CA  . GLU A 1 136 ? 4.90199   7.46581   -6.60133  1.000 21.46981 ? 136 GLU A CA  1 
ATOM   1082 C  C   . GLU A 1 136 ? 6.35842   7.00603   -6.57586  1.000 19.33803 ? 136 GLU A C   1 
ATOM   1083 O  O   . GLU A 1 136 ? 6.80525   6.26320   -7.46649  1.000 16.53265 ? 136 GLU A O   1 
ATOM   1084 C  CB  . GLU A 1 136 ? 4.82568   8.90107   -7.15732  1.000 25.31962 ? 136 GLU A CB  1 
ATOM   1085 C  CG  . GLU A 1 136 ? 3.49561   9.21413   -7.86035  1.000 29.66594 ? 136 GLU A CG  1 
ATOM   1086 C  CD  . GLU A 1 136 ? 3.16751   10.70569  -8.02649  1.000 44.23563 ? 136 GLU A CD  1 
ATOM   1087 O  OE1 . GLU A 1 136 ? 4.05508   11.57725  -7.83843  1.000 36.72022 ? 136 GLU A OE1 1 
ATOM   1088 O  OE2 . GLU A 1 136 ? 1.97744   10.99521  -8.33524  1.000 45.82507 ? 136 GLU A OE2 1 
ATOM   1089 N  N   . LEU A 1 137 ? 7.12810   7.50001   -5.60298  1.000 16.12617 ? 137 LEU A N   1 
ATOM   1090 C  CA  . LEU A 1 137 ? 8.53278   7.09772   -5.47622  1.000 17.94043 ? 137 LEU A CA  1 
ATOM   1091 C  C   . LEU A 1 137 ? 8.65249   5.59423   -5.21353  1.000 16.51397 ? 137 LEU A C   1 
ATOM   1092 O  O   . LEU A 1 137 ? 9.49047   4.90469   -5.81588  1.000 17.09697 ? 137 LEU A O   1 
ATOM   1093 C  CB  . LEU A 1 137 ? 9.18034   7.90948   -4.35049  1.000 16.53925 ? 137 LEU A CB  1 
ATOM   1094 C  CG  . LEU A 1 137 ? 10.64425  7.60719   -3.99444  1.000 20.12605 ? 137 LEU A CG  1 
ATOM   1095 C  CD1 . LEU A 1 137 ? 11.49705  7.89223   -5.22374  1.000 21.81380 ? 137 LEU A CD1 1 
ATOM   1096 C  CD2 . LEU A 1 137 ? 11.08948  8.46557   -2.81201  1.000 19.56883 ? 137 LEU A CD2 1 
ATOM   1097 N  N   . PHE A 1 138 ? 7.82111   5.07228   -4.30815  1.000 17.64490 ? 138 PHE A N   1 
ATOM   1098 C  CA  . PHE A 1 138 ? 7.78649   3.62453   -4.06599  1.000 17.28679 ? 138 PHE A CA  1 
ATOM   1099 C  C   . PHE A 1 138 ? 7.55838   2.84686   -5.36389  1.000 18.00463 ? 138 PHE A C   1 
ATOM   1100 O  O   . PHE A 1 138 ? 8.27091   1.87708   -5.66510  1.000 15.86095 ? 138 PHE A O   1 
ATOM   1101 C  CB  . PHE A 1 138 ? 6.69266   3.33308   -3.04579  1.000 16.95397 ? 138 PHE A CB  1 
ATOM   1102 C  CG  . PHE A 1 138 ? 6.28205   1.91280   -2.96397  1.000 18.33736 ? 138 PHE A CG  1 
ATOM   1103 C  CD1 . PHE A 1 138 ? 7.09606   0.97150   -2.33575  1.000 18.60052 ? 138 PHE A CD1 1 
ATOM   1104 C  CD2 . PHE A 1 138 ? 5.03851   1.50812   -3.47055  1.000 23.00648 ? 138 PHE A CD2 1 
ATOM   1105 C  CE1 . PHE A 1 138 ? 6.69259   -0.33929  -2.22356  1.000 26.28491 ? 138 PHE A CE1 1 
ATOM   1106 C  CE2 . PHE A 1 138 ? 4.63331   0.21046   -3.37818  1.000 23.69919 ? 138 PHE A CE2 1 
ATOM   1107 C  CZ  . PHE A 1 138 ? 5.45633   -0.73082  -2.75835  1.000 27.20907 ? 138 PHE A CZ  1 
ATOM   1108 N  N   . ARG A 1 139 ? 6.57020   3.27686   -6.15267  1.000 14.11963 ? 139 ARG A N   1 
ATOM   1109 C  CA  . ARG A 1 139 ? 6.21464   2.55691   -7.36902  1.000 20.35286 ? 139 ARG A CA  1 
ATOM   1110 C  C   . ARG A 1 139 ? 7.31369   2.67083   -8.41951  1.000 17.87861 ? 139 ARG A C   1 
ATOM   1111 O  O   . ARG A 1 139 ? 7.58093   1.71009   -9.15150  1.000 18.73531 ? 139 ARG A O   1 
ATOM   1112 C  CB  . ARG A 1 139 ? 4.88804   3.09631   -7.92076  1.000 16.52640 ? 139 ARG A CB  1 
ATOM   1113 C  CG  . ARG A 1 139 ? 3.64917   2.73653   -7.08077  1.000 17.64488 ? 139 ARG A CG  1 
ATOM   1114 C  CD  . ARG A 1 139 ? 2.31888   3.00674   -7.81933  1.000 16.36087 ? 139 ARG A CD  1 
ATOM   1115 N  NE  . ARG A 1 139 ? 2.21597   4.35520   -8.39850  1.000 18.50642 ? 139 ARG A NE  1 
ATOM   1116 C  CZ  . ARG A 1 139 ? 1.73525   5.42257   -7.76355  1.000 25.64079 ? 139 ARG A CZ  1 
ATOM   1117 N  NH1 . ARG A 1 139 ? 1.30199   5.30793   -6.49744  1.000 18.97041 ? 139 ARG A NH1 1 
ATOM   1118 N  NH2 . ARG A 1 139 ? 1.68838   6.60218   -8.39041  1.000 21.93249 ? 139 ARG A NH2 1 
ATOM   1119 N  N   . LYS A 1 140 ? 7.94368   3.84316   -8.52079  1.000 16.81814 ? 140 LYS A N   1 
ATOM   1120 C  CA  . LYS A 1 140 ? 9.04222   4.03261   -9.46914  1.000 22.81824 ? 140 LYS A CA  1 
ATOM   1121 C  C   . LYS A 1 140 ? 10.22907  3.13257   -9.12518  1.000 22.18999 ? 140 LYS A C   1 
ATOM   1122 O  O   . LYS A 1 140 ? 10.78784  2.42346   -9.98890  1.000 18.53965 ? 140 LYS A O   1 
ATOM   1123 C  CB  . LYS A 1 140 ? 9.47230   5.49649   -9.44043  1.000 19.76280 ? 140 LYS A CB  1 
ATOM   1124 C  CG  . LYS A 1 140 ? 10.62840  5.83521   -10.34402 1.000 24.52270 ? 140 LYS A CG  1 
ATOM   1125 C  CD  . LYS A 1 140 ? 10.83843  7.35081   -10.32987 1.000 34.09737 ? 140 LYS A CD  1 
ATOM   1126 C  CE  . LYS A 1 140 ? 12.08907  7.74663   -9.58259  1.000 40.38338 ? 140 LYS A CE  1 
ATOM   1127 N  NZ  . LYS A 1 140 ? 13.29027  7.56448   -10.46552 1.000 42.03994 ? 140 LYS A NZ  1 
ATOM   1128 N  N   . ASP A 1 141 ? 10.63985  3.16014   -7.85930  1.000 14.81701 ? 141 ASP A N   1 
ATOM   1129 C  CA  . ASP A 1 141 ? 11.78958  2.36578   -7.45958  1.000 16.30417 ? 141 ASP A CA  1 
ATOM   1130 C  C   . ASP A 1 141 ? 11.48846  0.87036   -7.56282  1.000 17.69384 ? 141 ASP A C   1 
ATOM   1131 O  O   . ASP A 1 141 ? 12.35645  0.08010   -7.98194  1.000 18.28188 ? 141 ASP A O   1 
ATOM   1132 C  CB  . ASP A 1 141 ? 12.23292  2.75303   -6.04321  1.000 17.42841 ? 141 ASP A CB  1 
ATOM   1133 C  CG  . ASP A 1 141 ? 12.95860  4.11538   -6.00113  1.000 25.19841 ? 141 ASP A CG  1 
ATOM   1134 O  OD1 . ASP A 1 141 ? 13.17528  4.73234   -7.08451  1.000 27.03039 ? 141 ASP A OD1 1 
ATOM   1135 O  OD2 . ASP A 1 141 ? 13.27883  4.57345   -4.87950  1.000 25.28821 ? 141 ASP A OD2 1 
ATOM   1136 N  N   . ILE A 1 142 ? 10.26546  0.45245   -7.21350  1.000 15.44195 ? 142 ILE A N   1 
ATOM   1137 C  CA  . ILE A 1 142 ? 9.96494   -0.96053  -7.36067  1.000 14.98207 ? 142 ILE A CA  1 
ATOM   1138 C  C   . ILE A 1 142 ? 9.89280   -1.36920  -8.83800  1.000 17.64973 ? 142 ILE A C   1 
ATOM   1139 O  O   . ILE A 1 142 ? 10.31859  -2.47673  -9.18353  1.000 17.72040 ? 142 ILE A O   1 
ATOM   1140 C  CB  . ILE A 1 142 ? 8.71120   -1.36557  -6.56988  1.000 22.89442 ? 142 ILE A CB  1 
ATOM   1141 C  CG1 . ILE A 1 142 ? 8.81436   -2.85693  -6.20049  1.000 26.26971 ? 142 ILE A CG1 1 
ATOM   1142 C  CG2 . ILE A 1 142 ? 7.42532   -1.11767  -7.32232  1.000 21.59555 ? 142 ILE A CG2 1 
ATOM   1143 C  CD1 . ILE A 1 142 ? 7.84138   -3.27024  -5.19292  1.000 31.07621 ? 142 ILE A CD1 1 
ATOM   1144 N  N   . ALA A 1 143 ? 9.39189   -0.50310  -9.73576  1.000 18.54746 ? 143 ALA A N   1 
ATOM   1145 C  CA  . ALA A 1 143 ? 9.40869   -0.85294  -11.15668 1.000 20.39078 ? 143 ALA A CA  1 
ATOM   1146 C  C   . ALA A 1 143 ? 10.83133  -1.07460  -11.65662 1.000 15.65918 ? 143 ALA A C   1 
ATOM   1147 O  O   . ALA A 1 143 ? 11.08084  -1.98956  -12.46623 1.000 19.71769 ? 143 ALA A O   1 
ATOM   1148 C  CB  . ALA A 1 143 ? 8.72550   0.25031   -11.98503 1.000 22.61630 ? 143 ALA A CB  1 
ATOM   1149 N  N   . ALA A 1 144 ? 11.76864  -0.22004  -11.21536 1.000 18.37387 ? 144 ALA A N   1 
ATOM   1150 C  CA  . ALA A 1 144 ? 13.16412  -0.39278  -11.62210 1.000 18.89073 ? 144 ALA A CA  1 
ATOM   1151 C  C   . ALA A 1 144 ? 13.71843  -1.72548  -11.11894 1.000 18.11369 ? 144 ALA A C   1 
ATOM   1152 O  O   . ALA A 1 144 ? 14.44709  -2.42097  -11.85013 1.000 19.81887 ? 144 ALA A O   1 
ATOM   1153 C  CB  . ALA A 1 144 ? 14.01819  0.77930   -11.12184 1.000 19.64224 ? 144 ALA A CB  1 
ATOM   1154 N  N   . LYS A 1 145 ? 13.38332  -2.10374  -9.86439  1.000 15.94828 ? 145 LYS A N   1 
ATOM   1155 C  CA  . LYS A 1 145 ? 13.82350  -3.40439  -9.33116  1.000 17.19775 ? 145 LYS A CA  1 
ATOM   1156 C  C   . LYS A 1 145 ? 13.18546  -4.57380  -10.08563 1.000 19.78806 ? 145 LYS A C   1 
ATOM   1157 O  O   . LYS A 1 145 ? 13.82575  -5.61315  -10.31910 1.000 19.48278 ? 145 LYS A O   1 
ATOM   1158 C  CB  . LYS A 1 145 ? 13.48835  -3.48352  -7.84082  1.000 18.18451 ? 145 LYS A CB  1 
ATOM   1159 C  CG  . LYS A 1 145 ? 14.31564  -2.51665  -7.01090  1.000 28.47456 ? 145 LYS A CG  1 
ATOM   1160 C  CD  . LYS A 1 145 ? 15.80771  -2.69680  -7.28551  1.000 39.20748 ? 145 LYS A CD  1 
ATOM   1161 C  CE  . LYS A 1 145 ? 16.67044  -2.26009  -6.10231  1.000 47.95892 ? 145 LYS A CE  1 
ATOM   1162 N  NZ  . LYS A 1 145 ? 18.13543  -2.57857  -6.29325  1.000 56.05648 ? 145 LYS A NZ  1 
ATOM   1163 N  N   . TYR A 1 146 ? 11.90751  -4.43493  -10.43671 1.000 16.70060 ? 146 TYR A N   1 
ATOM   1164 C  CA  . TYR A 1 146 ? 11.21683  -5.41685  -11.26208 1.000 17.99621 ? 146 TYR A CA  1 
ATOM   1165 C  C   . TYR A 1 146 ? 12.00125  -5.69794  -12.53494 1.000 18.73010 ? 146 TYR A C   1 
ATOM   1166 O  O   . TYR A 1 146 ? 12.23226  -6.86117  -12.90473 1.000 19.27805 ? 146 TYR A O   1 
ATOM   1167 C  CB  . TYR A 1 146 ? 9.83026   -4.87643  -11.63646 1.000 17.95762 ? 146 TYR A CB  1 
ATOM   1168 C  CG  . TYR A 1 146 ? 8.68591   -5.10383  -10.66926 1.000 20.04385 ? 146 TYR A CG  1 
ATOM   1169 C  CD1 . TYR A 1 146 ? 8.87409   -5.64981  -9.38892  1.000 21.47201 ? 146 TYR A CD1 1 
ATOM   1170 C  CD2 . TYR A 1 146 ? 7.38512   -4.77438  -11.05589 1.000 26.04844 ? 146 TYR A CD2 1 
ATOM   1171 C  CE1 . TYR A 1 146 ? 7.76527   -5.87274  -8.53534  1.000 18.98209 ? 146 TYR A CE1 1 
ATOM   1172 C  CE2 . TYR A 1 146 ? 6.29501   -4.98930  -10.21534 1.000 23.23830 ? 146 TYR A CE2 1 
ATOM   1173 C  CZ  . TYR A 1 146 ? 6.48518   -5.54560  -8.97415  1.000 26.02061 ? 146 TYR A CZ  1 
ATOM   1174 O  OH  . TYR A 1 146 ? 5.38150   -5.73985  -8.15775  1.000 23.92345 ? 146 TYR A OH  1 
ATOM   1175 N  N   . LYS A 1 147 ? 12.37472  -4.61919  -13.24272 1.000 18.91674 ? 147 LYS A N   1 
ATOM   1176 C  CA  . LYS A 1 147 ? 13.07132  -4.77598  -14.51838 1.000 19.74087 ? 147 LYS A CA  1 
ATOM   1177 C  C   . LYS A 1 147 ? 14.40604  -5.43335  -14.30482 1.000 20.12114 ? 147 LYS A C   1 
ATOM   1178 O  O   . LYS A 1 147 ? 14.80667  -6.29821  -15.09377 1.000 17.11971 ? 147 LYS A O   1 
ATOM   1179 C  CB  . LYS A 1 147 ? 13.25079  -3.42274  -15.21250 1.000 19.97881 ? 147 LYS A CB  1 
ATOM   1180 C  CG  . LYS A 1 147 ? 11.96540  -2.93448  -15.84926 1.000 25.01635 ? 147 LYS A CG  1 
ATOM   1181 C  CD  . LYS A 1 147 ? 12.15055  -1.55805  -16.48366 1.000 25.85660 ? 147 LYS A CD  1 
ATOM   1182 C  CE  . LYS A 1 147 ? 10.83040  -1.03821  -17.05969 1.000 32.53998 ? 147 LYS A CE  1 
ATOM   1183 N  NZ  . LYS A 1 147 ? 9.77179   -0.82736  -15.99705 1.000 42.29762 ? 147 LYS A NZ  1 
ATOM   1184 N  N   . GLU A 1 148 ? 15.09392  -5.05650  -13.21416 1.000 18.32211 ? 148 GLU A N   1 
ATOM   1185 C  CA  . GLU A 1 148 ? 16.38485  -5.66316  -12.87932 1.000 21.11132 ? 148 GLU A CA  1 
ATOM   1186 C  C   . GLU A 1 148 ? 16.27056  -7.17963  -12.74722 1.000 22.01259 ? 148 GLU A C   1 
ATOM   1187 O  O   . GLU A 1 148 ? 17.20254  -7.91661  -13.11458 1.000 23.41148 ? 148 GLU A O   1 
ATOM   1188 C  CB  . GLU A 1 148 ? 16.90580  -5.05222  -11.57468 1.000 24.90310 ? 148 GLU A CB  1 
ATOM   1189 C  CG  . GLU A 1 148 ? 18.31082  -4.60480  -11.58793 1.000 33.83651 ? 148 GLU A CG  1 
ATOM   1190 C  CD  . GLU A 1 148 ? 18.61053  -3.59641  -10.48384 1.000 45.04016 ? 148 GLU A CD  1 
ATOM   1191 O  OE1 . GLU A 1 148 ? 18.99783  -2.44327  -10.80440 1.000 43.45681 ? 148 GLU A OE1 1 
ATOM   1192 O  OE2 . GLU A 1 148 ? 18.46084  -3.96537  -9.29866  1.000 44.55239 ? 148 GLU A OE2 1 
ATOM   1193 N  N   . LEU A 1 149 ? 15.13764  -7.65937  -12.24138 1.000 18.36624 ? 149 LEU A N   1 
ATOM   1194 C  CA  . LEU A 1 149 ? 14.83054  -9.07840  -12.13279 1.000 18.36738 ? 149 LEU A CA  1 
ATOM   1195 C  C   . LEU A 1 149 ? 14.27369  -9.67248  -13.41501 1.000 22.13795 ? 149 LEU A C   1 
ATOM   1196 O  O   . LEU A 1 149 ? 13.95573  -10.87068 -13.44177 1.000 26.40684 ? 149 LEU A O   1 
ATOM   1197 C  CB  . LEU A 1 149 ? 13.77740  -9.29425  -11.03102 1.000 20.13941 ? 149 LEU A CB  1 
ATOM   1198 C  CG  . LEU A 1 149 ? 14.26383  -8.85361  -9.65995  1.000 27.15969 ? 149 LEU A CG  1 
ATOM   1199 C  CD1 . LEU A 1 149 ? 13.09347  -8.86466  -8.66791  1.000 29.45706 ? 149 LEU A CD1 1 
ATOM   1200 C  CD2 . LEU A 1 149 ? 15.43838  -9.71570  -9.21326  1.000 27.79592 ? 149 LEU A CD2 1 
ATOM   1201 N  N   . GLY A 1 150 ? 14.07420  -8.87343  -14.45290 1.000 21.80278 ? 150 GLY A N   1 
ATOM   1202 C  CA  . GLY A 1 150 ? 13.52394  -9.38908  -15.69265 1.000 24.07138 ? 150 GLY A CA  1 
ATOM   1203 C  C   . GLY A 1 150 ? 12.01115  -9.35861  -15.81139 1.000 32.41892 ? 150 GLY A C   1 
ATOM   1204 O  O   . GLY A 1 150 ? 11.47256  -10.00892 -16.71323 1.000 28.48986 ? 150 GLY A O   1 
ATOM   1205 N  N   . TYR A 1 151 ? 11.30269  -8.62328  -14.94835 1.000 25.59776 ? 151 TYR A N   1 
ATOM   1206 C  CA  . TYR A 1 151 ? 9.83716   -8.54124  -14.98471 1.000 25.71224 ? 151 TYR A CA  1 
ATOM   1207 C  C   . TYR A 1 151 ? 9.40146   -7.15936  -15.48427 1.000 27.89222 ? 151 TYR A C   1 
ATOM   1208 O  O   . TYR A 1 151 ? 9.72913   -6.12468  -14.87407 1.000 24.59043 ? 151 TYR A O   1 
ATOM   1209 C  CB  . TYR A 1 151 ? 9.26047   -8.84344  -13.60060 1.000 28.82624 ? 151 TYR A CB  1 
ATOM   1210 C  CG  . TYR A 1 151 ? 7.75661   -8.67615  -13.47565 1.000 28.94113 ? 151 TYR A CG  1 
ATOM   1211 C  CD1 . TYR A 1 151 ? 6.87474   -9.35609  -14.31917 1.000 33.29656 ? 151 TYR A CD1 1 
ATOM   1212 C  CD2 . TYR A 1 151 ? 7.22025   -7.83372  -12.50068 1.000 31.31345 ? 151 TYR A CD2 1 
ATOM   1213 C  CE1 . TYR A 1 151 ? 5.49332   -9.21205  -14.18192 1.000 35.05526 ? 151 TYR A CE1 1 
ATOM   1214 C  CE2 . TYR A 1 151 ? 5.84025   -7.67101  -12.36408 1.000 29.64069 ? 151 TYR A CE2 1 
ATOM   1215 C  CZ  . TYR A 1 151 ? 4.98241   -8.35527  -13.20884 1.000 35.51801 ? 151 TYR A CZ  1 
ATOM   1216 O  OH  . TYR A 1 151 ? 3.60728   -8.18409  -13.06194 1.000 30.03182 ? 151 TYR A OH  1 
ATOM   1217 N  N   . GLN A 1 152 ? 8.65477   -7.13334  -16.59286 1.000 28.04532 ? 152 GLN A N   1 
ATOM   1218 C  CA  . GLN A 1 152 ? 8.35281   -5.84478  -17.22664 1.000 31.33577 ? 152 GLN A CA  1 
ATOM   1219 C  C   . GLN A 1 152 ? 7.07710   -5.19812  -16.68423 1.000 46.27141 ? 152 GLN A C   1 
ATOM   1220 O  O   . GLN A 1 152 ? 6.42494   -4.40599  -17.38904 1.000 41.13645 ? 152 GLN A O   1 
ATOM   1221 C  CB  . GLN A 1 152 ? 8.27596   -6.00163  -18.75036 1.000 34.39639 ? 152 GLN A CB  1 
ATOM   1222 C  CG  . GLN A 1 152 ? 9.63733   -6.18447  -19.43499 1.000 30.61573 ? 152 GLN A CG  1 
ATOM   1223 C  CD  . GLN A 1 152 ? 10.67438  -5.15616  -18.97562 1.000 30.94242 ? 152 GLN A CD  1 
ATOM   1224 O  OE1 . GLN A 1 152 ? 10.38586  -3.95726  -18.92138 1.000 36.70946 ? 152 GLN A OE1 1 
ATOM   1225 N  NE2 . GLN A 1 152 ? 11.89945  -5.61857  -18.67574 1.000 30.28520 ? 152 GLN A NE2 1 
ATOM   1226 N  N   . GLY A 1 153 ? 6.71500   -5.54383  -15.44047 1.000 45.12744 ? 153 GLY A N   1 
ATOM   1227 C  CA  . GLY A 1 153 ? 5.87217   -4.69898  -14.59307 1.000 44.63255 ? 153 GLY A CA  1 
ATOM   1228 C  C   . GLY A 1 153 ? 4.47402   -4.46133  -15.10319 1.000 44.89586 ? 153 GLY A C   1 
ATOM   1229 O  O   . GLY A 1 153 ? 3.78750   -3.50774  -14.68020 1.000 32.60545 ? 153 GLY A O   1 
ATOM   1230 O  OXT . GLY A 1 153 ? 4.04071   -5.23650  -15.96489 1.000 45.85202 ? 153 GLY A OXT 1 
HETATM 1231 C  CHA . HEM B 2 .   ? 2.20537   -10.95649 0.10120   1.000 24.79513 ? 201 HEM A CHA 1 
HETATM 1232 C  CHB . HEM B 2 .   ? 3.68423   -6.35431  0.79291   1.000 20.89208 ? 201 HEM A CHB 1 
HETATM 1233 C  CHC . HEM B 2 .   ? 1.04879   -4.91007  -3.19428  1.000 24.93773 ? 201 HEM A CHC 1 
HETATM 1234 C  CHD . HEM B 2 .   ? -0.83895  -9.43167  -3.40841  1.000 36.93706 ? 201 HEM A CHD 1 
HETATM 1235 C  C1A . HEM B 2 .   ? 2.87029   -9.75367  0.57164   1.000 22.06113 ? 201 HEM A C1A 1 
HETATM 1236 C  C2A . HEM B 2 .   ? 3.71589   -9.85553  1.76711   1.000 23.89891 ? 201 HEM A C2A 1 
HETATM 1237 C  C3A . HEM B 2 .   ? 4.15934   -8.48523  1.97958   1.000 24.61834 ? 201 HEM A C3A 1 
HETATM 1238 C  C4A . HEM B 2 .   ? 3.46252   -7.78472  0.88913   1.000 26.55572 ? 201 HEM A C4A 1 
HETATM 1239 C  CMA . HEM B 2 .   ? 5.06687   -7.93122  3.04995   1.000 27.41034 ? 201 HEM A CMA 1 
HETATM 1240 C  CAA . HEM B 2 .   ? 4.10248   -11.07715 2.52016   1.000 24.82544 ? 201 HEM A CAA 1 
HETATM 1241 C  CBA . HEM B 2 .   ? 5.57021   -11.27465 2.08358   1.000 27.50274 ? 201 HEM A CBA 1 
HETATM 1242 C  CGA . HEM B 2 .   ? 5.84176   -11.33168 0.57784   1.000 32.74318 ? 201 HEM A CGA 1 
HETATM 1243 O  O1A . HEM B 2 .   ? 5.51515   -12.29034 -0.10721  1.000 33.65696 ? 201 HEM A O1A 1 
HETATM 1244 O  O2A . HEM B 2 .   ? 6.47246   -10.35147 -0.05956  1.000 27.63121 ? 201 HEM A O2A 1 
HETATM 1245 C  C1B . HEM B 2 .   ? 2.95678   -5.47271  -0.07789  1.000 20.20205 ? 201 HEM A C1B 1 
HETATM 1246 C  C2B . HEM B 2 .   ? 3.06827   -3.99735  -0.04048  1.000 19.72800 ? 201 HEM A C2B 1 
HETATM 1247 C  C3B . HEM B 2 .   ? 2.15967   -3.62389  -1.14945  1.000 20.08284 ? 201 HEM A C3B 1 
HETATM 1248 C  C4B . HEM B 2 .   ? 1.48972   -4.82318  -1.76370  1.000 20.94945 ? 201 HEM A C4B 1 
HETATM 1249 C  CMB . HEM B 2 .   ? 3.87693   -3.18554  0.92386   1.000 16.91656 ? 201 HEM A CMB 1 
HETATM 1250 C  CAB . HEM B 2 .   ? 1.80610   -2.22962  -1.60444  1.000 24.00706 ? 201 HEM A CAB 1 
HETATM 1251 C  CBB . HEM B 2 .   ? 1.80236   -1.13774  -0.84261  1.000 22.16051 ? 201 HEM A CBB 1 
HETATM 1252 C  C1C . HEM B 2 .   ? 0.14007   -6.01277  -3.61661  1.000 28.14107 ? 201 HEM A C1C 1 
HETATM 1253 C  C2C . HEM B 2 .   ? -0.93771  -5.89711  -4.65572  1.000 24.61575 ? 201 HEM A C2C 1 
HETATM 1254 C  C3C . HEM B 2 .   ? -1.45892  -7.27795  -4.71117  1.000 29.41893 ? 201 HEM A C3C 1 
HETATM 1255 C  C4C . HEM B 2 .   ? -0.64856  -8.01795  -3.73829  1.000 28.23560 ? 201 HEM A C4C 1 
HETATM 1256 C  CMC . HEM B 2 .   ? -1.33494  -4.66104  -5.38614  1.000 27.73078 ? 201 HEM A CMC 1 
HETATM 1257 C  CAC . HEM B 2 .   ? -2.56808  -7.88651  -5.49052  1.000 28.85439 ? 201 HEM A CAC 1 
HETATM 1258 C  CBC . HEM B 2 .   ? -3.19023  -7.19765  -6.41322  1.000 34.11383 ? 201 HEM A CBC 1 
HETATM 1259 C  C1D . HEM B 2 .   ? 0.36614   -10.22490 -3.05572  1.000 29.50744 ? 201 HEM A C1D 1 
HETATM 1260 C  C2D . HEM B 2 .   ? 0.12723   -11.66617 -2.85848  1.000 29.03591 ? 201 HEM A C2D 1 
HETATM 1261 C  C3D . HEM B 2 .   ? 0.79780   -12.22728 -1.67527  1.000 27.01065 ? 201 HEM A C3D 1 
HETATM 1262 C  C4D . HEM B 2 .   ? 1.38243   -11.00699 -1.07806  1.000 26.77088 ? 201 HEM A C4D 1 
HETATM 1263 C  CMD . HEM B 2 .   ? -0.68256  -12.32759 -3.94931  1.000 34.47145 ? 201 HEM A CMD 1 
HETATM 1264 C  CAD . HEM B 2 .   ? 0.80762   -13.61601 -1.12500  1.000 37.45319 ? 201 HEM A CAD 1 
HETATM 1265 C  CBD . HEM B 2 .   ? -0.41410  -13.62780 -0.18598  1.000 28.57740 ? 201 HEM A CBD 1 
HETATM 1266 C  CGD . HEM B 2 .   ? -0.49430  -15.01811 0.38773   1.000 40.38585 ? 201 HEM A CGD 1 
HETATM 1267 O  O1D . HEM B 2 .   ? -1.16922  -15.87521 -0.16413  1.000 48.61387 ? 201 HEM A O1D 1 
HETATM 1268 O  O2D . HEM B 2 .   ? 0.19768   -15.32375 1.47777   1.000 52.41066 ? 201 HEM A O2D 1 
HETATM 1269 N  NA  . HEM B 2 .   ? 2.61961   -8.50676  0.11337   1.000 23.80224 ? 201 HEM A NA  1 
HETATM 1270 N  NB  . HEM B 2 .   ? 2.16557   -5.93798  -1.05230  1.000 22.41506 ? 201 HEM A NB  1 
HETATM 1271 N  NC  . HEM B 2 .   ? 0.24131   -7.25502  -3.05754  1.000 26.60357 ? 201 HEM A NC  1 
HETATM 1272 N  ND  . HEM B 2 .   ? 1.12509   -9.93775  -1.80203  1.000 25.19925 ? 201 HEM A ND  1 
HETATM 1273 FE FE  . HEM B 2 .   ? 1.65249   -7.91331  -1.63844  1.000 22.98717 ? 201 HEM A FE  1 
HETATM 1274 C  CAA . JZ3 C 3 .   ? -3.32551  -13.89627 2.30349   1.000 49.27931 ? 202 JZ3 A CAA 1 
HETATM 1275 O  OAG . JZ3 C 3 .   ? -4.68234  -13.87132 2.76997   1.000 56.98623 ? 202 JZ3 A OAG 1 
HETATM 1276 C  CAI . JZ3 C 3 .   ? -5.64537  -13.09362 2.16451   1.000 47.90863 ? 202 JZ3 A CAI 1 
HETATM 1277 C  CAF . JZ3 C 3 .   ? -5.27743  -11.96829 1.44428   1.000 43.30706 ? 202 JZ3 A CAF 1 
HETATM 1278 C  CAD . JZ3 C 3 .   ? -6.27041  -11.20043 0.84121   1.000 44.09388 ? 202 JZ3 A CAD 1 
HETATM 1279 C  CAC . JZ3 C 3 .   ? -7.62207  -11.52392 0.93405   1.000 45.43706 ? 202 JZ3 A CAC 1 
HETATM 1280 C  CAE . JZ3 C 3 .   ? -8.04202  -12.63697 1.64131   1.000 45.74706 ? 202 JZ3 A CAE 1 
HETATM 1281 C  CAH . JZ3 C 3 .   ? -7.09513  -13.43630 2.26828   1.000 44.91706 ? 202 JZ3 A CAH 1 
HETATM 1282 O  OAB . JZ3 C 3 .   ? -7.51418  -14.53064 2.96381   1.000 55.73524 ? 202 JZ3 A OAB 1 
HETATM 1283 O  O   . HOH D 4 .   ? -2.43421  -8.34339  -0.45776  1.000 38.36370 ? 301 HOH A O   1 
HETATM 1284 O  O   . HOH D 4 .   ? -7.51119  13.63949  11.54183  1.000 39.05197 ? 302 HOH A O   1 
HETATM 1285 O  O   . HOH D 4 .   ? 4.14318   17.56060  -1.63254  1.000 38.68641 ? 303 HOH A O   1 
HETATM 1286 O  O   . HOH D 4 .   ? -9.81360  -2.19719  -12.49050 1.000 33.50766 ? 304 HOH A O   1 
HETATM 1287 O  O   . HOH D 4 .   ? -8.79165  3.36132   -7.51729  1.000 36.71580 ? 305 HOH A O   1 
HETATM 1288 O  O   . HOH D 4 .   ? -5.99898  12.51580  -2.54190  1.000 37.25298 ? 306 HOH A O   1 
HETATM 1289 O  O   . HOH D 4 .   ? -1.60844  -15.71098 -4.81925  1.000 43.81170 ? 307 HOH A O   1 
HETATM 1290 O  O   . HOH D 4 .   ? 4.41026   5.89858   13.90754  1.000 35.29497 ? 308 HOH A O   1 
HETATM 1291 O  O   . HOH D 4 .   ? -4.46658  11.66588  -4.54969  1.000 35.66724 ? 309 HOH A O   1 
HETATM 1292 O  O   . HOH D 4 .   ? 23.28799  -2.65454  -3.08195  1.000 38.27765 ? 310 HOH A O   1 
HETATM 1293 O  O   . HOH D 4 .   ? -13.00187 10.76934  1.91661   1.000 40.81239 ? 311 HOH A O   1 
HETATM 1294 O  O   . HOH D 4 .   ? 3.87338   0.87619   10.17322  1.000 32.26316 ? 312 HOH A O   1 
HETATM 1295 O  O   . HOH D 4 .   ? 5.49090   19.73425  -5.66721  1.000 46.67066 ? 313 HOH A O   1 
HETATM 1296 O  O   . HOH D 4 .   ? -4.31986  -14.73350 15.77504  1.000 31.42392 ? 314 HOH A O   1 
HETATM 1297 O  O   . HOH D 4 .   ? -4.88477  3.67879   -11.58996 1.000 36.51799 ? 315 HOH A O   1 
HETATM 1298 O  O   . HOH D 4 .   ? 2.78975   18.58177  0.60546   1.000 35.63339 ? 316 HOH A O   1 
HETATM 1299 O  O   . HOH D 4 .   ? -11.85316 8.47855   -2.48276  1.000 43.02237 ? 317 HOH A O   1 
HETATM 1300 O  O   . HOH D 4 .   ? -2.38177  14.78922  -4.25227  1.000 34.96485 ? 318 HOH A O   1 
HETATM 1301 O  O   . HOH D 4 .   ? -16.54867 -16.82677 4.81401   1.000 40.17048 ? 319 HOH A O   1 
HETATM 1302 O  O   . HOH D 4 .   ? -8.72877  11.77420  -1.19417  1.000 36.42733 ? 320 HOH A O   1 
HETATM 1303 O  O   . HOH D 4 .   ? 11.14464  3.00859   -12.47452 1.000 23.57063 ? 321 HOH A O   1 
HETATM 1304 O  O   . HOH D 4 .   ? 3.48521   14.68522  13.82969  1.000 36.37415 ? 322 HOH A O   1 
HETATM 1305 O  O   . HOH D 4 .   ? -17.94456 -9.37055  9.69304   1.000 28.00082 ? 323 HOH A O   1 
HETATM 1306 O  O   . HOH D 4 .   ? 7.30741   -12.70614 -13.21753 1.000 37.32133 ? 324 HOH A O   1 
HETATM 1307 O  O   . HOH D 4 .   ? -9.09678  -12.01087 15.34935  1.000 29.67800 ? 325 HOH A O   1 
HETATM 1308 O  O   . HOH D 4 .   ? 11.81219  7.85109   9.94930   1.000 32.76397 ? 326 HOH A O   1 
HETATM 1309 O  O   . HOH D 4 .   ? 0.74634   -12.04026 -14.35755 1.000 44.89707 ? 327 HOH A O   1 
HETATM 1310 O  O   . HOH D 4 .   ? 12.71962  11.72270  -1.41922  1.000 36.18881 ? 328 HOH A O   1 
HETATM 1311 O  O   . HOH D 4 .   ? 5.88093   6.57504   -9.90343  1.000 33.64844 ? 329 HOH A O   1 
HETATM 1312 O  O   . HOH D 4 .   ? 2.00465   -9.33127  -14.81662 1.000 38.71129 ? 330 HOH A O   1 
HETATM 1313 O  O   . HOH D 4 .   ? -0.99679  -17.14575 10.56499  1.000 47.50339 ? 331 HOH A O   1 
HETATM 1314 O  O   . HOH D 4 .   ? 19.98191  -2.05540  -13.22424 1.000 36.03014 ? 332 HOH A O   1 
HETATM 1315 O  O   . HOH D 4 .   ? 8.69216   -9.19731  0.82926   1.000 26.42641 ? 333 HOH A O   1 
HETATM 1316 O  O   . HOH D 4 .   ? -3.07418  17.27006  -2.95550  1.000 34.29038 ? 334 HOH A O   1 
HETATM 1317 O  O   . HOH D 4 .   ? -12.85764 -0.24257  2.72325   1.000 21.69524 ? 335 HOH A O   1 
HETATM 1318 O  O   . HOH D 4 .   ? -5.42575  -5.66833  8.20190   1.000 18.25603 ? 336 HOH A O   1 
HETATM 1319 O  O   . HOH D 4 .   ? -10.90032 -16.19004 5.88116   1.000 36.69303 ? 337 HOH A O   1 
HETATM 1320 O  O   . HOH D 4 .   ? -10.60763 -8.98628  7.81707   1.000 21.95027 ? 338 HOH A O   1 
HETATM 1321 O  O   . HOH D 4 .   ? -20.32273 -5.01070  6.11990   1.000 40.84393 ? 339 HOH A O   1 
HETATM 1322 O  O   . HOH D 4 .   ? 1.38030   -2.37852  -14.98034 1.000 27.37343 ? 340 HOH A O   1 
HETATM 1323 O  O   . HOH D 4 .   ? 0.04954   8.99234   -8.23910  1.000 29.16473 ? 341 HOH A O   1 
HETATM 1324 O  O   . HOH D 4 .   ? 6.28497   -0.85796  9.85016   1.000 27.68188 ? 342 HOH A O   1 
HETATM 1325 O  O   . HOH D 4 .   ? 5.47913   19.40948  7.05233   1.000 21.77508 ? 343 HOH A O   1 
HETATM 1326 O  O   . HOH D 4 .   ? 7.62657   -9.10292  -18.11164 1.000 33.80496 ? 344 HOH A O   1 
HETATM 1327 O  O   . HOH D 4 .   ? -14.95264 -14.51727 6.92181   1.000 35.58666 ? 345 HOH A O   1 
HETATM 1328 O  O   . HOH D 4 .   ? 2.77265   4.84614   -10.98672 1.000 28.46445 ? 346 HOH A O   1 
HETATM 1329 O  O   . HOH D 4 .   ? 16.40445  7.39515   6.06105   1.000 35.41914 ? 347 HOH A O   1 
HETATM 1330 O  O   . HOH D 4 .   ? -8.13215  3.76274   -10.85530 1.000 41.73547 ? 348 HOH A O   1 
HETATM 1331 O  O   . HOH D 4 .   ? -11.30626 -8.90464  13.91705  1.000 41.98103 ? 349 HOH A O   1 
HETATM 1332 O  O   . HOH D 4 .   ? 11.13839  0.99580   -14.55172 1.000 33.55645 ? 350 HOH A O   1 
HETATM 1333 O  O   . HOH D 4 .   ? 13.19052  3.65818   10.02391  1.000 31.28344 ? 351 HOH A O   1 
HETATM 1334 O  O   . HOH D 4 .   ? -17.02112 -4.17399  -6.67298  1.000 40.06040 ? 352 HOH A O   1 
HETATM 1335 O  O   . HOH D 4 .   ? 10.68115  5.75130   1.49181   1.000 19.41590 ? 353 HOH A O   1 
HETATM 1336 O  O   . HOH D 4 .   ? 0.97493   13.33512  -9.26785  1.000 39.29338 ? 354 HOH A O   1 
HETATM 1337 O  O   . HOH D 4 .   ? -6.31830  -3.41180  15.81562  1.000 35.26340 ? 355 HOH A O   1 
HETATM 1338 O  O   . HOH D 4 .   ? -0.49558  -7.85686  -0.50436  1.000 28.63397 ? 356 HOH A O   1 
HETATM 1339 O  O   . HOH D 4 .   ? 14.62890  -12.87896 -11.72623 1.000 39.14221 ? 357 HOH A O   1 
HETATM 1340 O  O   . HOH D 4 .   ? -3.14925  1.48063   19.28556  1.000 32.97902 ? 358 HOH A O   1 
HETATM 1341 O  O   . HOH D 4 .   ? -0.74948  2.87751   -15.44319 1.000 24.69501 ? 359 HOH A O   1 
HETATM 1342 O  O   . HOH D 4 .   ? 14.80971  -2.66706  7.59032   1.000 26.79769 ? 360 HOH A O   1 
HETATM 1343 O  O   . HOH D 4 .   ? 21.22103  -2.01242  -9.26654  1.000 40.47082 ? 361 HOH A O   1 
HETATM 1344 O  O   . HOH D 4 .   ? -7.60618  18.79963  6.49937   1.000 35.02864 ? 362 HOH A O   1 
HETATM 1345 O  O   . HOH D 4 .   ? 19.01508  12.11588  1.65792   1.000 52.47127 ? 363 HOH A O   1 
HETATM 1346 O  O   . HOH D 4 .   ? -15.52966 2.13902   -0.48680  1.000 41.46076 ? 364 HOH A O   1 
HETATM 1347 O  O   . HOH D 4 .   ? 6.70429   12.29419  -8.12863  1.000 42.66842 ? 365 HOH A O   1 
HETATM 1348 O  O   . HOH D 4 .   ? 0.23237   7.60553   -5.31774  1.000 26.41017 ? 366 HOH A O   1 
HETATM 1349 O  O   . HOH D 4 .   ? 9.45766   -3.08690  4.24263   1.000 21.93066 ? 367 HOH A O   1 
HETATM 1350 O  O   . HOH D 4 .   ? -3.55111  1.75097   -12.49826 1.000 32.05282 ? 368 HOH A O   1 
HETATM 1351 O  O   . HOH D 4 .   ? 14.95744  0.92427   -7.52894  1.000 29.52799 ? 369 HOH A O   1 
HETATM 1352 O  O   . HOH D 4 .   ? 0.89998   5.53459   16.57102  1.000 34.00759 ? 370 HOH A O   1 
HETATM 1353 O  O   . HOH D 4 .   ? 16.15615  -1.60003  -13.87663 1.000 26.07073 ? 371 HOH A O   1 
HETATM 1354 O  O   . HOH D 4 .   ? -7.63614  7.64576   -3.85458  1.000 22.22085 ? 372 HOH A O   1 
HETATM 1355 O  O   . HOH D 4 .   ? 14.46699  6.64255   -3.34574  1.000 26.90760 ? 373 HOH A O   1 
HETATM 1356 O  O   . HOH D 4 .   ? 14.54067  7.15187   -7.16604  1.000 40.06118 ? 374 HOH A O   1 
HETATM 1357 O  O   . HOH D 4 .   ? 20.40120  -4.54774  -1.08429  1.000 24.72677 ? 375 HOH A O   1 
HETATM 1358 O  O   . HOH D 4 .   ? 3.48198   -4.71272  12.73001  1.000 29.90664 ? 376 HOH A O   1 
HETATM 1359 O  O   . HOH D 4 .   ? 5.52125   -7.10558  6.94084   1.000 21.55123 ? 377 HOH A O   1 
HETATM 1360 O  O   . HOH D 4 .   ? 6.06747   13.96779  11.21347  1.000 23.83684 ? 378 HOH A O   1 
HETATM 1361 O  O   . HOH D 4 .   ? -0.23990  -14.36413 -7.77136  1.000 41.18706 ? 379 HOH A O   1 
HETATM 1362 O  O   . HOH D 4 .   ? 1.58330   0.94192   16.49198  1.000 30.74554 ? 380 HOH A O   1 
HETATM 1363 O  O   . HOH D 4 .   ? 0.20168   11.72721  14.12390  1.000 24.08335 ? 381 HOH A O   1 
HETATM 1364 O  O   . HOH D 4 .   ? -0.36424  14.55294  7.72646   1.000 24.77851 ? 382 HOH A O   1 
HETATM 1365 O  O   . HOH D 4 .   ? 1.59146   -15.94917 -4.89714  1.000 41.60066 ? 383 HOH A O   1 
HETATM 1366 O  O   . HOH D 4 .   ? -11.64449 -9.98713  11.68312  1.000 35.09561 ? 384 HOH A O   1 
HETATM 1367 O  O   . HOH D 4 .   ? 11.66597  -11.80205 -1.05471  1.000 26.35123 ? 385 HOH A O   1 
HETATM 1368 O  O   . HOH D 4 .   ? 13.89951  19.32683  2.54971   1.000 33.16674 ? 386 HOH A O   1 
HETATM 1369 O  O   . HOH D 4 .   ? 4.11839   -14.49671 0.99821   1.000 32.38530 ? 387 HOH A O   1 
HETATM 1370 O  O   . HOH D 4 .   ? 13.03300  -1.13908  8.78464   1.000 37.36273 ? 388 HOH A O   1 
HETATM 1371 O  O   . HOH D 4 .   ? 8.27705   0.69584   11.24377  1.000 32.05254 ? 389 HOH A O   1 
HETATM 1372 O  O   . HOH D 4 .   ? -9.76893  -4.73097  13.22750  1.000 29.67013 ? 390 HOH A O   1 
HETATM 1373 O  O   . HOH D 4 .   ? -8.27414  0.94358   -5.25946  1.000 27.31421 ? 391 HOH A O   1 
HETATM 1374 O  O   . HOH D 4 .   ? -5.92739  6.67399   14.21622  1.000 26.55830 ? 392 HOH A O   1 
HETATM 1375 O  O   . HOH D 4 .   ? 17.78939  0.59851   2.61601   1.000 22.92826 ? 393 HOH A O   1 
HETATM 1376 O  O   . HOH D 4 .   ? -2.88710  -14.12286 6.14126   1.000 35.17244 ? 394 HOH A O   1 
HETATM 1377 O  O   . HOH D 4 .   ? -0.77408  20.88966  -2.41195  1.000 36.41410 ? 395 HOH A O   1 
HETATM 1378 O  O   . HOH D 4 .   ? -14.32697 0.88960   8.17002   1.000 39.82865 ? 396 HOH A O   1 
HETATM 1379 O  O   . HOH D 4 .   ? -3.53974  18.04476  6.54598   1.000 28.06691 ? 397 HOH A O   1 
HETATM 1380 O  O   . HOH D 4 .   ? -1.86268  -6.37832  -1.23144  1.000 36.73495 ? 398 HOH A O   1 
HETATM 1381 O  O   . HOH D 4 .   ? -9.87801  14.14692  11.12188  1.000 31.19705 ? 399 HOH A O   1 
HETATM 1382 O  O   . HOH D 4 .   ? -9.41644  17.01173  0.81108   1.000 39.02797 ? 400 HOH A O   1 
HETATM 1383 O  O   . HOH D 4 .   ? 11.00411  20.87300  3.92085   1.000 27.10449 ? 401 HOH A O   1 
HETATM 1384 O  O   . HOH D 4 .   ? 15.33057  11.49081  3.40345   1.000 38.14413 ? 402 HOH A O   1 
HETATM 1385 O  O   . HOH D 4 .   ? 19.64372  -8.53894  -11.68802 1.000 27.49375 ? 403 HOH A O   1 
HETATM 1386 O  O   . HOH D 4 .   ? -3.45882  -3.73775  14.61888  1.000 21.83969 ? 404 HOH A O   1 
HETATM 1387 O  O   . HOH D 4 .   ? -13.31045 12.22591  5.38443   1.000 37.68518 ? 405 HOH A O   1 
HETATM 1388 O  O   . HOH D 4 .   ? -10.32659 -2.20674  13.99213  1.000 35.99108 ? 406 HOH A O   1 
HETATM 1389 O  O   . HOH D 4 .   ? -1.46848  22.84587  4.59590   1.000 39.01916 ? 407 HOH A O   1 
HETATM 1390 O  O   . HOH D 4 .   ? -20.49156 -16.80137 1.25550   1.000 28.39624 ? 408 HOH A O   1 
HETATM 1391 O  O   . HOH D 4 .   ? 1.54293   14.78333  -5.31287  1.000 30.92713 ? 409 HOH A O   1 
HETATM 1392 O  O   . HOH D 4 .   ? 20.35310  -8.94498  -4.26117  1.000 39.62653 ? 410 HOH A O   1 
HETATM 1393 O  O   . HOH D 4 .   ? -2.27857  19.06826  4.43439   1.000 21.78357 ? 411 HOH A O   1 
HETATM 1394 O  O   . HOH D 4 .   ? -2.17139  -1.03805  15.61120  1.000 24.26412 ? 412 HOH A O   1 
HETATM 1395 O  O   . HOH D 4 .   ? 16.62434  -9.13165  -4.79817  1.000 31.42732 ? 413 HOH A O   1 
HETATM 1396 O  O   . HOH D 4 .   ? 0.31274   -12.37742 6.47084   1.000 36.51053 ? 414 HOH A O   1 
HETATM 1397 O  O   . HOH D 4 .   ? 7.95423   11.15467  -6.10180  1.000 29.37580 ? 415 HOH A O   1 
HETATM 1398 O  O   . HOH D 4 .   ? 8.55783   -3.15271  -14.59965 1.000 30.85279 ? 416 HOH A O   1 
HETATM 1399 O  O   . HOH D 4 .   ? -21.33940 -7.31607  0.45144   1.000 40.91644 ? 417 HOH A O   1 
HETATM 1400 O  O   . HOH D 4 .   ? -9.51457  -16.50419 7.75920   1.000 41.53880 ? 418 HOH A O   1 
HETATM 1401 O  O   . HOH D 4 .   ? -17.24708 -16.38662 0.38558   1.000 44.12029 ? 419 HOH A O   1 
HETATM 1402 O  O   . HOH D 4 .   ? 7.15607   -14.57579 -1.09758  1.000 31.90803 ? 420 HOH A O   1 
HETATM 1403 O  O   . HOH D 4 .   ? 0.84816   12.29852  4.22638   1.000 31.46593 ? 421 HOH A O   1 
HETATM 1404 O  O   . HOH D 4 .   ? 5.10637   7.37643   11.48497  1.000 25.94321 ? 422 HOH A O   1 
HETATM 1405 O  O   . HOH D 4 .   ? 12.94731  -8.41253  -19.10255 1.000 31.37891 ? 423 HOH A O   1 
HETATM 1406 O  O   . HOH D 4 .   ? -0.63475  -9.37143  -14.62947 1.000 42.18694 ? 424 HOH A O   1 
HETATM 1407 O  O   . HOH D 4 .   ? -4.92256  19.82239  7.79005   1.000 45.13576 ? 425 HOH A O   1 
HETATM 1408 O  O   . HOH D 4 .   ? 15.73090  -6.12874  -8.02406  1.000 30.11527 ? 426 HOH A O   1 
HETATM 1409 O  O   . HOH D 4 .   ? -6.65786  -2.57280  -15.97459 1.000 47.82894 ? 427 HOH A O   1 
HETATM 1410 O  O   . HOH D 4 .   ? 10.56209  12.97706  9.07208   1.000 41.07018 ? 428 HOH A O   1 
HETATM 1411 O  O   . HOH D 4 .   ? -16.24868 0.06606   6.33274   1.000 44.10013 ? 429 HOH A O   1 
HETATM 1412 O  O   . HOH D 4 .   ? 5.39219   14.27259  -8.38680  1.000 43.48207 ? 430 HOH A O   1 
HETATM 1413 O  O   . HOH D 4 .   ? 2.87213   3.34207   16.72456  1.000 34.81361 ? 431 HOH A O   1 
HETATM 1414 O  O   . HOH D 4 .   ? -9.65505  3.39858   -4.39080  1.000 24.26339 ? 432 HOH A O   1 
HETATM 1415 O  O   . HOH D 4 .   ? 14.98028  -7.12626  -6.01832  1.000 33.47104 ? 433 HOH A O   1 
HETATM 1416 O  O   . HOH D 4 .   ? 8.94959   5.85054   -0.98935  1.000 27.34220 ? 434 HOH A O   1 
HETATM 1417 O  O   . HOH D 4 .   ? -12.30143 3.80199   5.73101   1.000 30.73500 ? 435 HOH A O   1 
HETATM 1418 O  O   . HOH D 4 .   ? -15.30737 3.73104   2.03038   1.000 34.01346 ? 436 HOH A O   1 
HETATM 1419 O  O   . HOH D 4 .   ? -11.75282 -16.13700 9.74710   1.000 38.27395 ? 437 HOH A O   1 
HETATM 1420 O  O   . HOH D 4 .   ? -12.34435 -2.83164  9.71999   1.000 41.25290 ? 438 HOH A O   1 
HETATM 1421 O  O   . HOH D 4 .   ? 6.30466   3.06947   -11.70281 1.000 34.71508 ? 439 HOH A O   1 
HETATM 1422 O  O   . HOH D 4 .   ? 7.48014   5.05459   14.68552  1.000 42.59085 ? 440 HOH A O   1 
HETATM 1423 O  O   . HOH D 4 .   ? -14.45133 -1.59940  4.67132   1.000 35.76033 ? 441 HOH A O   1 
HETATM 1424 O  O   . HOH D 4 .   ? -10.17614 5.91279   -4.90854  1.000 37.43951 ? 442 HOH A O   1 
HETATM 1425 O  O   . HOH D 4 .   ? 9.46047   -11.93956 -15.09869 1.000 37.03648 ? 443 HOH A O   1 
HETATM 1426 O  O   . HOH D 4 .   ? -9.39389  -19.88931 2.83904   1.000 45.30801 ? 444 HOH A O   1 
HETATM 1427 O  O   . HOH D 4 .   ? -18.92636 -18.83907 -0.00816  1.000 44.16080 ? 445 HOH A O   1 
HETATM 1428 O  O   . HOH D 4 .   ? -4.31612  -1.14980  -18.71418 1.000 39.33293 ? 446 HOH A O   1 
HETATM 1429 O  O   . HOH D 4 .   ? 14.59172  14.15742  3.81497   1.000 38.65033 ? 447 HOH A O   1 
HETATM 1430 O  O   . HOH D 4 .   ? -20.94626 -18.00116 3.44075   1.000 32.08034 ? 448 HOH A O   1 
HETATM 1431 O  O   . HOH D 4 .   ? 8.63579   -11.62000 -17.31081 1.000 39.57395 ? 449 HOH A O   1 
HETATM 1432 O  O   . HOH D 4 .   ? -0.66261  15.38347  -6.28133  1.000 45.07551 ? 450 HOH A O   1 
HETATM 1433 O  O   . HOH D 4 .   ? 1.82089   21.88513  4.87977   1.000 35.77549 ? 451 HOH A O   1 
HETATM 1434 O  O   . HOH D 4 .   ? -2.80530  -8.87177  -14.77202 1.000 50.64021 ? 452 HOH A O   1 
HETATM 1435 O  O   . HOH D 4 .   ? -11.51547 -0.87182  11.70353  1.000 35.01093 ? 453 HOH A O   1 
HETATM 1436 O  O   . HOH D 4 .   ? 5.98210   0.87487   15.03010  1.000 37.28920 ? 454 HOH A O   1 
HETATM 1437 O  O   . HOH D 4 .   ? -0.43228  9.99149   16.30706  1.000 39.60539 ? 455 HOH A O   1 
HETATM 1438 O  O   . HOH D 4 .   ? -0.42860  -4.11570  -16.22167 1.000 38.75695 ? 456 HOH A O   1 
HETATM 1439 O  O   . HOH D 4 .   ? 2.45966   -17.71084 -6.17562  1.000 40.47688 ? 457 HOH A O   1 
HETATM 1440 O  O   . HOH D 4 .   ? 17.95548  -12.01708 -8.27895  1.000 45.78597 ? 458 HOH A O   1 
HETATM 1441 O  O   . HOH D 4 .   ? 9.15552   9.25646   -7.99039  1.000 28.03248 ? 459 HOH A O   1 
HETATM 1442 O  O   . HOH D 4 .   ? -1.45868  17.32672  8.25848   1.000 24.66517 ? 460 HOH A O   1 
HETATM 1443 O  O   . HOH D 4 .   ? -14.55442 -0.45988  0.28503   1.000 25.12647 ? 461 HOH A O   1 
HETATM 1444 O  O   . HOH D 4 .   ? 13.72723  4.40170   -12.24344 1.000 33.73590 ? 462 HOH A O   1 
HETATM 1445 O  O   . HOH D 4 .   ? 6.14857   -0.73586  -15.50633 1.000 40.82172 ? 463 HOH A O   1 
HETATM 1446 O  O   . HOH D 4 .   ? 20.47049  0.79536   -9.73494  1.000 47.29623 ? 464 HOH A O   1 
HETATM 1447 O  O   . HOH D 4 .   ? -19.08464 -13.32771 8.30509   1.000 40.62835 ? 465 HOH A O   1 
HETATM 1448 O  O   . HOH D 4 .   ? 22.01411  -5.13306  -9.47544  1.000 37.77113 ? 466 HOH A O   1 
HETATM 1449 O  O   . HOH D 4 .   ? -2.36398  8.27335   16.96599  1.000 41.34895 ? 467 HOH A O   1 
HETATM 1450 O  O   . HOH D 4 .   ? -9.18599  9.60775   -2.29638  1.000 37.31916 ? 468 HOH A O   1 
HETATM 1451 O  O   . HOH D 4 .   ? -13.06367 2.36384   3.07970   1.000 34.87555 ? 469 HOH A O   1 
HETATM 1452 O  O   . HOH D 4 .   ? 15.49236  5.48042   9.49407   1.000 36.56149 ? 470 HOH A O   1 
HETATM 1453 O  O   . HOH D 4 .   ? 8.18787   -5.40623  7.70263   1.000 38.13234 ? 471 HOH A O   1 
HETATM 1454 O  O   . HOH D 4 .   ? 0.27972   18.86454  -3.43859  1.000 42.40677 ? 472 HOH A O   1 
HETATM 1455 O  O   . HOH D 4 .   ? 3.08447   15.37142  -7.09171  1.000 42.11870 ? 473 HOH A O   1 
HETATM 1456 O  O   . HOH D 4 .   ? 15.70476  1.46123   -4.29704  1.000 38.69894 ? 474 HOH A O   1 
HETATM 1457 O  O   . HOH D 4 .   ? -12.04802 15.98766  11.13993  1.000 38.98750 ? 475 HOH A O   1 
HETATM 1458 O  O   . HOH D 4 .   ? 3.78035   -16.42103 -0.28290  1.000 44.43581 ? 476 HOH A O   1 
HETATM 1459 O  O   . HOH D 4 .   ? -15.84501 4.96596   3.82227   1.000 40.89210 ? 477 HOH A O   1 
HETATM 1460 O  O   . HOH D 4 .   ? 14.04081  -11.82493 -1.43634  1.000 35.30221 ? 478 HOH A O   1 
HETATM 1461 O  O   . HOH D 4 .   ? -19.51893 -11.81677 10.48262  1.000 39.47184 ? 479 HOH A O   1 
HETATM 1462 O  O   . HOH D 4 .   ? -5.62715  17.98057  -4.22756  1.000 41.78319 ? 480 HOH A O   1 
HETATM 1463 O  O   . HOH D 4 .   ? 4.40913   21.19961  5.20624   1.000 35.22444 ? 481 HOH A O   1 
HETATM 1464 O  O   . HOH D 4 .   ? 7.11785   2.78731   16.62285  1.000 45.02686 ? 482 HOH A O   1 
HETATM 1465 O  O   . HOH D 4 .   ? -5.58444  -2.61065  -20.47837 1.000 37.80579 ? 483 HOH A O   1 
HETATM 1466 O  O   . HOH D 4 .   ? 4.79798   7.32784   15.81080  1.000 42.50105 ? 484 HOH A O   1 
HETATM 1467 O  O   . HOH D 4 .   ? -2.18237  4.33318   19.61987  1.000 40.05872 ? 485 HOH A O   1 
HETATM 1468 O  O   . HOH D 4 .   ? -1.32711  -15.29527 -10.51232 1.000 51.89662 ? 486 HOH A O   1 
HETATM 1469 O  O   . HOH D 4 .   ? -6.32784  -2.77136  18.29931  1.000 34.36208 ? 487 HOH A O   1 
HETATM 1470 O  O   . HOH D 4 .   ? -5.65193  8.70600   -5.54152  1.000 37.17988 ? 488 HOH A O   1 
HETATM 1471 O  O   . HOH D 4 .   ? 8.54402   13.07277  11.09500  1.000 29.44901 ? 489 HOH A O   1 
HETATM 1472 O  O   . HOH D 4 .   ? -11.92556 -6.43842  14.52806  1.000 42.13998 ? 490 HOH A O   1 
HETATM 1473 O  O   . HOH D 4 .   ? 10.20867  7.19791   11.79697  1.000 39.42029 ? 491 HOH A O   1 
HETATM 1474 O  O   . HOH D 4 .   ? 3.35872   -11.76368 -15.94240 1.000 47.24252 ? 492 HOH A O   1 
HETATM 1475 O  O   . HOH D 4 .   ? 4.10749   20.39591  2.04174   1.000 44.57224 ? 493 HOH A O   1 
HETATM 1476 O  O   . HOH D 4 .   ? -4.96549  1.36614   -14.73772 1.000 32.21993 ? 494 HOH A O   1 
HETATM 1477 O  O   . HOH D 4 .   ? 8.48011   -7.22778  2.80584   1.000 30.82059 ? 495 HOH A O   1 
HETATM 1478 O  O   . HOH D 4 .   ? 7.70675   7.74776   12.14164  1.000 37.19217 ? 496 HOH A O   1 
HETATM 1479 O  O   . HOH D 4 .   ? 11.93067  4.90283   12.29485  1.000 41.19204 ? 497 HOH A O   1 
# 
loop_
_pdbx_poly_seq_scheme.asym_id 
_pdbx_poly_seq_scheme.entity_id 
_pdbx_poly_seq_scheme.seq_id 
_pdbx_poly_seq_scheme.mon_id 
_pdbx_poly_seq_scheme.ndb_seq_num 
_pdbx_poly_seq_scheme.pdb_seq_num 
_pdbx_poly_seq_scheme.auth_seq_num 
_pdbx_poly_seq_scheme.pdb_mon_id 
_pdbx_poly_seq_scheme.auth_mon_id 
_pdbx_poly_seq_scheme.pdb_strand_id 
_pdbx_poly_seq_scheme.pdb_ins_code 
_pdbx_poly_seq_scheme.hetero 
A 1 1   VAL 1   1   1   VAL VAL A . n 
A 1 2   LEU 2   2   2   LEU LEU A . n 
A 1 3   SER 3   3   3   SER SER A . n 
A 1 4   GLU 4   4   4   GLU GLU A . n 
A 1 5   GLY 5   5   5   GLY GLY A . n 
A 1 6   GLU 6   6   6   GLU GLU A . n 
A 1 7   TRP 7   7   7   TRP TRP A . n 
A 1 8   GLN 8   8   8   GLN GLN A . n 
A 1 9   LEU 9   9   9   LEU LEU A . n 
A 1 10  VAL 10  10  10  VAL VAL A . n 
A 1 11  LEU 11  11  11  LEU LEU A . n 
A 1 12  HIS 12  12  12  HIS HIS A . n 
A 1 13  VAL 13  13  13  VAL VAL A . n 
A 1 14  TRP 14  14  14  TRP TRP A . n 
A 1 15  ALA 15  15  15  ALA ALA A . n 
A 1 16  LYS 16  16  16  LYS LYS A . n 
A 1 17  VAL 17  17  17  VAL VAL A . n 
A 1 18  GLU 18  18  18  GLU GLU A . n 
A 1 19  ALA 19  19  19  ALA ALA A . n 
A 1 20  ASP 20  20  20  ASP ASP A . n 
A 1 21  VAL 21  21  21  VAL VAL A . n 
A 1 22  ALA 22  22  22  ALA ALA A . n 
A 1 23  GLY 23  23  23  GLY GLY A . n 
A 1 24  HIS 24  24  24  HIS HIS A . n 
A 1 25  GLY 25  25  25  GLY GLY A . n 
A 1 26  GLN 26  26  26  GLN GLN A . n 
A 1 27  ASP 27  27  27  ASP ASP A . n 
A 1 28  ILE 28  28  28  ILE ILE A . n 
A 1 29  LEU 29  29  29  LEU LEU A . n 
A 1 30  ILE 30  30  30  ILE ILE A . n 
A 1 31  ARG 31  31  31  ARG ARG A . n 
A 1 32  LEU 32  32  32  LEU LEU A . n 
A 1 33  PHE 33  33  33  PHE PHE A . n 
A 1 34  LYS 34  34  34  LYS LYS A . n 
A 1 35  SER 35  35  35  SER SER A . n 
A 1 36  HIS 36  36  36  HIS HIS A . n 
A 1 37  PRO 37  37  37  PRO PRO A . n 
A 1 38  GLU 38  38  38  GLU GLU A . n 
A 1 39  THR 39  39  39  THR THR A . n 
A 1 40  LEU 40  40  40  LEU LEU A . n 
A 1 41  GLU 41  41  41  GLU GLU A . n 
A 1 42  LYS 42  42  42  LYS LYS A . n 
A 1 43  TYR 43  43  43  TYR TYR A . n 
A 1 44  ASP 44  44  44  ASP ASP A . n 
A 1 45  ARG 45  45  45  ARG ARG A . n 
A 1 46  SER 46  46  46  SER SER A . n 
A 1 47  LYS 47  47  47  LYS LYS A . n 
A 1 48  HIS 48  48  48  HIS HIS A . n 
A 1 49  LEU 49  49  49  LEU LEU A . n 
A 1 50  LYS 50  50  50  LYS LYS A . n 
A 1 51  THR 51  51  51  THR THR A . n 
A 1 52  GLU 52  52  52  GLU GLU A . n 
A 1 53  ALA 53  53  53  ALA ALA A . n 
A 1 54  GLU 54  54  54  GLU GLU A . n 
A 1 55  MET 55  55  55  MET MET A . n 
A 1 56  LYS 56  56  56  LYS LYS A . n 
A 1 57  ALA 57  57  57  ALA ALA A . n 
A 1 58  SER 58  58  58  SER SER A . n 
A 1 59  GLU 59  59  59  GLU GLU A . n 
A 1 60  ASP 60  60  60  ASP ASP A . n 
A 1 61  LEU 61  61  61  LEU LEU A . n 
A 1 62  LYS 62  62  62  LYS LYS A . n 
A 1 63  LYS 63  63  63  LYS LYS A . n 
A 1 64  HIS 64  64  64  HIS HIS A . n 
A 1 65  GLY 65  65  65  GLY GLY A . n 
A 1 66  VAL 66  66  66  VAL VAL A . n 
A 1 67  THR 67  67  67  THR THR A . n 
A 1 68  VAL 68  68  68  VAL VAL A . n 
A 1 69  LEU 69  69  69  LEU LEU A . n 
A 1 70  THR 70  70  70  THR THR A . n 
A 1 71  ALA 71  71  71  ALA ALA A . n 
A 1 72  LEU 72  72  72  LEU LEU A . n 
A 1 73  GLY 73  73  73  GLY GLY A . n 
A 1 74  ALA 74  74  74  ALA ALA A . n 
A 1 75  ILE 75  75  75  ILE ILE A . n 
A 1 76  LEU 76  76  76  LEU LEU A . n 
A 1 77  LYS 77  77  77  LYS LYS A . n 
A 1 78  LYS 78  78  78  LYS LYS A . n 
A 1 79  LYS 79  79  79  LYS LYS A . n 
A 1 80  GLY 80  80  80  GLY GLY A . n 
A 1 81  HIS 81  81  81  HIS HIS A . n 
A 1 82  HIS 82  82  82  HIS HIS A . n 
A 1 83  GLU 83  83  83  GLU GLU A . n 
A 1 84  ALA 84  84  84  ALA ALA A . n 
A 1 85  GLU 85  85  85  GLU GLU A . n 
A 1 86  LEU 86  86  86  LEU LEU A . n 
A 1 87  LYS 87  87  87  LYS LYS A . n 
A 1 88  PRO 88  88  88  PRO PRO A . n 
A 1 89  LEU 89  89  89  LEU LEU A . n 
A 1 90  ALA 90  90  90  ALA ALA A . n 
A 1 91  GLN 91  91  91  GLN GLN A . n 
A 1 92  SER 92  92  92  SER SER A . n 
A 1 93  HIS 93  93  93  HIS HIS A . n 
A 1 94  ALA 94  94  94  ALA ALA A . n 
A 1 95  THR 95  95  95  THR THR A . n 
A 1 96  LYS 96  96  96  LYS LYS A . n 
A 1 97  HIS 97  97  97  HIS HIS A . n 
A 1 98  LYS 98  98  98  LYS LYS A . n 
A 1 99  ILE 99  99  99  ILE ILE A . n 
A 1 100 PRO 100 100 100 PRO PRO A . n 
A 1 101 ILE 101 101 101 ILE ILE A . n 
A 1 102 LYS 102 102 102 LYS LYS A . n 
A 1 103 TYR 103 103 103 TYR TYR A . n 
A 1 104 LEU 104 104 104 LEU LEU A . n 
A 1 105 GLU 105 105 105 GLU GLU A . n 
A 1 106 PHE 106 106 106 PHE PHE A . n 
A 1 107 ILE 107 107 107 ILE ILE A . n 
A 1 108 SER 108 108 108 SER SER A . n 
A 1 109 GLU 109 109 109 GLU GLU A . n 
A 1 110 ALA 110 110 110 ALA ALA A . n 
A 1 111 ILE 111 111 111 ILE ILE A . n 
A 1 112 ILE 112 112 112 ILE ILE A . n 
A 1 113 HIS 113 113 113 HIS HIS A . n 
A 1 114 VAL 114 114 114 VAL VAL A . n 
A 1 115 LEU 115 115 115 LEU LEU A . n 
A 1 116 HIS 116 116 116 HIS HIS A . n 
A 1 117 SER 117 117 117 SER SER A . n 
A 1 118 ARG 118 118 118 ARG ARG A . n 
A 1 119 HIS 119 119 119 HIS HIS A . n 
A 1 120 PRO 120 120 120 PRO PRO A . n 
A 1 121 GLY 121 121 121 GLY GLY A . n 
A 1 122 ASP 122 122 122 ASP ASP A . n 
A 1 123 PHE 123 123 123 PHE PHE A . n 
A 1 124 GLY 124 124 124 GLY GLY A . n 
A 1 125 ALA 125 125 125 ALA ALA A . n 
A 1 126 ASP 126 126 126 ASP ASP A . n 
A 1 127 ALA 127 127 127 ALA ALA A . n 
A 1 128 GLN 128 128 128 GLN GLN A . n 
A 1 129 GLY 129 129 129 GLY GLY A . n 
A 1 130 ALA 130 130 130 ALA ALA A . n 
A 1 131 MET 131 131 131 MET MET A . n 
A 1 132 ASN 132 132 132 ASN ASN A . n 
A 1 133 LYS 133 133 133 LYS LYS A . n 
A 1 134 ALA 134 134 134 ALA ALA A . n 
A 1 135 LEU 135 135 135 LEU LEU A . n 
A 1 136 GLU 136 136 136 GLU GLU A . n 
A 1 137 LEU 137 137 137 LEU LEU A . n 
A 1 138 PHE 138 138 138 PHE PHE A . n 
A 1 139 ARG 139 139 139 ARG ARG A . n 
A 1 140 LYS 140 140 140 LYS LYS A . n 
A 1 141 ASP 141 141 141 ASP ASP A . n 
A 1 142 ILE 142 142 142 ILE ILE A . n 
A 1 143 ALA 143 143 143 ALA ALA A . n 
A 1 144 ALA 144 144 144 ALA ALA A . n 
A 1 145 LYS 145 145 145 LYS LYS A . n 
A 1 146 TYR 146 146 146 TYR TYR A . n 
A 1 147 LYS 147 147 147 LYS LYS A . n 
A 1 148 GLU 148 148 148 GLU GLU A . n 
A 1 149 LEU 149 149 149 LEU LEU A . n 
A 1 150 GLY 150 150 150 GLY GLY A . n 
A 1 151 TYR 151 151 151 TYR TYR A . n 
A 1 152 GLN 152 152 152 GLN GLN A . n 
A 1 153 GLY 153 153 153 GLY GLY A . n 
# 
loop_
_pdbx_nonpoly_scheme.asym_id 
_pdbx_nonpoly_scheme.entity_id 
_pdbx_nonpoly_scheme.mon_id 
_pdbx_nonpoly_scheme.ndb_seq_num 
_pdbx_nonpoly_scheme.pdb_seq_num 
_pdbx_nonpoly_scheme.auth_seq_num 
_pdbx_nonpoly_scheme.pdb_mon_id 
_pdbx_nonpoly_scheme.auth_mon_id 
_pdbx_nonpoly_scheme.pdb_strand_id 
_pdbx_nonpoly_scheme.pdb_ins_code 
B 2 HEM 1   201 1   HEM HEM A . 
C 3 JZ3 1   202 1   JZ3 JZ3 A . 
D 4 HOH 1   301 181 HOH HOH A . 
D 4 HOH 2   302 187 HOH HOH A . 
D 4 HOH 3   303 132 HOH HOH A . 
D 4 HOH 4   304 71  HOH HOH A . 
D 4 HOH 5   305 126 HOH HOH A . 
D 4 HOH 6   306 30  HOH HOH A . 
D 4 HOH 7   307 153 HOH HOH A . 
D 4 HOH 8   308 44  HOH HOH A . 
D 4 HOH 9   309 114 HOH HOH A . 
D 4 HOH 10  310 168 HOH HOH A . 
D 4 HOH 11  311 188 HOH HOH A . 
D 4 HOH 12  312 25  HOH HOH A . 
D 4 HOH 13  313 194 HOH HOH A . 
D 4 HOH 14  314 19  HOH HOH A . 
D 4 HOH 15  315 72  HOH HOH A . 
D 4 HOH 16  316 105 HOH HOH A . 
D 4 HOH 17  317 106 HOH HOH A . 
D 4 HOH 18  318 98  HOH HOH A . 
D 4 HOH 19  319 117 HOH HOH A . 
D 4 HOH 20  320 146 HOH HOH A . 
D 4 HOH 21  321 24  HOH HOH A . 
D 4 HOH 22  322 152 HOH HOH A . 
D 4 HOH 23  323 48  HOH HOH A . 
D 4 HOH 24  324 89  HOH HOH A . 
D 4 HOH 25  325 40  HOH HOH A . 
D 4 HOH 26  326 64  HOH HOH A . 
D 4 HOH 27  327 193 HOH HOH A . 
D 4 HOH 28  328 101 HOH HOH A . 
D 4 HOH 29  329 103 HOH HOH A . 
D 4 HOH 30  330 95  HOH HOH A . 
D 4 HOH 31  331 190 HOH HOH A . 
D 4 HOH 32  332 37  HOH HOH A . 
D 4 HOH 33  333 123 HOH HOH A . 
D 4 HOH 34  334 162 HOH HOH A . 
D 4 HOH 35  335 12  HOH HOH A . 
D 4 HOH 36  336 4   HOH HOH A . 
D 4 HOH 37  337 143 HOH HOH A . 
D 4 HOH 38  338 1   HOH HOH A . 
D 4 HOH 39  339 192 HOH HOH A . 
D 4 HOH 40  340 69  HOH HOH A . 
D 4 HOH 41  341 39  HOH HOH A . 
D 4 HOH 42  342 7   HOH HOH A . 
D 4 HOH 43  343 8   HOH HOH A . 
D 4 HOH 44  344 62  HOH HOH A . 
D 4 HOH 45  345 125 HOH HOH A . 
D 4 HOH 46  346 6   HOH HOH A . 
D 4 HOH 47  347 138 HOH HOH A . 
D 4 HOH 48  348 116 HOH HOH A . 
D 4 HOH 49  349 97  HOH HOH A . 
D 4 HOH 50  350 78  HOH HOH A . 
D 4 HOH 51  351 83  HOH HOH A . 
D 4 HOH 52  352 179 HOH HOH A . 
D 4 HOH 53  353 9   HOH HOH A . 
D 4 HOH 54  354 93  HOH HOH A . 
D 4 HOH 55  355 147 HOH HOH A . 
D 4 HOH 56  356 180 HOH HOH A . 
D 4 HOH 57  357 60  HOH HOH A . 
D 4 HOH 58  358 26  HOH HOH A . 
D 4 HOH 59  359 20  HOH HOH A . 
D 4 HOH 60  360 47  HOH HOH A . 
D 4 HOH 61  361 67  HOH HOH A . 
D 4 HOH 62  362 149 HOH HOH A . 
D 4 HOH 63  363 196 HOH HOH A . 
D 4 HOH 64  364 164 HOH HOH A . 
D 4 HOH 65  365 137 HOH HOH A . 
D 4 HOH 66  366 110 HOH HOH A . 
D 4 HOH 67  367 11  HOH HOH A . 
D 4 HOH 68  368 36  HOH HOH A . 
D 4 HOH 69  369 68  HOH HOH A . 
D 4 HOH 70  370 33  HOH HOH A . 
D 4 HOH 71  371 124 HOH HOH A . 
D 4 HOH 72  372 10  HOH HOH A . 
D 4 HOH 73  373 61  HOH HOH A . 
D 4 HOH 74  374 94  HOH HOH A . 
D 4 HOH 75  375 121 HOH HOH A . 
D 4 HOH 76  376 31  HOH HOH A . 
D 4 HOH 77  377 5   HOH HOH A . 
D 4 HOH 78  378 15  HOH HOH A . 
D 4 HOH 79  379 91  HOH HOH A . 
D 4 HOH 80  380 65  HOH HOH A . 
D 4 HOH 81  381 56  HOH HOH A . 
D 4 HOH 82  382 13  HOH HOH A . 
D 4 HOH 83  383 86  HOH HOH A . 
D 4 HOH 84  384 129 HOH HOH A . 
D 4 HOH 85  385 66  HOH HOH A . 
D 4 HOH 86  386 135 HOH HOH A . 
D 4 HOH 87  387 82  HOH HOH A . 
D 4 HOH 88  388 21  HOH HOH A . 
D 4 HOH 89  389 32  HOH HOH A . 
D 4 HOH 90  390 43  HOH HOH A . 
D 4 HOH 91  391 34  HOH HOH A . 
D 4 HOH 92  392 18  HOH HOH A . 
D 4 HOH 93  393 16  HOH HOH A . 
D 4 HOH 94  394 63  HOH HOH A . 
D 4 HOH 95  395 23  HOH HOH A . 
D 4 HOH 96  396 70  HOH HOH A . 
D 4 HOH 97  397 22  HOH HOH A . 
D 4 HOH 98  398 182 HOH HOH A . 
D 4 HOH 99  399 38  HOH HOH A . 
D 4 HOH 100 400 130 HOH HOH A . 
D 4 HOH 101 401 59  HOH HOH A . 
D 4 HOH 102 402 28  HOH HOH A . 
D 4 HOH 103 403 54  HOH HOH A . 
D 4 HOH 104 404 3   HOH HOH A . 
D 4 HOH 105 405 131 HOH HOH A . 
D 4 HOH 106 406 148 HOH HOH A . 
D 4 HOH 107 407 150 HOH HOH A . 
D 4 HOH 108 408 41  HOH HOH A . 
D 4 HOH 109 409 45  HOH HOH A . 
D 4 HOH 110 410 111 HOH HOH A . 
D 4 HOH 111 411 2   HOH HOH A . 
D 4 HOH 112 412 29  HOH HOH A . 
D 4 HOH 113 413 46  HOH HOH A . 
D 4 HOH 114 414 55  HOH HOH A . 
D 4 HOH 115 415 79  HOH HOH A . 
D 4 HOH 116 416 76  HOH HOH A . 
D 4 HOH 117 417 87  HOH HOH A . 
D 4 HOH 118 418 90  HOH HOH A . 
D 4 HOH 119 419 186 HOH HOH A . 
D 4 HOH 120 420 128 HOH HOH A . 
D 4 HOH 121 421 81  HOH HOH A . 
D 4 HOH 122 422 14  HOH HOH A . 
D 4 HOH 123 423 49  HOH HOH A . 
D 4 HOH 124 424 145 HOH HOH A . 
D 4 HOH 125 425 157 HOH HOH A . 
D 4 HOH 126 426 74  HOH HOH A . 
D 4 HOH 127 427 107 HOH HOH A . 
D 4 HOH 128 428 108 HOH HOH A . 
D 4 HOH 129 429 133 HOH HOH A . 
D 4 HOH 130 430 178 HOH HOH A . 
D 4 HOH 131 431 88  HOH HOH A . 
D 4 HOH 132 432 42  HOH HOH A . 
D 4 HOH 133 433 75  HOH HOH A . 
D 4 HOH 134 434 120 HOH HOH A . 
D 4 HOH 135 435 52  HOH HOH A . 
D 4 HOH 136 436 84  HOH HOH A . 
D 4 HOH 137 437 136 HOH HOH A . 
D 4 HOH 138 438 118 HOH HOH A . 
D 4 HOH 139 439 77  HOH HOH A . 
D 4 HOH 140 440 151 HOH HOH A . 
D 4 HOH 141 441 92  HOH HOH A . 
D 4 HOH 142 442 119 HOH HOH A . 
D 4 HOH 143 443 100 HOH HOH A . 
D 4 HOH 144 444 160 HOH HOH A . 
D 4 HOH 145 445 102 HOH HOH A . 
D 4 HOH 146 446 99  HOH HOH A . 
D 4 HOH 147 447 172 HOH HOH A . 
D 4 HOH 148 448 73  HOH HOH A . 
D 4 HOH 149 449 158 HOH HOH A . 
D 4 HOH 150 450 161 HOH HOH A . 
D 4 HOH 151 451 127 HOH HOH A . 
D 4 HOH 152 452 144 HOH HOH A . 
D 4 HOH 153 453 155 HOH HOH A . 
D 4 HOH 154 454 58  HOH HOH A . 
D 4 HOH 155 455 163 HOH HOH A . 
D 4 HOH 156 456 96  HOH HOH A . 
D 4 HOH 157 457 171 HOH HOH A . 
D 4 HOH 158 458 195 HOH HOH A . 
D 4 HOH 159 459 80  HOH HOH A . 
D 4 HOH 160 460 27  HOH HOH A . 
D 4 HOH 161 461 35  HOH HOH A . 
D 4 HOH 162 462 17  HOH HOH A . 
D 4 HOH 163 463 166 HOH HOH A . 
D 4 HOH 164 464 191 HOH HOH A . 
D 4 HOH 165 465 176 HOH HOH A . 
D 4 HOH 166 466 140 HOH HOH A . 
D 4 HOH 167 467 142 HOH HOH A . 
D 4 HOH 168 468 169 HOH HOH A . 
D 4 HOH 169 469 85  HOH HOH A . 
D 4 HOH 170 470 154 HOH HOH A . 
D 4 HOH 171 471 197 HOH HOH A . 
D 4 HOH 172 472 173 HOH HOH A . 
D 4 HOH 173 473 177 HOH HOH A . 
D 4 HOH 174 474 185 HOH HOH A . 
D 4 HOH 175 475 174 HOH HOH A . 
D 4 HOH 176 476 109 HOH HOH A . 
D 4 HOH 177 477 141 HOH HOH A . 
D 4 HOH 178 478 156 HOH HOH A . 
D 4 HOH 179 479 134 HOH HOH A . 
D 4 HOH 180 480 165 HOH HOH A . 
D 4 HOH 181 481 139 HOH HOH A . 
D 4 HOH 182 482 175 HOH HOH A . 
D 4 HOH 183 483 167 HOH HOH A . 
D 4 HOH 184 484 57  HOH HOH A . 
D 4 HOH 185 485 50  HOH HOH A . 
D 4 HOH 186 486 189 HOH HOH A . 
D 4 HOH 187 487 53  HOH HOH A . 
D 4 HOH 188 488 183 HOH HOH A . 
D 4 HOH 189 489 104 HOH HOH A . 
D 4 HOH 190 490 170 HOH HOH A . 
D 4 HOH 191 491 112 HOH HOH A . 
D 4 HOH 192 492 115 HOH HOH A . 
D 4 HOH 193 493 159 HOH HOH A . 
D 4 HOH 194 494 51  HOH HOH A . 
D 4 HOH 195 495 122 HOH HOH A . 
D 4 HOH 196 496 113 HOH HOH A . 
D 4 HOH 197 497 184 HOH HOH A . 
# 
_pdbx_struct_assembly.id                   1 
_pdbx_struct_assembly.details              author_and_software_defined_assembly 
_pdbx_struct_assembly.method_details       PISA 
_pdbx_struct_assembly.oligomeric_details   monomeric 
_pdbx_struct_assembly.oligomeric_count     1 
# 
_pdbx_struct_assembly_gen.assembly_id       1 
_pdbx_struct_assembly_gen.oper_expression   1 
_pdbx_struct_assembly_gen.asym_id_list      A,B,C,D 
# 
loop_
_pdbx_struct_assembly_prop.biol_id 
_pdbx_struct_assembly_prop.type 
_pdbx_struct_assembly_prop.value 
_pdbx_struct_assembly_prop.details 
1 'ABSA (A^2)' 1140 ? 
1 MORE         -19  ? 
1 'SSA (A^2)'  7950 ? 
# 
_pdbx_struct_oper_list.id                   1 
_pdbx_struct_oper_list.type                 'identity operation' 
_pdbx_struct_oper_list.name                 1_555 
_pdbx_struct_oper_list.symmetry_operation   x,y,z 
_pdbx_struct_oper_list.matrix[1][1]         1.0000000000 
_pdbx_struct_oper_list.matrix[1][2]         0.0000000000 
_pdbx_struct_oper_list.matrix[1][3]         0.0000000000 
_pdbx_struct_oper_list.vector[1]            0.0000000000 
_pdbx_struct_oper_list.matrix[2][1]         0.0000000000 
_pdbx_struct_oper_list.matrix[2][2]         1.0000000000 
_pdbx_struct_oper_list.matrix[2][3]         0.0000000000 
_pdbx_struct_oper_list.vector[2]            0.0000000000 
_pdbx_struct_oper_list.matrix[3][1]         0.0000000000 
_pdbx_struct_oper_list.matrix[3][2]         0.0000000000 
_pdbx_struct_oper_list.matrix[3][3]         1.0000000000 
_pdbx_struct_oper_list.vector[3]            0.0000000000 
# 
loop_
_pdbx_struct_conn_angle.id 
_pdbx_struct_conn_angle.ptnr1_label_atom_id 
_pdbx_struct_conn_angle.ptnr1_label_alt_id 
_pdbx_struct_conn_angle.ptnr1_label_asym_id 
_pdbx_struct_conn_angle.ptnr1_label_comp_id 
_pdbx_struct_conn_angle.ptnr1_label_seq_id 
_pdbx_struct_conn_angle.ptnr1_auth_atom_id 
_pdbx_struct_conn_angle.ptnr1_auth_asym_id 
_pdbx_struct_conn_angle.ptnr1_auth_comp_id 
_pdbx_struct_conn_angle.ptnr1_auth_seq_id 
_pdbx_struct_conn_angle.ptnr1_PDB_ins_code 
_pdbx_struct_conn_angle.ptnr1_symmetry 
_pdbx_struct_conn_angle.ptnr2_label_atom_id 
_pdbx_struct_conn_angle.ptnr2_label_alt_id 
_pdbx_struct_conn_angle.ptnr2_label_asym_id 
_pdbx_struct_conn_angle.ptnr2_label_comp_id 
_pdbx_struct_conn_angle.ptnr2_label_seq_id 
_pdbx_struct_conn_angle.ptnr2_auth_atom_id 
_pdbx_struct_conn_angle.ptnr2_auth_asym_id 
_pdbx_struct_conn_angle.ptnr2_auth_comp_id 
_pdbx_struct_conn_angle.ptnr2_auth_seq_id 
_pdbx_struct_conn_angle.ptnr2_PDB_ins_code 
_pdbx_struct_conn_angle.ptnr2_symmetry 
_pdbx_struct_conn_angle.ptnr3_label_atom_id 
_pdbx_struct_conn_angle.ptnr3_label_alt_id 
_pdbx_struct_conn_angle.ptnr3_label_asym_id 
_pdbx_struct_conn_angle.ptnr3_label_comp_id 
_pdbx_struct_conn_angle.ptnr3_label_seq_id 
_pdbx_struct_conn_angle.ptnr3_auth_atom_id 
_pdbx_struct_conn_angle.ptnr3_auth_asym_id 
_pdbx_struct_conn_angle.ptnr3_auth_comp_id 
_pdbx_struct_conn_angle.ptnr3_auth_seq_id 
_pdbx_struct_conn_angle.ptnr3_PDB_ins_code 
_pdbx_struct_conn_angle.ptnr3_symmetry 
_pdbx_struct_conn_angle.value 
_pdbx_struct_conn_angle.value_esd 
1  NE2 ? A HIS 93 ? A HIS 93  ? 1_555 FE ? B HEM . ? A HEM 201 ? 1_555 NA ? B HEM . ? A HEM 201 ? 1_555 95.0  ? 
2  NE2 ? A HIS 93 ? A HIS 93  ? 1_555 FE ? B HEM . ? A HEM 201 ? 1_555 NB ? B HEM . ? A HEM 201 ? 1_555 90.5  ? 
3  NA  ? B HEM .  ? A HEM 201 ? 1_555 FE ? B HEM . ? A HEM 201 ? 1_555 NB ? B HEM . ? A HEM 201 ? 1_555 85.5  ? 
4  NE2 ? A HIS 93 ? A HIS 93  ? 1_555 FE ? B HEM . ? A HEM 201 ? 1_555 NC ? B HEM . ? A HEM 201 ? 1_555 100.3 ? 
5  NA  ? B HEM .  ? A HEM 201 ? 1_555 FE ? B HEM . ? A HEM 201 ? 1_555 NC ? B HEM . ? A HEM 201 ? 1_555 164.7 ? 
6  NB  ? B HEM .  ? A HEM 201 ? 1_555 FE ? B HEM . ? A HEM 201 ? 1_555 NC ? B HEM . ? A HEM 201 ? 1_555 93.3  ? 
7  NE2 ? A HIS 93 ? A HIS 93  ? 1_555 FE ? B HEM . ? A HEM 201 ? 1_555 ND ? B HEM . ? A HEM 201 ? 1_555 96.4  ? 
8  NA  ? B HEM .  ? A HEM 201 ? 1_555 FE ? B HEM . ? A HEM 201 ? 1_555 ND ? B HEM . ? A HEM 201 ? 1_555 84.7  ? 
9  NB  ? B HEM .  ? A HEM 201 ? 1_555 FE ? B HEM . ? A HEM 201 ? 1_555 ND ? B HEM . ? A HEM 201 ? 1_555 168.4 ? 
10 NC  ? B HEM .  ? A HEM 201 ? 1_555 FE ? B HEM . ? A HEM 201 ? 1_555 ND ? B HEM . ? A HEM 201 ? 1_555 94.6  ? 
11 NE2 ? A HIS 93 ? A HIS 93  ? 1_555 FE ? B HEM . ? A HEM 201 ? 1_555 O  ? D HOH . ? A HOH 356 ? 1_555 172.6 ? 
12 NA  ? B HEM .  ? A HEM 201 ? 1_555 FE ? B HEM . ? A HEM 201 ? 1_555 O  ? D HOH . ? A HOH 356 ? 1_555 91.4  ? 
13 NB  ? B HEM .  ? A HEM 201 ? 1_555 FE ? B HEM . ? A HEM 201 ? 1_555 O  ? D HOH . ? A HOH 356 ? 1_555 93.6  ? 
14 NC  ? B HEM .  ? A HEM 201 ? 1_555 FE ? B HEM . ? A HEM 201 ? 1_555 O  ? D HOH . ? A HOH 356 ? 1_555 73.4  ? 
15 ND  ? B HEM .  ? A HEM 201 ? 1_555 FE ? B HEM . ? A HEM 201 ? 1_555 O  ? D HOH . ? A HOH 356 ? 1_555 80.6  ? 
# 
loop_
_pdbx_audit_revision_history.ordinal 
_pdbx_audit_revision_history.data_content_type 
_pdbx_audit_revision_history.major_revision 
_pdbx_audit_revision_history.minor_revision 
_pdbx_audit_revision_history.revision_date 
1 'Structure model' 1 0 2020-07-01 
2 'Structure model' 1 1 2023-11-22 
# 
_pdbx_audit_revision_details.ordinal             1 
_pdbx_audit_revision_details.revision_ordinal    1 
_pdbx_audit_revision_details.data_content_type   'Structure model' 
_pdbx_audit_revision_details.provider            repository 
_pdbx_audit_revision_details.type                'Initial release' 
_pdbx_audit_revision_details.description         ? 
_pdbx_audit_revision_details.details             ? 
# 
loop_
_pdbx_audit_revision_group.ordinal 
_pdbx_audit_revision_group.revision_ordinal 
_pdbx_audit_revision_group.data_content_type 
_pdbx_audit_revision_group.group 
1 2 'Structure model' 'Data collection'        
2 2 'Structure model' 'Database references'    
3 2 'Structure model' 'Refinement description' 
# 
loop_
_pdbx_audit_revision_category.ordinal 
_pdbx_audit_revision_category.revision_ordinal 
_pdbx_audit_revision_category.data_content_type 
_pdbx_audit_revision_category.category 
1 2 'Structure model' chem_comp_atom                
2 2 'Structure model' chem_comp_bond                
3 2 'Structure model' database_2                    
4 2 'Structure model' pdbx_initial_refinement_model 
# 
loop_
_pdbx_audit_revision_item.ordinal 
_pdbx_audit_revision_item.revision_ordinal 
_pdbx_audit_revision_item.data_content_type 
_pdbx_audit_revision_item.item 
1 2 'Structure model' '_database_2.pdbx_DOI'                
2 2 'Structure model' '_database_2.pdbx_database_accession' 
# 
loop_
_space_group_symop.id 
_space_group_symop.operation_xyz 
1 x,y,z           
2 x+1/2,-y+1/2,-z 
3 -x,y+1/2,-z+1/2 
4 -x+1/2,-y,z+1/2 
# 
loop_
_software.citation_id 
_software.classification 
_software.compiler_name 
_software.compiler_version 
_software.contact_author 
_software.contact_author_email 
_software.date 
_software.description 
_software.dependencies 
_software.hardware 
_software.language 
_software.location 
_software.mods 
_software.name 
_software.os 
_software.os_version 
_software.type 
_software.version 
_software.pdbx_ordinal 
? refinement       ? ? ? ? ? ? ? ? ? ? ? PHENIX   ? ? ? 1.13_2998 1 
? 'data reduction' ? ? ? ? ? ? ? ? ? ? ? HKL-3000 ? ? ? .         2 
? 'data scaling'   ? ? ? ? ? ? ? ? ? ? ? HKL-3000 ? ? ? .         3 
? phasing          ? ? ? ? ? ? ? ? ? ? ? MOLREP   ? ? ? .         4 
# 
_pdbx_entry_details.entry_id                 6KRF 
_pdbx_entry_details.has_ligand_of_interest   Y 
_pdbx_entry_details.compound_details         ? 
_pdbx_entry_details.source_details           ? 
_pdbx_entry_details.nonpolymer_details       ? 
_pdbx_entry_details.sequence_details         ? 
# 
loop_
_pdbx_validate_close_contact.id 
_pdbx_validate_close_contact.PDB_model_num 
_pdbx_validate_close_contact.auth_atom_id_1 
_pdbx_validate_close_contact.auth_asym_id_1 
_pdbx_validate_close_contact.auth_comp_id_1 
_pdbx_validate_close_contact.auth_seq_id_1 
_pdbx_validate_close_contact.PDB_ins_code_1 
_pdbx_validate_close_contact.label_alt_id_1 
_pdbx_validate_close_contact.auth_atom_id_2 
_pdbx_validate_close_contact.auth_asym_id_2 
_pdbx_validate_close_contact.auth_comp_id_2 
_pdbx_validate_close_contact.auth_seq_id_2 
_pdbx_validate_close_contact.PDB_ins_code_2 
_pdbx_validate_close_contact.label_alt_id_2 
_pdbx_validate_close_contact.dist 
1 1 O  A HOH 301 ? ? O A HOH 356 ? ? 2.00 
2 1 OH A TYR 43  ? ? O A HOH 301 ? ? 2.09 
3 1 O  A HOH 356 ? ? O A HOH 398 ? ? 2.14 
4 1 O  A HOH 301 ? ? O A HOH 398 ? ? 2.19 
# 
loop_
_pdbx_validate_torsion.id 
_pdbx_validate_torsion.PDB_model_num 
_pdbx_validate_torsion.auth_comp_id 
_pdbx_validate_torsion.auth_asym_id 
_pdbx_validate_torsion.auth_seq_id 
_pdbx_validate_torsion.PDB_ins_code 
_pdbx_validate_torsion.label_alt_id 
_pdbx_validate_torsion.phi 
_pdbx_validate_torsion.psi 
1 1 ASP A 20  ? ? -157.04 72.29   
2 1 LYS A 47  ? ? -90.71  -105.38 
3 1 PHE A 123 ? ? -146.18 51.17   
# 
loop_
_chem_comp_atom.comp_id 
_chem_comp_atom.atom_id 
_chem_comp_atom.type_symbol 
_chem_comp_atom.pdbx_aromatic_flag 
_chem_comp_atom.pdbx_stereo_config 
_chem_comp_atom.pdbx_ordinal 
ALA N    N  N N 1   
ALA CA   C  N S 2   
ALA C    C  N N 3   
ALA O    O  N N 4   
ALA CB   C  N N 5   
ALA OXT  O  N N 6   
ALA H    H  N N 7   
ALA H2   H  N N 8   
ALA HA   H  N N 9   
ALA HB1  H  N N 10  
ALA HB2  H  N N 11  
ALA HB3  H  N N 12  
ALA HXT  H  N N 13  
ARG N    N  N N 14  
ARG CA   C  N S 15  
ARG C    C  N N 16  
ARG O    O  N N 17  
ARG CB   C  N N 18  
ARG CG   C  N N 19  
ARG CD   C  N N 20  
ARG NE   N  N N 21  
ARG CZ   C  N N 22  
ARG NH1  N  N N 23  
ARG NH2  N  N N 24  
ARG OXT  O  N N 25  
ARG H    H  N N 26  
ARG H2   H  N N 27  
ARG HA   H  N N 28  
ARG HB2  H  N N 29  
ARG HB3  H  N N 30  
ARG HG2  H  N N 31  
ARG HG3  H  N N 32  
ARG HD2  H  N N 33  
ARG HD3  H  N N 34  
ARG HE   H  N N 35  
ARG HH11 H  N N 36  
ARG HH12 H  N N 37  
ARG HH21 H  N N 38  
ARG HH22 H  N N 39  
ARG HXT  H  N N 40  
ASN N    N  N N 41  
ASN CA   C  N S 42  
ASN C    C  N N 43  
ASN O    O  N N 44  
ASN CB   C  N N 45  
ASN CG   C  N N 46  
ASN OD1  O  N N 47  
ASN ND2  N  N N 48  
ASN OXT  O  N N 49  
ASN H    H  N N 50  
ASN H2   H  N N 51  
ASN HA   H  N N 52  
ASN HB2  H  N N 53  
ASN HB3  H  N N 54  
ASN HD21 H  N N 55  
ASN HD22 H  N N 56  
ASN HXT  H  N N 57  
ASP N    N  N N 58  
ASP CA   C  N S 59  
ASP C    C  N N 60  
ASP O    O  N N 61  
ASP CB   C  N N 62  
ASP CG   C  N N 63  
ASP OD1  O  N N 64  
ASP OD2  O  N N 65  
ASP OXT  O  N N 66  
ASP H    H  N N 67  
ASP H2   H  N N 68  
ASP HA   H  N N 69  
ASP HB2  H  N N 70  
ASP HB3  H  N N 71  
ASP HD2  H  N N 72  
ASP HXT  H  N N 73  
GLN N    N  N N 74  
GLN CA   C  N S 75  
GLN C    C  N N 76  
GLN O    O  N N 77  
GLN CB   C  N N 78  
GLN CG   C  N N 79  
GLN CD   C  N N 80  
GLN OE1  O  N N 81  
GLN NE2  N  N N 82  
GLN OXT  O  N N 83  
GLN H    H  N N 84  
GLN H2   H  N N 85  
GLN HA   H  N N 86  
GLN HB2  H  N N 87  
GLN HB3  H  N N 88  
GLN HG2  H  N N 89  
GLN HG3  H  N N 90  
GLN HE21 H  N N 91  
GLN HE22 H  N N 92  
GLN HXT  H  N N 93  
GLU N    N  N N 94  
GLU CA   C  N S 95  
GLU C    C  N N 96  
GLU O    O  N N 97  
GLU CB   C  N N 98  
GLU CG   C  N N 99  
GLU CD   C  N N 100 
GLU OE1  O  N N 101 
GLU OE2  O  N N 102 
GLU OXT  O  N N 103 
GLU H    H  N N 104 
GLU H2   H  N N 105 
GLU HA   H  N N 106 
GLU HB2  H  N N 107 
GLU HB3  H  N N 108 
GLU HG2  H  N N 109 
GLU HG3  H  N N 110 
GLU HE2  H  N N 111 
GLU HXT  H  N N 112 
GLY N    N  N N 113 
GLY CA   C  N N 114 
GLY C    C  N N 115 
GLY O    O  N N 116 
GLY OXT  O  N N 117 
GLY H    H  N N 118 
GLY H2   H  N N 119 
GLY HA2  H  N N 120 
GLY HA3  H  N N 121 
GLY HXT  H  N N 122 
HEM CHA  C  N N 123 
HEM CHB  C  N N 124 
HEM CHC  C  N N 125 
HEM CHD  C  N N 126 
HEM C1A  C  Y N 127 
HEM C2A  C  Y N 128 
HEM C3A  C  Y N 129 
HEM C4A  C  Y N 130 
HEM CMA  C  N N 131 
HEM CAA  C  N N 132 
HEM CBA  C  N N 133 
HEM CGA  C  N N 134 
HEM O1A  O  N N 135 
HEM O2A  O  N N 136 
HEM C1B  C  N N 137 
HEM C2B  C  N N 138 
HEM C3B  C  N N 139 
HEM C4B  C  N N 140 
HEM CMB  C  N N 141 
HEM CAB  C  N N 142 
HEM CBB  C  N N 143 
HEM C1C  C  Y N 144 
HEM C2C  C  Y N 145 
HEM C3C  C  Y N 146 
HEM C4C  C  Y N 147 
HEM CMC  C  N N 148 
HEM CAC  C  N N 149 
HEM CBC  C  N N 150 
HEM C1D  C  N N 151 
HEM C2D  C  N N 152 
HEM C3D  C  N N 153 
HEM C4D  C  N N 154 
HEM CMD  C  N N 155 
HEM CAD  C  N N 156 
HEM CBD  C  N N 157 
HEM CGD  C  N N 158 
HEM O1D  O  N N 159 
HEM O2D  O  N N 160 
HEM NA   N  Y N 161 
HEM NB   N  N N 162 
HEM NC   N  Y N 163 
HEM ND   N  N N 164 
HEM FE   FE N N 165 
HEM HHB  H  N N 166 
HEM HHC  H  N N 167 
HEM HHD  H  N N 168 
HEM HMA  H  N N 169 
HEM HMAA H  N N 170 
HEM HMAB H  N N 171 
HEM HAA  H  N N 172 
HEM HAAA H  N N 173 
HEM HBA  H  N N 174 
HEM HBAA H  N N 175 
HEM HMB  H  N N 176 
HEM HMBA H  N N 177 
HEM HMBB H  N N 178 
HEM HAB  H  N N 179 
HEM HBB  H  N N 180 
HEM HBBA H  N N 181 
HEM HMC  H  N N 182 
HEM HMCA H  N N 183 
HEM HMCB H  N N 184 
HEM HAC  H  N N 185 
HEM HBC  H  N N 186 
HEM HBCA H  N N 187 
HEM HMD  H  N N 188 
HEM HMDA H  N N 189 
HEM HMDB H  N N 190 
HEM HAD  H  N N 191 
HEM HADA H  N N 192 
HEM HBD  H  N N 193 
HEM HBDA H  N N 194 
HEM H2A  H  N N 195 
HEM H2D  H  N N 196 
HEM HHA  H  N N 197 
HIS N    N  N N 198 
HIS CA   C  N S 199 
HIS C    C  N N 200 
HIS O    O  N N 201 
HIS CB   C  N N 202 
HIS CG   C  Y N 203 
HIS ND1  N  Y N 204 
HIS CD2  C  Y N 205 
HIS CE1  C  Y N 206 
HIS NE2  N  Y N 207 
HIS OXT  O  N N 208 
HIS H    H  N N 209 
HIS H2   H  N N 210 
HIS HA   H  N N 211 
HIS HB2  H  N N 212 
HIS HB3  H  N N 213 
HIS HD1  H  N N 214 
HIS HD2  H  N N 215 
HIS HE1  H  N N 216 
HIS HE2  H  N N 217 
HIS HXT  H  N N 218 
HOH O    O  N N 219 
HOH H1   H  N N 220 
HOH H2   H  N N 221 
ILE N    N  N N 222 
ILE CA   C  N S 223 
ILE C    C  N N 224 
ILE O    O  N N 225 
ILE CB   C  N S 226 
ILE CG1  C  N N 227 
ILE CG2  C  N N 228 
ILE CD1  C  N N 229 
ILE OXT  O  N N 230 
ILE H    H  N N 231 
ILE H2   H  N N 232 
ILE HA   H  N N 233 
ILE HB   H  N N 234 
ILE HG12 H  N N 235 
ILE HG13 H  N N 236 
ILE HG21 H  N N 237 
ILE HG22 H  N N 238 
ILE HG23 H  N N 239 
ILE HD11 H  N N 240 
ILE HD12 H  N N 241 
ILE HD13 H  N N 242 
ILE HXT  H  N N 243 
JZ3 CAA  C  N N 244 
JZ3 OAG  O  N N 245 
JZ3 CAI  C  Y N 246 
JZ3 CAF  C  Y N 247 
JZ3 CAD  C  Y N 248 
JZ3 CAC  C  Y N 249 
JZ3 CAE  C  Y N 250 
JZ3 CAH  C  Y N 251 
JZ3 OAB  O  N N 252 
JZ3 HAA  H  N N 253 
JZ3 HAAA H  N N 254 
JZ3 HAAB H  N N 255 
JZ3 HAF  H  N N 256 
JZ3 HAD  H  N N 257 
JZ3 HAC  H  N N 258 
JZ3 HAE  H  N N 259 
JZ3 HOAB H  N N 260 
LEU N    N  N N 261 
LEU CA   C  N S 262 
LEU C    C  N N 263 
LEU O    O  N N 264 
LEU CB   C  N N 265 
LEU CG   C  N N 266 
LEU CD1  C  N N 267 
LEU CD2  C  N N 268 
LEU OXT  O  N N 269 
LEU H    H  N N 270 
LEU H2   H  N N 271 
LEU HA   H  N N 272 
LEU HB2  H  N N 273 
LEU HB3  H  N N 274 
LEU HG   H  N N 275 
LEU HD11 H  N N 276 
LEU HD12 H  N N 277 
LEU HD13 H  N N 278 
LEU HD21 H  N N 279 
LEU HD22 H  N N 280 
LEU HD23 H  N N 281 
LEU HXT  H  N N 282 
LYS N    N  N N 283 
LYS CA   C  N S 284 
LYS C    C  N N 285 
LYS O    O  N N 286 
LYS CB   C  N N 287 
LYS CG   C  N N 288 
LYS CD   C  N N 289 
LYS CE   C  N N 290 
LYS NZ   N  N N 291 
LYS OXT  O  N N 292 
LYS H    H  N N 293 
LYS H2   H  N N 294 
LYS HA   H  N N 295 
LYS HB2  H  N N 296 
LYS HB3  H  N N 297 
LYS HG2  H  N N 298 
LYS HG3  H  N N 299 
LYS HD2  H  N N 300 
LYS HD3  H  N N 301 
LYS HE2  H  N N 302 
LYS HE3  H  N N 303 
LYS HZ1  H  N N 304 
LYS HZ2  H  N N 305 
LYS HZ3  H  N N 306 
LYS HXT  H  N N 307 
MET N    N  N N 308 
MET CA   C  N S 309 
MET C    C  N N 310 
MET O    O  N N 311 
MET CB   C  N N 312 
MET CG   C  N N 313 
MET SD   S  N N 314 
MET CE   C  N N 315 
MET OXT  O  N N 316 
MET H    H  N N 317 
MET H2   H  N N 318 
MET HA   H  N N 319 
MET HB2  H  N N 320 
MET HB3  H  N N 321 
MET HG2  H  N N 322 
MET HG3  H  N N 323 
MET HE1  H  N N 324 
MET HE2  H  N N 325 
MET HE3  H  N N 326 
MET HXT  H  N N 327 
PHE N    N  N N 328 
PHE CA   C  N S 329 
PHE C    C  N N 330 
PHE O    O  N N 331 
PHE CB   C  N N 332 
PHE CG   C  Y N 333 
PHE CD1  C  Y N 334 
PHE CD2  C  Y N 335 
PHE CE1  C  Y N 336 
PHE CE2  C  Y N 337 
PHE CZ   C  Y N 338 
PHE OXT  O  N N 339 
PHE H    H  N N 340 
PHE H2   H  N N 341 
PHE HA   H  N N 342 
PHE HB2  H  N N 343 
PHE HB3  H  N N 344 
PHE HD1  H  N N 345 
PHE HD2  H  N N 346 
PHE HE1  H  N N 347 
PHE HE2  H  N N 348 
PHE HZ   H  N N 349 
PHE HXT  H  N N 350 
PRO N    N  N N 351 
PRO CA   C  N S 352 
PRO C    C  N N 353 
PRO O    O  N N 354 
PRO CB   C  N N 355 
PRO CG   C  N N 356 
PRO CD   C  N N 357 
PRO OXT  O  N N 358 
PRO H    H  N N 359 
PRO HA   H  N N 360 
PRO HB2  H  N N 361 
PRO HB3  H  N N 362 
PRO HG2  H  N N 363 
PRO HG3  H  N N 364 
PRO HD2  H  N N 365 
PRO HD3  H  N N 366 
PRO HXT  H  N N 367 
SER N    N  N N 368 
SER CA   C  N S 369 
SER C    C  N N 370 
SER O    O  N N 371 
SER CB   C  N N 372 
SER OG   O  N N 373 
SER OXT  O  N N 374 
SER H    H  N N 375 
SER H2   H  N N 376 
SER HA   H  N N 377 
SER HB2  H  N N 378 
SER HB3  H  N N 379 
SER HG   H  N N 380 
SER HXT  H  N N 381 
THR N    N  N N 382 
THR CA   C  N S 383 
THR C    C  N N 384 
THR O    O  N N 385 
THR CB   C  N R 386 
THR OG1  O  N N 387 
THR CG2  C  N N 388 
THR OXT  O  N N 389 
THR H    H  N N 390 
THR H2   H  N N 391 
THR HA   H  N N 392 
THR HB   H  N N 393 
THR HG1  H  N N 394 
THR HG21 H  N N 395 
THR HG22 H  N N 396 
THR HG23 H  N N 397 
THR HXT  H  N N 398 
TRP N    N  N N 399 
TRP CA   C  N S 400 
TRP C    C  N N 401 
TRP O    O  N N 402 
TRP CB   C  N N 403 
TRP CG   C  Y N 404 
TRP CD1  C  Y N 405 
TRP CD2  C  Y N 406 
TRP NE1  N  Y N 407 
TRP CE2  C  Y N 408 
TRP CE3  C  Y N 409 
TRP CZ2  C  Y N 410 
TRP CZ3  C  Y N 411 
TRP CH2  C  Y N 412 
TRP OXT  O  N N 413 
TRP H    H  N N 414 
TRP H2   H  N N 415 
TRP HA   H  N N 416 
TRP HB2  H  N N 417 
TRP HB3  H  N N 418 
TRP HD1  H  N N 419 
TRP HE1  H  N N 420 
TRP HE3  H  N N 421 
TRP HZ2  H  N N 422 
TRP HZ3  H  N N 423 
TRP HH2  H  N N 424 
TRP HXT  H  N N 425 
TYR N    N  N N 426 
TYR CA   C  N S 427 
TYR C    C  N N 428 
TYR O    O  N N 429 
TYR CB   C  N N 430 
TYR CG   C  Y N 431 
TYR CD1  C  Y N 432 
TYR CD2  C  Y N 433 
TYR CE1  C  Y N 434 
TYR CE2  C  Y N 435 
TYR CZ   C  Y N 436 
TYR OH   O  N N 437 
TYR OXT  O  N N 438 
TYR H    H  N N 439 
TYR H2   H  N N 440 
TYR HA   H  N N 441 
TYR HB2  H  N N 442 
TYR HB3  H  N N 443 
TYR HD1  H  N N 444 
TYR HD2  H  N N 445 
TYR HE1  H  N N 446 
TYR HE2  H  N N 447 
TYR HH   H  N N 448 
TYR HXT  H  N N 449 
VAL N    N  N N 450 
VAL CA   C  N S 451 
VAL C    C  N N 452 
VAL O    O  N N 453 
VAL CB   C  N N 454 
VAL CG1  C  N N 455 
VAL CG2  C  N N 456 
VAL OXT  O  N N 457 
VAL H    H  N N 458 
VAL H2   H  N N 459 
VAL HA   H  N N 460 
VAL HB   H  N N 461 
VAL HG11 H  N N 462 
VAL HG12 H  N N 463 
VAL HG13 H  N N 464 
VAL HG21 H  N N 465 
VAL HG22 H  N N 466 
VAL HG23 H  N N 467 
VAL HXT  H  N N 468 
# 
loop_
_chem_comp_bond.comp_id 
_chem_comp_bond.atom_id_1 
_chem_comp_bond.atom_id_2 
_chem_comp_bond.value_order 
_chem_comp_bond.pdbx_aromatic_flag 
_chem_comp_bond.pdbx_stereo_config 
_chem_comp_bond.pdbx_ordinal 
ALA N   CA   sing N N 1   
ALA N   H    sing N N 2   
ALA N   H2   sing N N 3   
ALA CA  C    sing N N 4   
ALA CA  CB   sing N N 5   
ALA CA  HA   sing N N 6   
ALA C   O    doub N N 7   
ALA C   OXT  sing N N 8   
ALA CB  HB1  sing N N 9   
ALA CB  HB2  sing N N 10  
ALA CB  HB3  sing N N 11  
ALA OXT HXT  sing N N 12  
ARG N   CA   sing N N 13  
ARG N   H    sing N N 14  
ARG N   H2   sing N N 15  
ARG CA  C    sing N N 16  
ARG CA  CB   sing N N 17  
ARG CA  HA   sing N N 18  
ARG C   O    doub N N 19  
ARG C   OXT  sing N N 20  
ARG CB  CG   sing N N 21  
ARG CB  HB2  sing N N 22  
ARG CB  HB3  sing N N 23  
ARG CG  CD   sing N N 24  
ARG CG  HG2  sing N N 25  
ARG CG  HG3  sing N N 26  
ARG CD  NE   sing N N 27  
ARG CD  HD2  sing N N 28  
ARG CD  HD3  sing N N 29  
ARG NE  CZ   sing N N 30  
ARG NE  HE   sing N N 31  
ARG CZ  NH1  sing N N 32  
ARG CZ  NH2  doub N N 33  
ARG NH1 HH11 sing N N 34  
ARG NH1 HH12 sing N N 35  
ARG NH2 HH21 sing N N 36  
ARG NH2 HH22 sing N N 37  
ARG OXT HXT  sing N N 38  
ASN N   CA   sing N N 39  
ASN N   H    sing N N 40  
ASN N   H2   sing N N 41  
ASN CA  C    sing N N 42  
ASN CA  CB   sing N N 43  
ASN CA  HA   sing N N 44  
ASN C   O    doub N N 45  
ASN C   OXT  sing N N 46  
ASN CB  CG   sing N N 47  
ASN CB  HB2  sing N N 48  
ASN CB  HB3  sing N N 49  
ASN CG  OD1  doub N N 50  
ASN CG  ND2  sing N N 51  
ASN ND2 HD21 sing N N 52  
ASN ND2 HD22 sing N N 53  
ASN OXT HXT  sing N N 54  
ASP N   CA   sing N N 55  
ASP N   H    sing N N 56  
ASP N   H2   sing N N 57  
ASP CA  C    sing N N 58  
ASP CA  CB   sing N N 59  
ASP CA  HA   sing N N 60  
ASP C   O    doub N N 61  
ASP C   OXT  sing N N 62  
ASP CB  CG   sing N N 63  
ASP CB  HB2  sing N N 64  
ASP CB  HB3  sing N N 65  
ASP CG  OD1  doub N N 66  
ASP CG  OD2  sing N N 67  
ASP OD2 HD2  sing N N 68  
ASP OXT HXT  sing N N 69  
GLN N   CA   sing N N 70  
GLN N   H    sing N N 71  
GLN N   H2   sing N N 72  
GLN CA  C    sing N N 73  
GLN CA  CB   sing N N 74  
GLN CA  HA   sing N N 75  
GLN C   O    doub N N 76  
GLN C   OXT  sing N N 77  
GLN CB  CG   sing N N 78  
GLN CB  HB2  sing N N 79  
GLN CB  HB3  sing N N 80  
GLN CG  CD   sing N N 81  
GLN CG  HG2  sing N N 82  
GLN CG  HG3  sing N N 83  
GLN CD  OE1  doub N N 84  
GLN CD  NE2  sing N N 85  
GLN NE2 HE21 sing N N 86  
GLN NE2 HE22 sing N N 87  
GLN OXT HXT  sing N N 88  
GLU N   CA   sing N N 89  
GLU N   H    sing N N 90  
GLU N   H2   sing N N 91  
GLU CA  C    sing N N 92  
GLU CA  CB   sing N N 93  
GLU CA  HA   sing N N 94  
GLU C   O    doub N N 95  
GLU C   OXT  sing N N 96  
GLU CB  CG   sing N N 97  
GLU CB  HB2  sing N N 98  
GLU CB  HB3  sing N N 99  
GLU CG  CD   sing N N 100 
GLU CG  HG2  sing N N 101 
GLU CG  HG3  sing N N 102 
GLU CD  OE1  doub N N 103 
GLU CD  OE2  sing N N 104 
GLU OE2 HE2  sing N N 105 
GLU OXT HXT  sing N N 106 
GLY N   CA   sing N N 107 
GLY N   H    sing N N 108 
GLY N   H2   sing N N 109 
GLY CA  C    sing N N 110 
GLY CA  HA2  sing N N 111 
GLY CA  HA3  sing N N 112 
GLY C   O    doub N N 113 
GLY C   OXT  sing N N 114 
GLY OXT HXT  sing N N 115 
HEM CHA C1A  sing N N 116 
HEM CHA C4D  doub N N 117 
HEM CHA HHA  sing N N 118 
HEM CHB C4A  sing N N 119 
HEM CHB C1B  doub N N 120 
HEM CHB HHB  sing N N 121 
HEM CHC C4B  sing N N 122 
HEM CHC C1C  doub N N 123 
HEM CHC HHC  sing N N 124 
HEM CHD C4C  doub N N 125 
HEM CHD C1D  sing N N 126 
HEM CHD HHD  sing N N 127 
HEM C1A C2A  doub Y N 128 
HEM C1A NA   sing Y N 129 
HEM C2A C3A  sing Y N 130 
HEM C2A CAA  sing N N 131 
HEM C3A C4A  doub Y N 132 
HEM C3A CMA  sing N N 133 
HEM C4A NA   sing Y N 134 
HEM CMA HMA  sing N N 135 
HEM CMA HMAA sing N N 136 
HEM CMA HMAB sing N N 137 
HEM CAA CBA  sing N N 138 
HEM CAA HAA  sing N N 139 
HEM CAA HAAA sing N N 140 
HEM CBA CGA  sing N N 141 
HEM CBA HBA  sing N N 142 
HEM CBA HBAA sing N N 143 
HEM CGA O1A  doub N N 144 
HEM CGA O2A  sing N N 145 
HEM C1B C2B  sing N N 146 
HEM C1B NB   sing N N 147 
HEM C2B C3B  doub N N 148 
HEM C2B CMB  sing N N 149 
HEM C3B C4B  sing N N 150 
HEM C3B CAB  sing N N 151 
HEM C4B NB   doub N N 152 
HEM CMB HMB  sing N N 153 
HEM CMB HMBA sing N N 154 
HEM CMB HMBB sing N N 155 
HEM CAB CBB  doub N N 156 
HEM CAB HAB  sing N N 157 
HEM CBB HBB  sing N N 158 
HEM CBB HBBA sing N N 159 
HEM C1C C2C  sing Y N 160 
HEM C1C NC   sing Y N 161 
HEM C2C C3C  doub Y N 162 
HEM C2C CMC  sing N N 163 
HEM C3C C4C  sing Y N 164 
HEM C3C CAC  sing N N 165 
HEM C4C NC   sing Y N 166 
HEM CMC HMC  sing N N 167 
HEM CMC HMCA sing N N 168 
HEM CMC HMCB sing N N 169 
HEM CAC CBC  doub N N 170 
HEM CAC HAC  sing N N 171 
HEM CBC HBC  sing N N 172 
HEM CBC HBCA sing N N 173 
HEM C1D C2D  sing N N 174 
HEM C1D ND   doub N N 175 
HEM C2D C3D  doub N N 176 
HEM C2D CMD  sing N N 177 
HEM C3D C4D  sing N N 178 
HEM C3D CAD  sing N N 179 
HEM C4D ND   sing N N 180 
HEM CMD HMD  sing N N 181 
HEM CMD HMDA sing N N 182 
HEM CMD HMDB sing N N 183 
HEM CAD CBD  sing N N 184 
HEM CAD HAD  sing N N 185 
HEM CAD HADA sing N N 186 
HEM CBD CGD  sing N N 187 
HEM CBD HBD  sing N N 188 
HEM CBD HBDA sing N N 189 
HEM CGD O1D  doub N N 190 
HEM CGD O2D  sing N N 191 
HEM O2A H2A  sing N N 192 
HEM O2D H2D  sing N N 193 
HEM FE  NA   sing N N 194 
HEM FE  NB   sing N N 195 
HEM FE  NC   sing N N 196 
HEM FE  ND   sing N N 197 
HIS N   CA   sing N N 198 
HIS N   H    sing N N 199 
HIS N   H2   sing N N 200 
HIS CA  C    sing N N 201 
HIS CA  CB   sing N N 202 
HIS CA  HA   sing N N 203 
HIS C   O    doub N N 204 
HIS C   OXT  sing N N 205 
HIS CB  CG   sing N N 206 
HIS CB  HB2  sing N N 207 
HIS CB  HB3  sing N N 208 
HIS CG  ND1  sing Y N 209 
HIS CG  CD2  doub Y N 210 
HIS ND1 CE1  doub Y N 211 
HIS ND1 HD1  sing N N 212 
HIS CD2 NE2  sing Y N 213 
HIS CD2 HD2  sing N N 214 
HIS CE1 NE2  sing Y N 215 
HIS CE1 HE1  sing N N 216 
HIS NE2 HE2  sing N N 217 
HIS OXT HXT  sing N N 218 
HOH O   H1   sing N N 219 
HOH O   H2   sing N N 220 
ILE N   CA   sing N N 221 
ILE N   H    sing N N 222 
ILE N   H2   sing N N 223 
ILE CA  C    sing N N 224 
ILE CA  CB   sing N N 225 
ILE CA  HA   sing N N 226 
ILE C   O    doub N N 227 
ILE C   OXT  sing N N 228 
ILE CB  CG1  sing N N 229 
ILE CB  CG2  sing N N 230 
ILE CB  HB   sing N N 231 
ILE CG1 CD1  sing N N 232 
ILE CG1 HG12 sing N N 233 
ILE CG1 HG13 sing N N 234 
ILE CG2 HG21 sing N N 235 
ILE CG2 HG22 sing N N 236 
ILE CG2 HG23 sing N N 237 
ILE CD1 HD11 sing N N 238 
ILE CD1 HD12 sing N N 239 
ILE CD1 HD13 sing N N 240 
ILE OXT HXT  sing N N 241 
JZ3 CAA OAG  sing N N 242 
JZ3 OAG CAI  sing N N 243 
JZ3 CAI CAF  doub Y N 244 
JZ3 CAI CAH  sing Y N 245 
JZ3 CAF CAD  sing Y N 246 
JZ3 CAD CAC  doub Y N 247 
JZ3 CAC CAE  sing Y N 248 
JZ3 CAE CAH  doub Y N 249 
JZ3 CAH OAB  sing N N 250 
JZ3 CAA HAA  sing N N 251 
JZ3 CAA HAAA sing N N 252 
JZ3 CAA HAAB sing N N 253 
JZ3 CAF HAF  sing N N 254 
JZ3 CAD HAD  sing N N 255 
JZ3 CAC HAC  sing N N 256 
JZ3 CAE HAE  sing N N 257 
JZ3 OAB HOAB sing N N 258 
LEU N   CA   sing N N 259 
LEU N   H    sing N N 260 
LEU N   H2   sing N N 261 
LEU CA  C    sing N N 262 
LEU CA  CB   sing N N 263 
LEU CA  HA   sing N N 264 
LEU C   O    doub N N 265 
LEU C   OXT  sing N N 266 
LEU CB  CG   sing N N 267 
LEU CB  HB2  sing N N 268 
LEU CB  HB3  sing N N 269 
LEU CG  CD1  sing N N 270 
LEU CG  CD2  sing N N 271 
LEU CG  HG   sing N N 272 
LEU CD1 HD11 sing N N 273 
LEU CD1 HD12 sing N N 274 
LEU CD1 HD13 sing N N 275 
LEU CD2 HD21 sing N N 276 
LEU CD2 HD22 sing N N 277 
LEU CD2 HD23 sing N N 278 
LEU OXT HXT  sing N N 279 
LYS N   CA   sing N N 280 
LYS N   H    sing N N 281 
LYS N   H2   sing N N 282 
LYS CA  C    sing N N 283 
LYS CA  CB   sing N N 284 
LYS CA  HA   sing N N 285 
LYS C   O    doub N N 286 
LYS C   OXT  sing N N 287 
LYS CB  CG   sing N N 288 
LYS CB  HB2  sing N N 289 
LYS CB  HB3  sing N N 290 
LYS CG  CD   sing N N 291 
LYS CG  HG2  sing N N 292 
LYS CG  HG3  sing N N 293 
LYS CD  CE   sing N N 294 
LYS CD  HD2  sing N N 295 
LYS CD  HD3  sing N N 296 
LYS CE  NZ   sing N N 297 
LYS CE  HE2  sing N N 298 
LYS CE  HE3  sing N N 299 
LYS NZ  HZ1  sing N N 300 
LYS NZ  HZ2  sing N N 301 
LYS NZ  HZ3  sing N N 302 
LYS OXT HXT  sing N N 303 
MET N   CA   sing N N 304 
MET N   H    sing N N 305 
MET N   H2   sing N N 306 
MET CA  C    sing N N 307 
MET CA  CB   sing N N 308 
MET CA  HA   sing N N 309 
MET C   O    doub N N 310 
MET C   OXT  sing N N 311 
MET CB  CG   sing N N 312 
MET CB  HB2  sing N N 313 
MET CB  HB3  sing N N 314 
MET CG  SD   sing N N 315 
MET CG  HG2  sing N N 316 
MET CG  HG3  sing N N 317 
MET SD  CE   sing N N 318 
MET CE  HE1  sing N N 319 
MET CE  HE2  sing N N 320 
MET CE  HE3  sing N N 321 
MET OXT HXT  sing N N 322 
PHE N   CA   sing N N 323 
PHE N   H    sing N N 324 
PHE N   H2   sing N N 325 
PHE CA  C    sing N N 326 
PHE CA  CB   sing N N 327 
PHE CA  HA   sing N N 328 
PHE C   O    doub N N 329 
PHE C   OXT  sing N N 330 
PHE CB  CG   sing N N 331 
PHE CB  HB2  sing N N 332 
PHE CB  HB3  sing N N 333 
PHE CG  CD1  doub Y N 334 
PHE CG  CD2  sing Y N 335 
PHE CD1 CE1  sing Y N 336 
PHE CD1 HD1  sing N N 337 
PHE CD2 CE2  doub Y N 338 
PHE CD2 HD2  sing N N 339 
PHE CE1 CZ   doub Y N 340 
PHE CE1 HE1  sing N N 341 
PHE CE2 CZ   sing Y N 342 
PHE CE2 HE2  sing N N 343 
PHE CZ  HZ   sing N N 344 
PHE OXT HXT  sing N N 345 
PRO N   CA   sing N N 346 
PRO N   CD   sing N N 347 
PRO N   H    sing N N 348 
PRO CA  C    sing N N 349 
PRO CA  CB   sing N N 350 
PRO CA  HA   sing N N 351 
PRO C   O    doub N N 352 
PRO C   OXT  sing N N 353 
PRO CB  CG   sing N N 354 
PRO CB  HB2  sing N N 355 
PRO CB  HB3  sing N N 356 
PRO CG  CD   sing N N 357 
PRO CG  HG2  sing N N 358 
PRO CG  HG3  sing N N 359 
PRO CD  HD2  sing N N 360 
PRO CD  HD3  sing N N 361 
PRO OXT HXT  sing N N 362 
SER N   CA   sing N N 363 
SER N   H    sing N N 364 
SER N   H2   sing N N 365 
SER CA  C    sing N N 366 
SER CA  CB   sing N N 367 
SER CA  HA   sing N N 368 
SER C   O    doub N N 369 
SER C   OXT  sing N N 370 
SER CB  OG   sing N N 371 
SER CB  HB2  sing N N 372 
SER CB  HB3  sing N N 373 
SER OG  HG   sing N N 374 
SER OXT HXT  sing N N 375 
THR N   CA   sing N N 376 
THR N   H    sing N N 377 
THR N   H2   sing N N 378 
THR CA  C    sing N N 379 
THR CA  CB   sing N N 380 
THR CA  HA   sing N N 381 
THR C   O    doub N N 382 
THR C   OXT  sing N N 383 
THR CB  OG1  sing N N 384 
THR CB  CG2  sing N N 385 
THR CB  HB   sing N N 386 
THR OG1 HG1  sing N N 387 
THR CG2 HG21 sing N N 388 
THR CG2 HG22 sing N N 389 
THR CG2 HG23 sing N N 390 
THR OXT HXT  sing N N 391 
TRP N   CA   sing N N 392 
TRP N   H    sing N N 393 
TRP N   H2   sing N N 394 
TRP CA  C    sing N N 395 
TRP CA  CB   sing N N 396 
TRP CA  HA   sing N N 397 
TRP C   O    doub N N 398 
TRP C   OXT  sing N N 399 
TRP CB  CG   sing N N 400 
TRP CB  HB2  sing N N 401 
TRP CB  HB3  sing N N 402 
TRP CG  CD1  doub Y N 403 
TRP CG  CD2  sing Y N 404 
TRP CD1 NE1  sing Y N 405 
TRP CD1 HD1  sing N N 406 
TRP CD2 CE2  doub Y N 407 
TRP CD2 CE3  sing Y N 408 
TRP NE1 CE2  sing Y N 409 
TRP NE1 HE1  sing N N 410 
TRP CE2 CZ2  sing Y N 411 
TRP CE3 CZ3  doub Y N 412 
TRP CE3 HE3  sing N N 413 
TRP CZ2 CH2  doub Y N 414 
TRP CZ2 HZ2  sing N N 415 
TRP CZ3 CH2  sing Y N 416 
TRP CZ3 HZ3  sing N N 417 
TRP CH2 HH2  sing N N 418 
TRP OXT HXT  sing N N 419 
TYR N   CA   sing N N 420 
TYR N   H    sing N N 421 
TYR N   H2   sing N N 422 
TYR CA  C    sing N N 423 
TYR CA  CB   sing N N 424 
TYR CA  HA   sing N N 425 
TYR C   O    doub N N 426 
TYR C   OXT  sing N N 427 
TYR CB  CG   sing N N 428 
TYR CB  HB2  sing N N 429 
TYR CB  HB3  sing N N 430 
TYR CG  CD1  doub Y N 431 
TYR CG  CD2  sing Y N 432 
TYR CD1 CE1  sing Y N 433 
TYR CD1 HD1  sing N N 434 
TYR CD2 CE2  doub Y N 435 
TYR CD2 HD2  sing N N 436 
TYR CE1 CZ   doub Y N 437 
TYR CE1 HE1  sing N N 438 
TYR CE2 CZ   sing Y N 439 
TYR CE2 HE2  sing N N 440 
TYR CZ  OH   sing N N 441 
TYR OH  HH   sing N N 442 
TYR OXT HXT  sing N N 443 
VAL N   CA   sing N N 444 
VAL N   H    sing N N 445 
VAL N   H2   sing N N 446 
VAL CA  C    sing N N 447 
VAL CA  CB   sing N N 448 
VAL CA  HA   sing N N 449 
VAL C   O    doub N N 450 
VAL C   OXT  sing N N 451 
VAL CB  CG1  sing N N 452 
VAL CB  CG2  sing N N 453 
VAL CB  HB   sing N N 454 
VAL CG1 HG11 sing N N 455 
VAL CG1 HG12 sing N N 456 
VAL CG1 HG13 sing N N 457 
VAL CG2 HG21 sing N N 458 
VAL CG2 HG22 sing N N 459 
VAL CG2 HG23 sing N N 460 
VAL OXT HXT  sing N N 461 
# 
_pdbx_entity_instance_feature.ordinal        1 
_pdbx_entity_instance_feature.comp_id        JZ3 
_pdbx_entity_instance_feature.asym_id        ? 
_pdbx_entity_instance_feature.seq_num        ? 
_pdbx_entity_instance_feature.auth_comp_id   JZ3 
_pdbx_entity_instance_feature.auth_asym_id   ? 
_pdbx_entity_instance_feature.auth_seq_num   ? 
_pdbx_entity_instance_feature.feature_type   'SUBJECT OF INVESTIGATION' 
_pdbx_entity_instance_feature.details        ? 
# 
loop_
_pdbx_entity_nonpoly.entity_id 
_pdbx_entity_nonpoly.name 
_pdbx_entity_nonpoly.comp_id 
2 'PROTOPORPHYRIN IX CONTAINING FE' HEM 
3 Guaiacol                          JZ3 
4 water                             HOH 
# 
_pdbx_initial_refinement_model.id               1 
_pdbx_initial_refinement_model.entity_id_list   ? 
_pdbx_initial_refinement_model.type             'experimental model' 
_pdbx_initial_refinement_model.source_name      PDB 
_pdbx_initial_refinement_model.accession_code   5IKS 
_pdbx_initial_refinement_model.details          ? 
# 
_pdbx_struct_assembly_auth_evidence.id                     1 
_pdbx_struct_assembly_auth_evidence.assembly_id            1 
_pdbx_struct_assembly_auth_evidence.experimental_support   'gel filtration' 
_pdbx_struct_assembly_auth_evidence.details                ? 
# 
_space_group.name_H-M_alt     'P 21 21 21' 
_space_group.name_Hall        'P 2ac 2ab' 
_space_group.IT_number        19 
_space_group.crystal_system   orthorhombic 
_space_group.id               1 
# 
